data_2C5I
# 
_entry.id   2C5I 
# 
_audit_conform.dict_name       mmcif_pdbx.dic 
_audit_conform.dict_version    5.397 
_audit_conform.dict_location   http://mmcif.pdb.org/dictionaries/ascii/mmcif_pdbx.dic 
# 
loop_
_database_2.database_id 
_database_2.database_code 
_database_2.pdbx_database_accession 
_database_2.pdbx_DOI 
PDB   2C5I         pdb_00002c5i 10.2210/pdb2c5i/pdb 
PDBE  EBI-26191    ?            ?                   
WWPDB D_1290026191 ?            ?                   
# 
loop_
_pdbx_audit_revision_history.ordinal 
_pdbx_audit_revision_history.data_content_type 
_pdbx_audit_revision_history.major_revision 
_pdbx_audit_revision_history.minor_revision 
_pdbx_audit_revision_history.revision_date 
1 'Structure model' 1 0 2006-01-25 
2 'Structure model' 1 1 2011-05-08 
3 'Structure model' 1 2 2011-07-13 
4 'Structure model' 1 3 2024-10-16 
# 
_pdbx_audit_revision_details.ordinal             1 
_pdbx_audit_revision_details.revision_ordinal    1 
_pdbx_audit_revision_details.data_content_type   'Structure model' 
_pdbx_audit_revision_details.provider            repository 
_pdbx_audit_revision_details.type                'Initial release' 
_pdbx_audit_revision_details.description         ? 
_pdbx_audit_revision_details.details             ? 
# 
loop_
_pdbx_audit_revision_group.ordinal 
_pdbx_audit_revision_group.revision_ordinal 
_pdbx_audit_revision_group.data_content_type 
_pdbx_audit_revision_group.group 
1 2 'Structure model' 'Version format compliance' 
2 3 'Structure model' 'Version format compliance' 
3 4 'Structure model' 'Data collection'           
4 4 'Structure model' 'Database references'       
5 4 'Structure model' 'Derived calculations'      
6 4 'Structure model' Other                       
7 4 'Structure model' 'Structure summary'         
# 
loop_
_pdbx_audit_revision_category.ordinal 
_pdbx_audit_revision_category.revision_ordinal 
_pdbx_audit_revision_category.data_content_type 
_pdbx_audit_revision_category.category 
1 4 'Structure model' chem_comp_atom            
2 4 'Structure model' chem_comp_bond            
3 4 'Structure model' database_2                
4 4 'Structure model' pdbx_database_status      
5 4 'Structure model' pdbx_entry_details        
6 4 'Structure model' pdbx_modification_feature 
7 4 'Structure model' struct_conn               
# 
loop_
_pdbx_audit_revision_item.ordinal 
_pdbx_audit_revision_item.revision_ordinal 
_pdbx_audit_revision_item.data_content_type 
_pdbx_audit_revision_item.item 
1 4 'Structure model' '_database_2.pdbx_DOI'                 
2 4 'Structure model' '_database_2.pdbx_database_accession'  
3 4 'Structure model' '_pdbx_database_status.status_code_sf' 
4 4 'Structure model' '_struct_conn.pdbx_leaving_atom_flag'  
# 
_pdbx_database_status.status_code                     REL 
_pdbx_database_status.entry_id                        2C5I 
_pdbx_database_status.deposit_site                    PDBE 
_pdbx_database_status.process_site                    PDBE 
_pdbx_database_status.SG_entry                        . 
_pdbx_database_status.recvd_initial_deposition_date   2005-10-27 
_pdbx_database_status.pdb_format_compatible           Y 
_pdbx_database_status.status_code_sf                  REL 
_pdbx_database_status.status_code_mr                  ? 
_pdbx_database_status.status_code_cs                  ? 
_pdbx_database_status.methods_development_category    ? 
_pdbx_database_status.status_code_nmr_data            ? 
# 
loop_
_pdbx_database_related.db_name 
_pdbx_database_related.db_id 
_pdbx_database_related.content_type 
_pdbx_database_related.details 
PDB 2C5J unspecified 'N-TERMINAL DOMAIN OF TLG1, DOMAIN-SWAPPED DIMER'               
PDB 2C5K unspecified 'N-TERMINAL DOMAIN OF TLG1 COMPLEXED WITH N -TERMINUS OF VPS51' 
# 
loop_
_audit_author.name 
_audit_author.pdbx_ordinal 
'Fridmann-Sirkis, Y.' 1 
'Kent, H.M.'          2 
'Lewis, M.J.'         3 
'Evans, P.R.'         4 
'Pelham, H.R.B.'      5 
# 
_citation.id                        primary 
_citation.title                     'Structural Analysis of the Interaction between the Snare Tlg1 and Vps51.' 
_citation.journal_abbrev            Traffic 
_citation.journal_volume            7 
_citation.page_first                182 
_citation.page_last                 ? 
_citation.year                      2006 
_citation.journal_id_ASTM           ? 
_citation.country                   DK 
_citation.journal_id_ISSN           1398-9219 
_citation.journal_id_CSD            ? 
_citation.book_publisher            ? 
_citation.pdbx_database_id_PubMed   16420526 
_citation.pdbx_database_id_DOI      10.1111/J.1600-0854.2005.00374.X 
# 
loop_
_citation_author.citation_id 
_citation_author.name 
_citation_author.ordinal 
_citation_author.identifier_ORCID 
primary 'Fridmann-Sirkis, Y.' 1 ? 
primary 'Kent, H.M.'          2 ? 
primary 'Lewis, M.J.'         3 ? 
primary 'Evans, P.R.'         4 ? 
primary 'Pelham, H.R.B.'      5 ? 
# 
loop_
_entity.id 
_entity.type 
_entity.src_method 
_entity.pdbx_description 
_entity.formula_weight 
_entity.pdbx_number_of_molecules 
_entity.pdbx_ec 
_entity.pdbx_mutation 
_entity.pdbx_fragment 
_entity.details 
1 polymer     syn 'VACUOLAR PROTEIN SORTING PROTEIN 51'                  3523.099  1  ? ? 'N-TERMINAL, RESIDUES 2-30'         ? 
2 polymer     man 'T-SNARE AFFECTING A LATE GOLGI COMPARTMENT PROTEIN 1' 12012.843 1  ? ? 'N-TERMINAL DOMAIN, RESIDUES 1-101' ? 
3 non-polymer syn 'SULFATE ION'                                          96.063    1  ? ? ?                                   ? 
4 water       nat water                                                  18.015    23 ? ? ?                                   ? 
# 
loop_
_entity_name_com.entity_id 
_entity_name_com.name 
1 'VPS51, APICAL BUD GROWTH PROTEIN 3' 
2 'SYNTAXIN TLG1'                      
# 
loop_
_entity_poly.entity_id 
_entity_poly.type 
_entity_poly.nstd_linkage 
_entity_poly.nstd_monomer 
_entity_poly.pdbx_seq_one_letter_code 
_entity_poly.pdbx_seq_one_letter_code_can 
_entity_poly.pdbx_strand_id 
_entity_poly.pdbx_target_identifier 
1 'polypeptide(L)' no no  AEQISHKKSLRVSSLNKDRRLLLREFYNL AEQISHKKSLRVSSLNKDRRLLLREFYNL P ? 
2 'polypeptide(L)' no yes 
;(MSE)NNSEDPFQQVVKDTKEQLNRINNYITRHNTAGDDDQEEEIQDILKDVEETIVDLDRSIIV(MSE)KRDENEDVSG
REAQVKNIKQQLDALKLRFDRRIQESTQT
;
;MNNSEDPFQQVVKDTKEQLNRINNYITRHNTAGDDDQEEEIQDILKDVEETIVDLDRSIIVMKRDENEDVSGREAQVKNI
KQQLDALKLRFDRRIQESTQT
;
T ? 
# 
loop_
_pdbx_entity_nonpoly.entity_id 
_pdbx_entity_nonpoly.name 
_pdbx_entity_nonpoly.comp_id 
3 'SULFATE ION' SO4 
4 water         HOH 
# 
loop_
_entity_poly_seq.entity_id 
_entity_poly_seq.num 
_entity_poly_seq.mon_id 
_entity_poly_seq.hetero 
1 1   ALA n 
1 2   GLU n 
1 3   GLN n 
1 4   ILE n 
1 5   SER n 
1 6   HIS n 
1 7   LYS n 
1 8   LYS n 
1 9   SER n 
1 10  LEU n 
1 11  ARG n 
1 12  VAL n 
1 13  SER n 
1 14  SER n 
1 15  LEU n 
1 16  ASN n 
1 17  LYS n 
1 18  ASP n 
1 19  ARG n 
1 20  ARG n 
1 21  LEU n 
1 22  LEU n 
1 23  LEU n 
1 24  ARG n 
1 25  GLU n 
1 26  PHE n 
1 27  TYR n 
1 28  ASN n 
1 29  LEU n 
2 1   MSE n 
2 2   ASN n 
2 3   ASN n 
2 4   SER n 
2 5   GLU n 
2 6   ASP n 
2 7   PRO n 
2 8   PHE n 
2 9   GLN n 
2 10  GLN n 
2 11  VAL n 
2 12  VAL n 
2 13  LYS n 
2 14  ASP n 
2 15  THR n 
2 16  LYS n 
2 17  GLU n 
2 18  GLN n 
2 19  LEU n 
2 20  ASN n 
2 21  ARG n 
2 22  ILE n 
2 23  ASN n 
2 24  ASN n 
2 25  TYR n 
2 26  ILE n 
2 27  THR n 
2 28  ARG n 
2 29  HIS n 
2 30  ASN n 
2 31  THR n 
2 32  ALA n 
2 33  GLY n 
2 34  ASP n 
2 35  ASP n 
2 36  ASP n 
2 37  GLN n 
2 38  GLU n 
2 39  GLU n 
2 40  GLU n 
2 41  ILE n 
2 42  GLN n 
2 43  ASP n 
2 44  ILE n 
2 45  LEU n 
2 46  LYS n 
2 47  ASP n 
2 48  VAL n 
2 49  GLU n 
2 50  GLU n 
2 51  THR n 
2 52  ILE n 
2 53  VAL n 
2 54  ASP n 
2 55  LEU n 
2 56  ASP n 
2 57  ARG n 
2 58  SER n 
2 59  ILE n 
2 60  ILE n 
2 61  VAL n 
2 62  MSE n 
2 63  LYS n 
2 64  ARG n 
2 65  ASP n 
2 66  GLU n 
2 67  ASN n 
2 68  GLU n 
2 69  ASP n 
2 70  VAL n 
2 71  SER n 
2 72  GLY n 
2 73  ARG n 
2 74  GLU n 
2 75  ALA n 
2 76  GLN n 
2 77  VAL n 
2 78  LYS n 
2 79  ASN n 
2 80  ILE n 
2 81  LYS n 
2 82  GLN n 
2 83  GLN n 
2 84  LEU n 
2 85  ASP n 
2 86  ALA n 
2 87  LEU n 
2 88  LYS n 
2 89  LEU n 
2 90  ARG n 
2 91  PHE n 
2 92  ASP n 
2 93  ARG n 
2 94  ARG n 
2 95  ILE n 
2 96  GLN n 
2 97  GLU n 
2 98  SER n 
2 99  THR n 
2 100 GLN n 
2 101 THR n 
# 
_entity_src_gen.entity_id                          2 
_entity_src_gen.pdbx_src_id                        1 
_entity_src_gen.pdbx_alt_source_flag               sample 
_entity_src_gen.pdbx_seq_type                      ? 
_entity_src_gen.pdbx_beg_seq_num                   ? 
_entity_src_gen.pdbx_end_seq_num                   ? 
_entity_src_gen.gene_src_common_name               
;BAKER'S YEAST
;
_entity_src_gen.gene_src_genus                     ? 
_entity_src_gen.pdbx_gene_src_gene                 ? 
_entity_src_gen.gene_src_species                   ? 
_entity_src_gen.gene_src_strain                    ? 
_entity_src_gen.gene_src_tissue                    ? 
_entity_src_gen.gene_src_tissue_fraction           ? 
_entity_src_gen.gene_src_details                   ? 
_entity_src_gen.pdbx_gene_src_fragment             ? 
_entity_src_gen.pdbx_gene_src_scientific_name      'SACCHAROMYCES CEREVISIAE' 
_entity_src_gen.pdbx_gene_src_ncbi_taxonomy_id     4932 
_entity_src_gen.pdbx_gene_src_variant              ? 
_entity_src_gen.pdbx_gene_src_cell_line            ? 
_entity_src_gen.pdbx_gene_src_atcc                 ? 
_entity_src_gen.pdbx_gene_src_organ                ? 
_entity_src_gen.pdbx_gene_src_organelle            ? 
_entity_src_gen.pdbx_gene_src_cell                 ? 
_entity_src_gen.pdbx_gene_src_cellular_location    ? 
_entity_src_gen.host_org_common_name               ? 
_entity_src_gen.pdbx_host_org_scientific_name      'ESCHERICHIA COLI' 
_entity_src_gen.pdbx_host_org_ncbi_taxonomy_id     511693 
_entity_src_gen.host_org_genus                     ? 
_entity_src_gen.pdbx_host_org_gene                 ? 
_entity_src_gen.pdbx_host_org_organ                ? 
_entity_src_gen.host_org_species                   ? 
_entity_src_gen.pdbx_host_org_tissue               ? 
_entity_src_gen.pdbx_host_org_tissue_fraction      ? 
_entity_src_gen.pdbx_host_org_strain               BL21 
_entity_src_gen.pdbx_host_org_variant              ? 
_entity_src_gen.pdbx_host_org_cell_line            ? 
_entity_src_gen.pdbx_host_org_atcc                 ? 
_entity_src_gen.pdbx_host_org_culture_collection   ? 
_entity_src_gen.pdbx_host_org_cell                 ? 
_entity_src_gen.pdbx_host_org_organelle            ? 
_entity_src_gen.pdbx_host_org_cellular_location    ? 
_entity_src_gen.pdbx_host_org_vector_type          ? 
_entity_src_gen.pdbx_host_org_vector               ? 
_entity_src_gen.host_org_details                   ? 
_entity_src_gen.expression_system_id               ? 
_entity_src_gen.plasmid_name                       PET30A 
_entity_src_gen.plasmid_details                    ? 
_entity_src_gen.pdbx_description                   ? 
# 
_pdbx_entity_src_syn.entity_id              1 
_pdbx_entity_src_syn.pdbx_src_id            1 
_pdbx_entity_src_syn.pdbx_alt_source_flag   sample 
_pdbx_entity_src_syn.pdbx_beg_seq_num       ? 
_pdbx_entity_src_syn.pdbx_end_seq_num       ? 
_pdbx_entity_src_syn.organism_scientific    'SACCHAROMYCES CEREVISIAE' 
_pdbx_entity_src_syn.organism_common_name   
;BAKER'S YEAST
;
_pdbx_entity_src_syn.ncbi_taxonomy_id       4932 
_pdbx_entity_src_syn.details                ? 
# 
loop_
_chem_comp.id 
_chem_comp.type 
_chem_comp.mon_nstd_flag 
_chem_comp.name 
_chem_comp.pdbx_synonyms 
_chem_comp.formula 
_chem_comp.formula_weight 
ALA 'L-peptide linking' y ALANINE          ? 'C3 H7 N O2'     89.093  
ARG 'L-peptide linking' y ARGININE         ? 'C6 H15 N4 O2 1' 175.209 
ASN 'L-peptide linking' y ASPARAGINE       ? 'C4 H8 N2 O3'    132.118 
ASP 'L-peptide linking' y 'ASPARTIC ACID'  ? 'C4 H7 N O4'     133.103 
GLN 'L-peptide linking' y GLUTAMINE        ? 'C5 H10 N2 O3'   146.144 
GLU 'L-peptide linking' y 'GLUTAMIC ACID'  ? 'C5 H9 N O4'     147.129 
GLY 'peptide linking'   y GLYCINE          ? 'C2 H5 N O2'     75.067  
HIS 'L-peptide linking' y HISTIDINE        ? 'C6 H10 N3 O2 1' 156.162 
HOH non-polymer         . WATER            ? 'H2 O'           18.015  
ILE 'L-peptide linking' y ISOLEUCINE       ? 'C6 H13 N O2'    131.173 
LEU 'L-peptide linking' y LEUCINE          ? 'C6 H13 N O2'    131.173 
LYS 'L-peptide linking' y LYSINE           ? 'C6 H15 N2 O2 1' 147.195 
MSE 'L-peptide linking' n SELENOMETHIONINE ? 'C5 H11 N O2 Se' 196.106 
PHE 'L-peptide linking' y PHENYLALANINE    ? 'C9 H11 N O2'    165.189 
PRO 'L-peptide linking' y PROLINE          ? 'C5 H9 N O2'     115.130 
SER 'L-peptide linking' y SERINE           ? 'C3 H7 N O3'     105.093 
SO4 non-polymer         . 'SULFATE ION'    ? 'O4 S -2'        96.063  
THR 'L-peptide linking' y THREONINE        ? 'C4 H9 N O3'     119.119 
TYR 'L-peptide linking' y TYROSINE         ? 'C9 H11 N O3'    181.189 
VAL 'L-peptide linking' y VALINE           ? 'C5 H11 N O2'    117.146 
# 
loop_
_pdbx_poly_seq_scheme.asym_id 
_pdbx_poly_seq_scheme.entity_id 
_pdbx_poly_seq_scheme.seq_id 
_pdbx_poly_seq_scheme.mon_id 
_pdbx_poly_seq_scheme.ndb_seq_num 
_pdbx_poly_seq_scheme.pdb_seq_num 
_pdbx_poly_seq_scheme.auth_seq_num 
_pdbx_poly_seq_scheme.pdb_mon_id 
_pdbx_poly_seq_scheme.auth_mon_id 
_pdbx_poly_seq_scheme.pdb_strand_id 
_pdbx_poly_seq_scheme.pdb_ins_code 
_pdbx_poly_seq_scheme.hetero 
A 1 1   ALA 1   2   ?  ?   ?   P . n 
A 1 2   GLU 2   3   ?  ?   ?   P . n 
A 1 3   GLN 3   4   ?  ?   ?   P . n 
A 1 4   ILE 4   5   ?  ?   ?   P . n 
A 1 5   SER 5   6   ?  ?   ?   P . n 
A 1 6   HIS 6   7   ?  ?   ?   P . n 
A 1 7   LYS 7   8   8  LYS LYS P . n 
A 1 8   LYS 8   9   9  LYS LYS P . n 
A 1 9   SER 9   10  10 SER SER P . n 
A 1 10  LEU 10  11  11 LEU LEU P . n 
A 1 11  ARG 11  12  12 ARG ARG P . n 
A 1 12  VAL 12  13  13 VAL VAL P . n 
A 1 13  SER 13  14  14 SER SER P . n 
A 1 14  SER 14  15  15 SER SER P . n 
A 1 15  LEU 15  16  16 LEU LEU P . n 
A 1 16  ASN 16  17  17 ASN ASN P . n 
A 1 17  LYS 17  18  18 LYS LYS P . n 
A 1 18  ASP 18  19  19 ASP ASP P . n 
A 1 19  ARG 19  20  20 ARG ARG P . n 
A 1 20  ARG 20  21  21 ARG ARG P . n 
A 1 21  LEU 21  22  22 LEU LEU P . n 
A 1 22  LEU 22  23  23 LEU LEU P . n 
A 1 23  LEU 23  24  24 LEU LEU P . n 
A 1 24  ARG 24  25  25 ARG ARG P . n 
A 1 25  GLU 25  26  26 GLU GLU P . n 
A 1 26  PHE 26  27  27 PHE PHE P . n 
A 1 27  TYR 27  28  28 TYR TYR P . n 
A 1 28  ASN 28  29  29 ASN ASN P . n 
A 1 29  LEU 29  30  30 LEU LEU P . n 
B 2 1   MSE 1   1   ?  ?   ?   T . n 
B 2 2   ASN 2   2   ?  ?   ?   T . n 
B 2 3   ASN 3   3   ?  ?   ?   T . n 
B 2 4   SER 4   4   ?  ?   ?   T . n 
B 2 5   GLU 5   5   ?  ?   ?   T . n 
B 2 6   ASP 6   6   6  ASP ASP T . n 
B 2 7   PRO 7   7   7  PRO PRO T . n 
B 2 8   PHE 8   8   8  PHE PHE T . n 
B 2 9   GLN 9   9   9  GLN GLN T . n 
B 2 10  GLN 10  10  10 GLN GLN T . n 
B 2 11  VAL 11  11  11 VAL VAL T . n 
B 2 12  VAL 12  12  12 VAL VAL T . n 
B 2 13  LYS 13  13  13 LYS LYS T . n 
B 2 14  ASP 14  14  14 ASP ASP T . n 
B 2 15  THR 15  15  15 THR THR T . n 
B 2 16  LYS 16  16  16 LYS LYS T . n 
B 2 17  GLU 17  17  17 GLU GLU T . n 
B 2 18  GLN 18  18  18 GLN GLN T . n 
B 2 19  LEU 19  19  19 LEU LEU T . n 
B 2 20  ASN 20  20  20 ASN ASN T . n 
B 2 21  ARG 21  21  21 ARG ARG T . n 
B 2 22  ILE 22  22  22 ILE ILE T . n 
B 2 23  ASN 23  23  23 ASN ASN T . n 
B 2 24  ASN 24  24  24 ASN ASN T . n 
B 2 25  TYR 25  25  25 TYR TYR T . n 
B 2 26  ILE 26  26  26 ILE ILE T . n 
B 2 27  THR 27  27  27 THR THR T . n 
B 2 28  ARG 28  28  28 ARG ARG T . n 
B 2 29  HIS 29  29  29 HIS HIS T . n 
B 2 30  ASN 30  30  30 ASN ASN T . n 
B 2 31  THR 31  31  31 THR THR T . n 
B 2 32  ALA 32  32  32 ALA ALA T . n 
B 2 33  GLY 33  33  33 GLY GLY T . n 
B 2 34  ASP 34  34  34 ASP ASP T . n 
B 2 35  ASP 35  35  35 ASP ASP T . n 
B 2 36  ASP 36  36  36 ASP ASP T . n 
B 2 37  GLN 37  37  37 GLN GLN T . n 
B 2 38  GLU 38  38  38 GLU GLU T . n 
B 2 39  GLU 39  39  39 GLU GLU T . n 
B 2 40  GLU 40  40  40 GLU GLU T . n 
B 2 41  ILE 41  41  41 ILE ILE T . n 
B 2 42  GLN 42  42  42 GLN GLN T . n 
B 2 43  ASP 43  43  43 ASP ASP T . n 
B 2 44  ILE 44  44  44 ILE ILE T . n 
B 2 45  LEU 45  45  45 LEU LEU T . n 
B 2 46  LYS 46  46  46 LYS LYS T . n 
B 2 47  ASP 47  47  47 ASP ASP T . n 
B 2 48  VAL 48  48  48 VAL VAL T . n 
B 2 49  GLU 49  49  49 GLU GLU T . n 
B 2 50  GLU 50  50  50 GLU GLU T . n 
B 2 51  THR 51  51  51 THR THR T . n 
B 2 52  ILE 52  52  52 ILE ILE T . n 
B 2 53  VAL 53  53  53 VAL VAL T . n 
B 2 54  ASP 54  54  54 ASP ASP T . n 
B 2 55  LEU 55  55  55 LEU LEU T . n 
B 2 56  ASP 56  56  56 ASP ASP T . n 
B 2 57  ARG 57  57  57 ARG ARG T . n 
B 2 58  SER 58  58  58 SER SER T . n 
B 2 59  ILE 59  59  59 ILE ILE T . n 
B 2 60  ILE 60  60  60 ILE ILE T . n 
B 2 61  VAL 61  61  61 VAL VAL T . n 
B 2 62  MSE 62  62  62 MSE MSE T . n 
B 2 63  LYS 63  63  63 LYS LYS T . n 
B 2 64  ARG 64  64  64 ARG ARG T . n 
B 2 65  ASP 65  65  65 ASP ASP T . n 
B 2 66  GLU 66  66  66 GLU GLU T . n 
B 2 67  ASN 67  67  67 ASN ASN T . n 
B 2 68  GLU 68  68  68 GLU GLU T . n 
B 2 69  ASP 69  69  69 ASP ASP T . n 
B 2 70  VAL 70  70  70 VAL VAL T . n 
B 2 71  SER 71  71  71 SER SER T . n 
B 2 72  GLY 72  72  72 GLY GLY T . n 
B 2 73  ARG 73  73  73 ARG ARG T . n 
B 2 74  GLU 74  74  74 GLU GLU T . n 
B 2 75  ALA 75  75  75 ALA ALA T . n 
B 2 76  GLN 76  76  76 GLN GLN T . n 
B 2 77  VAL 77  77  77 VAL VAL T . n 
B 2 78  LYS 78  78  78 LYS LYS T . n 
B 2 79  ASN 79  79  79 ASN ASN T . n 
B 2 80  ILE 80  80  80 ILE ILE T . n 
B 2 81  LYS 81  81  81 LYS LYS T . n 
B 2 82  GLN 82  82  82 GLN GLN T . n 
B 2 83  GLN 83  83  83 GLN GLN T . n 
B 2 84  LEU 84  84  84 LEU LEU T . n 
B 2 85  ASP 85  85  85 ASP ASP T . n 
B 2 86  ALA 86  86  86 ALA ALA T . n 
B 2 87  LEU 87  87  87 LEU LEU T . n 
B 2 88  LYS 88  88  88 LYS LYS T . n 
B 2 89  LEU 89  89  89 LEU LEU T . n 
B 2 90  ARG 90  90  90 ARG ARG T . n 
B 2 91  PHE 91  91  91 PHE PHE T . n 
B 2 92  ASP 92  92  92 ASP ASP T . n 
B 2 93  ARG 93  93  93 ARG ARG T . n 
B 2 94  ARG 94  94  94 ARG ARG T . n 
B 2 95  ILE 95  95  95 ILE ILE T . n 
B 2 96  GLN 96  96  96 GLN GLN T . n 
B 2 97  GLU 97  97  97 GLU GLU T . n 
B 2 98  SER 98  98  98 SER SER T . n 
B 2 99  THR 99  99  99 THR THR T . n 
B 2 100 GLN 100 100 ?  ?   ?   T . n 
B 2 101 THR 101 101 ?  ?   ?   T . n 
# 
loop_
_pdbx_nonpoly_scheme.asym_id 
_pdbx_nonpoly_scheme.entity_id 
_pdbx_nonpoly_scheme.mon_id 
_pdbx_nonpoly_scheme.ndb_seq_num 
_pdbx_nonpoly_scheme.pdb_seq_num 
_pdbx_nonpoly_scheme.auth_seq_num 
_pdbx_nonpoly_scheme.pdb_mon_id 
_pdbx_nonpoly_scheme.auth_mon_id 
_pdbx_nonpoly_scheme.pdb_strand_id 
_pdbx_nonpoly_scheme.pdb_ins_code 
C 3 SO4 1  1031 1031 SO4 SO4 P . 
D 4 HOH 1  2001 2001 HOH HOH P . 
D 4 HOH 2  2002 2002 HOH HOH P . 
D 4 HOH 3  2003 2003 HOH HOH P . 
D 4 HOH 4  2004 2004 HOH HOH P . 
D 4 HOH 5  2005 2005 HOH HOH P . 
E 4 HOH 1  2001 2001 HOH HOH T . 
E 4 HOH 2  2002 2002 HOH HOH T . 
E 4 HOH 3  2003 2003 HOH HOH T . 
E 4 HOH 4  2004 2004 HOH HOH T . 
E 4 HOH 5  2005 2005 HOH HOH T . 
E 4 HOH 6  2006 2006 HOH HOH T . 
E 4 HOH 7  2007 2007 HOH HOH T . 
E 4 HOH 8  2008 2008 HOH HOH T . 
E 4 HOH 9  2009 2009 HOH HOH T . 
E 4 HOH 10 2010 2010 HOH HOH T . 
E 4 HOH 11 2011 2011 HOH HOH T . 
E 4 HOH 12 2012 2012 HOH HOH T . 
E 4 HOH 13 2013 2013 HOH HOH T . 
E 4 HOH 14 2014 2014 HOH HOH T . 
E 4 HOH 15 2015 2015 HOH HOH T . 
E 4 HOH 16 2016 2016 HOH HOH T . 
E 4 HOH 17 2017 2017 HOH HOH T . 
E 4 HOH 18 2018 2018 HOH HOH T . 
# 
loop_
_software.name 
_software.classification 
_software.version 
_software.citation_id 
_software.pdbx_ordinal 
REFMAC refinement       5.2.0016 ? 1 
MOSFLM 'data reduction' .        ? 2 
SCALA  'data scaling'   .        ? 3 
SHARP  phasing          .        ? 4 
# 
_cell.entry_id           2C5I 
_cell.length_a           65.776 
_cell.length_b           65.776 
_cell.length_c           62.577 
_cell.angle_alpha        90.00 
_cell.angle_beta         90.00 
_cell.angle_gamma        120.00 
_cell.Z_PDB              6 
_cell.pdbx_unique_axis   ? 
# 
_symmetry.entry_id                         2C5I 
_symmetry.space_group_name_H-M             'P 32 2 1' 
_symmetry.pdbx_full_space_group_name_H-M   ? 
_symmetry.cell_setting                     ? 
_symmetry.Int_Tables_number                154 
# 
_exptl.entry_id          2C5I 
_exptl.method            'X-RAY DIFFRACTION' 
_exptl.crystals_number   1 
# 
_exptl_crystal.id                    1 
_exptl_crystal.density_meas          ? 
_exptl_crystal.density_Matthews      2.76 
_exptl_crystal.density_percent_sol   50 
_exptl_crystal.description           ? 
# 
_exptl_crystal_grow.crystal_id      1 
_exptl_crystal_grow.method          ? 
_exptl_crystal_grow.temp            ? 
_exptl_crystal_grow.temp_details    ? 
_exptl_crystal_grow.pH              5.50 
_exptl_crystal_grow.pdbx_pH_range   ? 
_exptl_crystal_grow.pdbx_details    
;8 MG/ML PROTEIN, 66% SATURATED AMMONIUM SULPHATE, 100 MM NA CITRATE PH 5.5 WITH A 3-FOLD MOLAR EXCESS OF THE PEPTIDE, 20% GLYCEROL FOR FREEZING
;
# 
_diffrn.id                     1 
_diffrn.ambient_temp           100.0 
_diffrn.ambient_temp_details   ? 
_diffrn.crystal_id             1 
# 
_diffrn_detector.diffrn_id              1 
_diffrn_detector.detector               CCD 
_diffrn_detector.type                   'ADSC CCD' 
_diffrn_detector.pdbx_collection_date   2004-02-14 
_diffrn_detector.details                ? 
# 
_diffrn_radiation.diffrn_id                        1 
_diffrn_radiation.wavelength_id                    1 
_diffrn_radiation.pdbx_monochromatic_or_laue_m_l   M 
_diffrn_radiation.monochromator                    ? 
_diffrn_radiation.pdbx_diffrn_protocol             MAD 
_diffrn_radiation.pdbx_scattering_type             x-ray 
# 
loop_
_diffrn_radiation_wavelength.id 
_diffrn_radiation_wavelength.wavelength 
_diffrn_radiation_wavelength.wt 
1 0.939 1.0 
2 0.981 1.0 
# 
_diffrn_source.diffrn_id                   1 
_diffrn_source.source                      SYNCHROTRON 
_diffrn_source.type                        'ESRF BEAMLINE ID14-4' 
_diffrn_source.pdbx_synchrotron_site       ESRF 
_diffrn_source.pdbx_synchrotron_beamline   ID14-4 
_diffrn_source.pdbx_wavelength             ? 
_diffrn_source.pdbx_wavelength_list        0.939,0.981 
# 
_reflns.pdbx_diffrn_id               1 
_reflns.pdbx_ordinal                 1 
_reflns.entry_id                     2C5I 
_reflns.observed_criterion_sigma_I   0.000 
_reflns.observed_criterion_sigma_F   ? 
_reflns.d_resolution_low             41.000 
_reflns.d_resolution_high            2.300 
_reflns.number_obs                   7108 
_reflns.number_all                   ? 
_reflns.percent_possible_obs         99.6 
_reflns.pdbx_Rmerge_I_obs            0.12000 
_reflns.pdbx_Rsym_value              ? 
_reflns.pdbx_netI_over_sigmaI        24.0000 
_reflns.B_iso_Wilson_estimate        ? 
_reflns.pdbx_redundancy              21.000 
# 
_reflns_shell.pdbx_diffrn_id         1 
_reflns_shell.pdbx_ordinal           1 
_reflns_shell.d_res_high             2.30 
_reflns_shell.d_res_low              2.42 
_reflns_shell.percent_possible_all   99.1 
_reflns_shell.Rmerge_I_obs           1.00000 
_reflns_shell.pdbx_Rsym_value        ? 
_reflns_shell.meanI_over_sigI_obs    4.100 
_reflns_shell.pdbx_redundancy        22.00 
# 
_refine.pdbx_refine_id                           'X-RAY DIFFRACTION' 
_refine.entry_id                                 2C5I 
_refine.pdbx_diffrn_id                           1 
_refine.pdbx_TLS_residual_ADP_flag               ? 
_refine.ls_number_reflns_obs                     6770 
_refine.ls_number_reflns_all                     ? 
_refine.pdbx_ls_sigma_I                          ? 
_refine.pdbx_ls_sigma_F                          ? 
_refine.pdbx_data_cutoff_high_absF               ? 
_refine.pdbx_data_cutoff_low_absF                ? 
_refine.pdbx_data_cutoff_high_rms_absF           ? 
_refine.ls_d_res_low                             56.80 
_refine.ls_d_res_high                            2.30 
_refine.ls_percent_reflns_obs                    99.2 
_refine.ls_R_factor_obs                          0.229 
_refine.ls_R_factor_all                          ? 
_refine.ls_R_factor_R_work                       0.226 
_refine.ls_R_factor_R_free                       0.296 
_refine.ls_R_factor_R_free_error                 ? 
_refine.ls_R_factor_R_free_error_details         ? 
_refine.ls_percent_reflns_R_free                 4.600 
_refine.ls_number_reflns_R_free                  328 
_refine.ls_number_parameters                     ? 
_refine.ls_number_restraints                     ? 
_refine.occupancy_min                            ? 
_refine.occupancy_max                            ? 
_refine.correlation_coeff_Fo_to_Fc               0.945 
_refine.correlation_coeff_Fo_to_Fc_free          0.911 
_refine.B_iso_mean                               41.82 
_refine.aniso_B[1][1]                            2.92000 
_refine.aniso_B[2][2]                            2.92000 
_refine.aniso_B[3][3]                            -4.38000 
_refine.aniso_B[1][2]                            1.46000 
_refine.aniso_B[1][3]                            0.00000 
_refine.aniso_B[2][3]                            0.00000 
_refine.solvent_model_details                    'BABINET MODEL WITH MASK' 
_refine.solvent_model_param_ksol                 ? 
_refine.solvent_model_param_bsol                 ? 
_refine.pdbx_solvent_vdw_probe_radii             1.20 
_refine.pdbx_solvent_ion_probe_radii             0.80 
_refine.pdbx_solvent_shrinkage_radii             0.80 
_refine.pdbx_ls_cross_valid_method               THROUGHOUT 
_refine.details                                  'HYDROGENS HAVE BEEN ADDED IN THE RIDING POSITIONS.' 
_refine.pdbx_starting_model                      ? 
_refine.pdbx_method_to_determine_struct          MAD 
_refine.pdbx_isotropic_thermal_model             ? 
_refine.pdbx_stereochemistry_target_values       'MAXIMUM LIKELIHOODWITH PHASES' 
_refine.pdbx_stereochem_target_val_spec_case     ? 
_refine.pdbx_R_Free_selection_details            RANDOM 
_refine.pdbx_overall_ESU_R                       0.322 
_refine.pdbx_overall_ESU_R_Free                  0.269 
_refine.overall_SU_ML                            0.230 
_refine.pdbx_overall_phase_error                 ? 
_refine.overall_SU_B                             9.559 
_refine.overall_SU_R_Cruickshank_DPI             ? 
_refine.pdbx_overall_SU_R_free_Cruickshank_DPI   ? 
_refine.pdbx_overall_SU_R_Blow_DPI               ? 
_refine.pdbx_overall_SU_R_free_Blow_DPI          ? 
# 
_refine_hist.pdbx_refine_id                   'X-RAY DIFFRACTION' 
_refine_hist.cycle_id                         LAST 
_refine_hist.pdbx_number_atoms_protein        979 
_refine_hist.pdbx_number_atoms_nucleic_acid   0 
_refine_hist.pdbx_number_atoms_ligand         5 
_refine_hist.number_atoms_solvent             23 
_refine_hist.number_atoms_total               1007 
_refine_hist.d_res_high                       2.30 
_refine_hist.d_res_low                        56.80 
# 
loop_
_refine_ls_restr.type 
_refine_ls_restr.dev_ideal 
_refine_ls_restr.dev_ideal_target 
_refine_ls_restr.weight 
_refine_ls_restr.number 
_refine_ls_restr.pdbx_refine_id 
_refine_ls_restr.pdbx_restraint_function 
r_bond_refined_d             0.020  0.022  ? 994  'X-RAY DIFFRACTION' ? 
r_bond_other_d               0.001  0.020  ? 707  'X-RAY DIFFRACTION' ? 
r_angle_refined_deg          1.745  1.978  ? 1333 'X-RAY DIFFRACTION' ? 
r_angle_other_deg            1.005  3.000  ? 1720 'X-RAY DIFFRACTION' ? 
r_dihedral_angle_1_deg       8.617  5.000  ? 117  'X-RAY DIFFRACTION' ? 
r_dihedral_angle_2_deg       32.307 25.082 ? 61   'X-RAY DIFFRACTION' ? 
r_dihedral_angle_3_deg       17.261 15.000 ? 209  'X-RAY DIFFRACTION' ? 
r_dihedral_angle_4_deg       12.183 15.000 ? 12   'X-RAY DIFFRACTION' ? 
r_chiral_restr               0.087  0.200  ? 150  'X-RAY DIFFRACTION' ? 
r_gen_planes_refined         0.006  0.020  ? 1092 'X-RAY DIFFRACTION' ? 
r_gen_planes_other           0.001  0.020  ? 188  'X-RAY DIFFRACTION' ? 
r_nbd_refined                0.235  0.200  ? 255  'X-RAY DIFFRACTION' ? 
r_nbd_other                  0.194  0.200  ? 713  'X-RAY DIFFRACTION' ? 
r_nbtor_refined              0.177  0.200  ? 477  'X-RAY DIFFRACTION' ? 
r_nbtor_other                0.092  0.200  ? 544  'X-RAY DIFFRACTION' ? 
r_xyhbond_nbd_refined        0.307  0.200  ? 32   'X-RAY DIFFRACTION' ? 
r_xyhbond_nbd_other          ?      ?      ? ?    'X-RAY DIFFRACTION' ? 
r_metal_ion_refined          ?      ?      ? ?    'X-RAY DIFFRACTION' ? 
r_metal_ion_other            ?      ?      ? ?    'X-RAY DIFFRACTION' ? 
r_symmetry_vdw_refined       0.264  0.200  ? 21   'X-RAY DIFFRACTION' ? 
r_symmetry_vdw_other         0.250  0.200  ? 49   'X-RAY DIFFRACTION' ? 
r_symmetry_hbond_refined     0.236  0.200  ? 8    'X-RAY DIFFRACTION' ? 
r_symmetry_hbond_other       ?      ?      ? ?    'X-RAY DIFFRACTION' ? 
r_symmetry_metal_ion_refined ?      ?      ? ?    'X-RAY DIFFRACTION' ? 
r_symmetry_metal_ion_other   ?      ?      ? ?    'X-RAY DIFFRACTION' ? 
r_mcbond_it                  1.614  1.500  ? 742  'X-RAY DIFFRACTION' ? 
r_mcbond_other               ?      ?      ? ?    'X-RAY DIFFRACTION' ? 
r_mcangle_it                 1.996  2.000  ? 954  'X-RAY DIFFRACTION' ? 
r_mcangle_other              ?      ?      ? ?    'X-RAY DIFFRACTION' ? 
r_scbond_it                  2.589  3.000  ? 445  'X-RAY DIFFRACTION' ? 
r_scbond_other               ?      ?      ? ?    'X-RAY DIFFRACTION' ? 
r_scangle_it                 3.829  4.500  ? 378  'X-RAY DIFFRACTION' ? 
r_scangle_other              ?      ?      ? ?    'X-RAY DIFFRACTION' ? 
r_long_range_B_refined       ?      ?      ? ?    'X-RAY DIFFRACTION' ? 
r_long_range_B_other         ?      ?      ? ?    'X-RAY DIFFRACTION' ? 
r_rigid_bond_restr           ?      ?      ? ?    'X-RAY DIFFRACTION' ? 
r_sphericity_free            ?      ?      ? ?    'X-RAY DIFFRACTION' ? 
r_sphericity_bonded          ?      ?      ? ?    'X-RAY DIFFRACTION' ? 
# 
_refine_ls_shell.pdbx_refine_id                   'X-RAY DIFFRACTION' 
_refine_ls_shell.pdbx_total_number_of_bins_used   20 
_refine_ls_shell.d_res_high                       2.30 
_refine_ls_shell.d_res_low                        2.36 
_refine_ls_shell.number_reflns_R_work             401 
_refine_ls_shell.R_factor_R_work                  0.2910 
_refine_ls_shell.percent_reflns_obs               ? 
_refine_ls_shell.R_factor_R_free                  0.4790 
_refine_ls_shell.R_factor_R_free_error            ? 
_refine_ls_shell.percent_reflns_R_free            ? 
_refine_ls_shell.number_reflns_R_free             15 
_refine_ls_shell.number_reflns_all                ? 
_refine_ls_shell.R_factor_all                     ? 
# 
_struct.entry_id                  2C5I 
_struct.title                     'N-terminal domain of tlg1 complexed with N-terminus of vps51 in distorted conformation' 
_struct.pdbx_model_details        ? 
_struct.pdbx_CASP_flag            ? 
_struct.pdbx_model_type_details   ? 
# 
_struct_keywords.entry_id        2C5I 
_struct_keywords.pdbx_keywords   'PROTEIN TRANSPORT' 
_struct_keywords.text            'PROTEIN TRANSPORT-COMPLEX, SNARE, VFT COMPLEX, PROTEIN TRANSPORT, PHOSPHORYLATION' 
# 
loop_
_struct_asym.id 
_struct_asym.pdbx_blank_PDB_chainid_flag 
_struct_asym.pdbx_modified 
_struct_asym.entity_id 
_struct_asym.details 
A N N 1 ? 
B N N 2 ? 
C N N 3 ? 
D N N 4 ? 
E N N 4 ? 
# 
loop_
_struct_ref.id 
_struct_ref.db_name 
_struct_ref.db_code 
_struct_ref.entity_id 
_struct_ref.pdbx_seq_one_letter_code 
_struct_ref.pdbx_align_begin 
_struct_ref.pdbx_db_accession 
_struct_ref.pdbx_db_isoform 
1 UNP TLG1_YEAST  2 ? ? Q03322 ? 
2 UNP VPS51_YEAST 1 ? ? P36116 ? 
# 
loop_
_struct_ref_seq.align_id 
_struct_ref_seq.ref_id 
_struct_ref_seq.pdbx_PDB_id_code 
_struct_ref_seq.pdbx_strand_id 
_struct_ref_seq.seq_align_beg 
_struct_ref_seq.pdbx_seq_align_beg_ins_code 
_struct_ref_seq.seq_align_end 
_struct_ref_seq.pdbx_seq_align_end_ins_code 
_struct_ref_seq.pdbx_db_accession 
_struct_ref_seq.db_align_beg 
_struct_ref_seq.pdbx_db_align_beg_ins_code 
_struct_ref_seq.db_align_end 
_struct_ref_seq.pdbx_db_align_end_ins_code 
_struct_ref_seq.pdbx_auth_seq_align_beg 
_struct_ref_seq.pdbx_auth_seq_align_end 
1 1 2C5I T 1 ? 101 ? Q03322 1 ? 101 ? 1 101 
2 2 2C5I P 1 ? 29  ? P36116 2 ? 30  ? 2 30  
# 
_pdbx_struct_assembly.id                   1 
_pdbx_struct_assembly.details              author_and_software_defined_assembly 
_pdbx_struct_assembly.method_details       PQS 
_pdbx_struct_assembly.oligomeric_details   dimeric 
_pdbx_struct_assembly.oligomeric_count     2 
# 
_pdbx_struct_assembly_gen.assembly_id       1 
_pdbx_struct_assembly_gen.oper_expression   1 
_pdbx_struct_assembly_gen.asym_id_list      A,B,C,D,E 
# 
_pdbx_struct_oper_list.id                   1 
_pdbx_struct_oper_list.type                 'identity operation' 
_pdbx_struct_oper_list.name                 1_555 
_pdbx_struct_oper_list.symmetry_operation   x,y,z 
_pdbx_struct_oper_list.matrix[1][1]         1.0000000000 
_pdbx_struct_oper_list.matrix[1][2]         0.0000000000 
_pdbx_struct_oper_list.matrix[1][3]         0.0000000000 
_pdbx_struct_oper_list.vector[1]            0.0000000000 
_pdbx_struct_oper_list.matrix[2][1]         0.0000000000 
_pdbx_struct_oper_list.matrix[2][2]         1.0000000000 
_pdbx_struct_oper_list.matrix[2][3]         0.0000000000 
_pdbx_struct_oper_list.vector[2]            0.0000000000 
_pdbx_struct_oper_list.matrix[3][1]         0.0000000000 
_pdbx_struct_oper_list.matrix[3][2]         0.0000000000 
_pdbx_struct_oper_list.matrix[3][3]         1.0000000000 
_pdbx_struct_oper_list.vector[3]            0.0000000000 
# 
_struct_biol.id   1 
# 
loop_
_struct_conf.conf_type_id 
_struct_conf.id 
_struct_conf.pdbx_PDB_helix_id 
_struct_conf.beg_label_comp_id 
_struct_conf.beg_label_asym_id 
_struct_conf.beg_label_seq_id 
_struct_conf.pdbx_beg_PDB_ins_code 
_struct_conf.end_label_comp_id 
_struct_conf.end_label_asym_id 
_struct_conf.end_label_seq_id 
_struct_conf.pdbx_end_PDB_ins_code 
_struct_conf.beg_auth_comp_id 
_struct_conf.beg_auth_asym_id 
_struct_conf.beg_auth_seq_id 
_struct_conf.end_auth_comp_id 
_struct_conf.end_auth_asym_id 
_struct_conf.end_auth_seq_id 
_struct_conf.pdbx_PDB_helix_class 
_struct_conf.details 
_struct_conf.pdbx_PDB_helix_length 
HELX_P HELX_P1 1 SER A 14 ? GLU A 25 ? SER P 15 GLU P 26 1 ? 12 
HELX_P HELX_P2 2 ASP B 6  ? HIS B 29 ? ASP T 6  HIS T 29 1 ? 24 
HELX_P HELX_P3 3 ASP B 34 ? MSE B 62 ? ASP T 34 MSE T 62 1 ? 29 
HELX_P HELX_P4 4 ASP B 69 ? GLN B 96 ? ASP T 69 GLN T 96 1 ? 28 
# 
_struct_conf_type.id          HELX_P 
_struct_conf_type.criteria    ? 
_struct_conf_type.reference   ? 
# 
loop_
_struct_conn.id 
_struct_conn.conn_type_id 
_struct_conn.pdbx_leaving_atom_flag 
_struct_conn.pdbx_PDB_id 
_struct_conn.ptnr1_label_asym_id 
_struct_conn.ptnr1_label_comp_id 
_struct_conn.ptnr1_label_seq_id 
_struct_conn.ptnr1_label_atom_id 
_struct_conn.pdbx_ptnr1_label_alt_id 
_struct_conn.pdbx_ptnr1_PDB_ins_code 
_struct_conn.pdbx_ptnr1_standard_comp_id 
_struct_conn.ptnr1_symmetry 
_struct_conn.ptnr2_label_asym_id 
_struct_conn.ptnr2_label_comp_id 
_struct_conn.ptnr2_label_seq_id 
_struct_conn.ptnr2_label_atom_id 
_struct_conn.pdbx_ptnr2_label_alt_id 
_struct_conn.pdbx_ptnr2_PDB_ins_code 
_struct_conn.ptnr1_auth_asym_id 
_struct_conn.ptnr1_auth_comp_id 
_struct_conn.ptnr1_auth_seq_id 
_struct_conn.ptnr2_auth_asym_id 
_struct_conn.ptnr2_auth_comp_id 
_struct_conn.ptnr2_auth_seq_id 
_struct_conn.ptnr2_symmetry 
_struct_conn.pdbx_ptnr3_label_atom_id 
_struct_conn.pdbx_ptnr3_label_seq_id 
_struct_conn.pdbx_ptnr3_label_comp_id 
_struct_conn.pdbx_ptnr3_label_asym_id 
_struct_conn.pdbx_ptnr3_label_alt_id 
_struct_conn.pdbx_ptnr3_PDB_ins_code 
_struct_conn.details 
_struct_conn.pdbx_dist_value 
_struct_conn.pdbx_value_order 
_struct_conn.pdbx_role 
covale1 covale both ? B VAL 61 C ? ? ? 1_555 B MSE 62 N ? ? T VAL 61 T MSE 62 1_555 ? ? ? ? ? ? ? 1.319 ? ? 
covale2 covale both ? B MSE 62 C ? ? ? 1_555 B LYS 63 N ? ? T MSE 62 T LYS 63 1_555 ? ? ? ? ? ? ? 1.335 ? ? 
# 
_struct_conn_type.id          covale 
_struct_conn_type.criteria    ? 
_struct_conn_type.reference   ? 
# 
_pdbx_modification_feature.ordinal                            1 
_pdbx_modification_feature.label_comp_id                      MSE 
_pdbx_modification_feature.label_asym_id                      B 
_pdbx_modification_feature.label_seq_id                       62 
_pdbx_modification_feature.label_alt_id                       ? 
_pdbx_modification_feature.modified_residue_label_comp_id     . 
_pdbx_modification_feature.modified_residue_label_asym_id     . 
_pdbx_modification_feature.modified_residue_label_seq_id      . 
_pdbx_modification_feature.modified_residue_label_alt_id      . 
_pdbx_modification_feature.auth_comp_id                       MSE 
_pdbx_modification_feature.auth_asym_id                       T 
_pdbx_modification_feature.auth_seq_id                        62 
_pdbx_modification_feature.PDB_ins_code                       ? 
_pdbx_modification_feature.symmetry                           1_555 
_pdbx_modification_feature.modified_residue_auth_comp_id      . 
_pdbx_modification_feature.modified_residue_auth_asym_id      . 
_pdbx_modification_feature.modified_residue_auth_seq_id       . 
_pdbx_modification_feature.modified_residue_PDB_ins_code      . 
_pdbx_modification_feature.modified_residue_symmetry          . 
_pdbx_modification_feature.comp_id_linking_atom               . 
_pdbx_modification_feature.modified_residue_id_linking_atom   . 
_pdbx_modification_feature.modified_residue_id                MET 
_pdbx_modification_feature.ref_pcm_id                         1 
_pdbx_modification_feature.ref_comp_id                        MSE 
_pdbx_modification_feature.type                               Selenomethionine 
_pdbx_modification_feature.category                           'Named protein modification' 
# 
_struct_site.id                   AC1 
_struct_site.pdbx_evidence_code   Software 
_struct_site.pdbx_auth_asym_id    ? 
_struct_site.pdbx_auth_comp_id    ? 
_struct_site.pdbx_auth_seq_id     ? 
_struct_site.pdbx_auth_ins_code   ? 
_struct_site.pdbx_num_residues    7 
_struct_site.details              'BINDING SITE FOR RESIDUE SO4 P1031' 
# 
loop_
_struct_site_gen.id 
_struct_site_gen.site_id 
_struct_site_gen.pdbx_num_res 
_struct_site_gen.label_comp_id 
_struct_site_gen.label_asym_id 
_struct_site_gen.label_seq_id 
_struct_site_gen.pdbx_auth_ins_code 
_struct_site_gen.auth_comp_id 
_struct_site_gen.auth_asym_id 
_struct_site_gen.auth_seq_id 
_struct_site_gen.label_atom_id 
_struct_site_gen.label_alt_id 
_struct_site_gen.symmetry 
_struct_site_gen.details 
1 AC1 7 VAL A 12 ? VAL P 13   . ? 1_555 ? 
2 AC1 7 SER A 14 ? SER P 15   . ? 1_555 ? 
3 AC1 7 LEU A 15 ? LEU P 16   . ? 1_555 ? 
4 AC1 7 ASN A 16 ? ASN P 17   . ? 1_555 ? 
5 AC1 7 LYS A 17 ? LYS P 18   . ? 1_555 ? 
6 AC1 7 HOH D .  ? HOH P 2005 . ? 1_555 ? 
7 AC1 7 GLN B 82 ? GLN T 82   . ? 1_555 ? 
# 
_pdbx_entry_details.entry_id                   2C5I 
_pdbx_entry_details.compound_details           ? 
_pdbx_entry_details.source_details             ? 
_pdbx_entry_details.nonpolymer_details         ? 
_pdbx_entry_details.sequence_details           ? 
_pdbx_entry_details.has_ligand_of_interest     ? 
_pdbx_entry_details.has_protein_modification   Y 
# 
loop_
_pdbx_validate_close_contact.id 
_pdbx_validate_close_contact.PDB_model_num 
_pdbx_validate_close_contact.auth_atom_id_1 
_pdbx_validate_close_contact.auth_asym_id_1 
_pdbx_validate_close_contact.auth_comp_id_1 
_pdbx_validate_close_contact.auth_seq_id_1 
_pdbx_validate_close_contact.PDB_ins_code_1 
_pdbx_validate_close_contact.label_alt_id_1 
_pdbx_validate_close_contact.auth_atom_id_2 
_pdbx_validate_close_contact.auth_asym_id_2 
_pdbx_validate_close_contact.auth_comp_id_2 
_pdbx_validate_close_contact.auth_seq_id_2 
_pdbx_validate_close_contact.PDB_ins_code_2 
_pdbx_validate_close_contact.label_alt_id_2 
_pdbx_validate_close_contact.dist 
1 1 O P HOH 2001 ? ? O P HOH 2002 ? ? 1.87 
2 1 O P ARG 25   ? ? O P HOH 2003 ? ? 2.06 
3 1 O T HOH 2002 ? ? O T HOH 2003 ? ? 2.14 
# 
loop_
_pdbx_validate_torsion.id 
_pdbx_validate_torsion.PDB_model_num 
_pdbx_validate_torsion.auth_comp_id 
_pdbx_validate_torsion.auth_asym_id 
_pdbx_validate_torsion.auth_seq_id 
_pdbx_validate_torsion.PDB_ins_code 
_pdbx_validate_torsion.label_alt_id 
_pdbx_validate_torsion.phi 
_pdbx_validate_torsion.psi 
1 1 SER P 15 ? ? 88.99  -5.09  
2 1 ASN P 29 ? ? -21.45 82.01  
3 1 ASN T 30 ? ? -28.17 -31.81 
4 1 ASP T 34 ? ? -23.81 103.87 
5 1 SER T 98 ? ? -52.95 -95.62 
# 
loop_
_pdbx_validate_peptide_omega.id 
_pdbx_validate_peptide_omega.PDB_model_num 
_pdbx_validate_peptide_omega.auth_comp_id_1 
_pdbx_validate_peptide_omega.auth_asym_id_1 
_pdbx_validate_peptide_omega.auth_seq_id_1 
_pdbx_validate_peptide_omega.PDB_ins_code_1 
_pdbx_validate_peptide_omega.label_alt_id_1 
_pdbx_validate_peptide_omega.auth_comp_id_2 
_pdbx_validate_peptide_omega.auth_asym_id_2 
_pdbx_validate_peptide_omega.auth_seq_id_2 
_pdbx_validate_peptide_omega.PDB_ins_code_2 
_pdbx_validate_peptide_omega.label_alt_id_2 
_pdbx_validate_peptide_omega.omega 
1 1 GLU T 97 ? ? SER T 98 ? ? -137.34 
2 1 SER T 98 ? ? THR T 99 ? ? -146.03 
# 
_pdbx_struct_mod_residue.id               1 
_pdbx_struct_mod_residue.label_asym_id    B 
_pdbx_struct_mod_residue.label_comp_id    MSE 
_pdbx_struct_mod_residue.label_seq_id     62 
_pdbx_struct_mod_residue.auth_asym_id     T 
_pdbx_struct_mod_residue.auth_comp_id     MSE 
_pdbx_struct_mod_residue.auth_seq_id      62 
_pdbx_struct_mod_residue.PDB_ins_code     ? 
_pdbx_struct_mod_residue.parent_comp_id   MET 
_pdbx_struct_mod_residue.details          SELENOMETHIONINE 
# 
loop_
_pdbx_unobs_or_zero_occ_residues.id 
_pdbx_unobs_or_zero_occ_residues.PDB_model_num 
_pdbx_unobs_or_zero_occ_residues.polymer_flag 
_pdbx_unobs_or_zero_occ_residues.occupancy_flag 
_pdbx_unobs_or_zero_occ_residues.auth_asym_id 
_pdbx_unobs_or_zero_occ_residues.auth_comp_id 
_pdbx_unobs_or_zero_occ_residues.auth_seq_id 
_pdbx_unobs_or_zero_occ_residues.PDB_ins_code 
_pdbx_unobs_or_zero_occ_residues.label_asym_id 
_pdbx_unobs_or_zero_occ_residues.label_comp_id 
_pdbx_unobs_or_zero_occ_residues.label_seq_id 
1  1 Y 1 P ALA 2   ? A ALA 1   
2  1 Y 1 P GLU 3   ? A GLU 2   
3  1 Y 1 P GLN 4   ? A GLN 3   
4  1 Y 1 P ILE 5   ? A ILE 4   
5  1 Y 1 P SER 6   ? A SER 5   
6  1 Y 1 P HIS 7   ? A HIS 6   
7  1 Y 1 T MSE 1   ? B MSE 1   
8  1 Y 1 T ASN 2   ? B ASN 2   
9  1 Y 1 T ASN 3   ? B ASN 3   
10 1 Y 1 T SER 4   ? B SER 4   
11 1 Y 1 T GLU 5   ? B GLU 5   
12 1 Y 1 T GLN 100 ? B GLN 100 
13 1 Y 1 T THR 101 ? B THR 101 
# 
loop_
_chem_comp_atom.comp_id 
_chem_comp_atom.atom_id 
_chem_comp_atom.type_symbol 
_chem_comp_atom.pdbx_aromatic_flag 
_chem_comp_atom.pdbx_stereo_config 
_chem_comp_atom.pdbx_ordinal 
ALA N    N  N N 1   
ALA CA   C  N S 2   
ALA C    C  N N 3   
ALA O    O  N N 4   
ALA CB   C  N N 5   
ALA OXT  O  N N 6   
ALA H    H  N N 7   
ALA H2   H  N N 8   
ALA HA   H  N N 9   
ALA HB1  H  N N 10  
ALA HB2  H  N N 11  
ALA HB3  H  N N 12  
ALA HXT  H  N N 13  
ARG N    N  N N 14  
ARG CA   C  N S 15  
ARG C    C  N N 16  
ARG O    O  N N 17  
ARG CB   C  N N 18  
ARG CG   C  N N 19  
ARG CD   C  N N 20  
ARG NE   N  N N 21  
ARG CZ   C  N N 22  
ARG NH1  N  N N 23  
ARG NH2  N  N N 24  
ARG OXT  O  N N 25  
ARG H    H  N N 26  
ARG H2   H  N N 27  
ARG HA   H  N N 28  
ARG HB2  H  N N 29  
ARG HB3  H  N N 30  
ARG HG2  H  N N 31  
ARG HG3  H  N N 32  
ARG HD2  H  N N 33  
ARG HD3  H  N N 34  
ARG HE   H  N N 35  
ARG HH11 H  N N 36  
ARG HH12 H  N N 37  
ARG HH21 H  N N 38  
ARG HH22 H  N N 39  
ARG HXT  H  N N 40  
ASN N    N  N N 41  
ASN CA   C  N S 42  
ASN C    C  N N 43  
ASN O    O  N N 44  
ASN CB   C  N N 45  
ASN CG   C  N N 46  
ASN OD1  O  N N 47  
ASN ND2  N  N N 48  
ASN OXT  O  N N 49  
ASN H    H  N N 50  
ASN H2   H  N N 51  
ASN HA   H  N N 52  
ASN HB2  H  N N 53  
ASN HB3  H  N N 54  
ASN HD21 H  N N 55  
ASN HD22 H  N N 56  
ASN HXT  H  N N 57  
ASP N    N  N N 58  
ASP CA   C  N S 59  
ASP C    C  N N 60  
ASP O    O  N N 61  
ASP CB   C  N N 62  
ASP CG   C  N N 63  
ASP OD1  O  N N 64  
ASP OD2  O  N N 65  
ASP OXT  O  N N 66  
ASP H    H  N N 67  
ASP H2   H  N N 68  
ASP HA   H  N N 69  
ASP HB2  H  N N 70  
ASP HB3  H  N N 71  
ASP HD2  H  N N 72  
ASP HXT  H  N N 73  
GLN N    N  N N 74  
GLN CA   C  N S 75  
GLN C    C  N N 76  
GLN O    O  N N 77  
GLN CB   C  N N 78  
GLN CG   C  N N 79  
GLN CD   C  N N 80  
GLN OE1  O  N N 81  
GLN NE2  N  N N 82  
GLN OXT  O  N N 83  
GLN H    H  N N 84  
GLN H2   H  N N 85  
GLN HA   H  N N 86  
GLN HB2  H  N N 87  
GLN HB3  H  N N 88  
GLN HG2  H  N N 89  
GLN HG3  H  N N 90  
GLN HE21 H  N N 91  
GLN HE22 H  N N 92  
GLN HXT  H  N N 93  
GLU N    N  N N 94  
GLU CA   C  N S 95  
GLU C    C  N N 96  
GLU O    O  N N 97  
GLU CB   C  N N 98  
GLU CG   C  N N 99  
GLU CD   C  N N 100 
GLU OE1  O  N N 101 
GLU OE2  O  N N 102 
GLU OXT  O  N N 103 
GLU H    H  N N 104 
GLU H2   H  N N 105 
GLU HA   H  N N 106 
GLU HB2  H  N N 107 
GLU HB3  H  N N 108 
GLU HG2  H  N N 109 
GLU HG3  H  N N 110 
GLU HE2  H  N N 111 
GLU HXT  H  N N 112 
GLY N    N  N N 113 
GLY CA   C  N N 114 
GLY C    C  N N 115 
GLY O    O  N N 116 
GLY OXT  O  N N 117 
GLY H    H  N N 118 
GLY H2   H  N N 119 
GLY HA2  H  N N 120 
GLY HA3  H  N N 121 
GLY HXT  H  N N 122 
HIS N    N  N N 123 
HIS CA   C  N S 124 
HIS C    C  N N 125 
HIS O    O  N N 126 
HIS CB   C  N N 127 
HIS CG   C  Y N 128 
HIS ND1  N  Y N 129 
HIS CD2  C  Y N 130 
HIS CE1  C  Y N 131 
HIS NE2  N  Y N 132 
HIS OXT  O  N N 133 
HIS H    H  N N 134 
HIS H2   H  N N 135 
HIS HA   H  N N 136 
HIS HB2  H  N N 137 
HIS HB3  H  N N 138 
HIS HD1  H  N N 139 
HIS HD2  H  N N 140 
HIS HE1  H  N N 141 
HIS HE2  H  N N 142 
HIS HXT  H  N N 143 
HOH O    O  N N 144 
HOH H1   H  N N 145 
HOH H2   H  N N 146 
ILE N    N  N N 147 
ILE CA   C  N S 148 
ILE C    C  N N 149 
ILE O    O  N N 150 
ILE CB   C  N S 151 
ILE CG1  C  N N 152 
ILE CG2  C  N N 153 
ILE CD1  C  N N 154 
ILE OXT  O  N N 155 
ILE H    H  N N 156 
ILE H2   H  N N 157 
ILE HA   H  N N 158 
ILE HB   H  N N 159 
ILE HG12 H  N N 160 
ILE HG13 H  N N 161 
ILE HG21 H  N N 162 
ILE HG22 H  N N 163 
ILE HG23 H  N N 164 
ILE HD11 H  N N 165 
ILE HD12 H  N N 166 
ILE HD13 H  N N 167 
ILE HXT  H  N N 168 
LEU N    N  N N 169 
LEU CA   C  N S 170 
LEU C    C  N N 171 
LEU O    O  N N 172 
LEU CB   C  N N 173 
LEU CG   C  N N 174 
LEU CD1  C  N N 175 
LEU CD2  C  N N 176 
LEU OXT  O  N N 177 
LEU H    H  N N 178 
LEU H2   H  N N 179 
LEU HA   H  N N 180 
LEU HB2  H  N N 181 
LEU HB3  H  N N 182 
LEU HG   H  N N 183 
LEU HD11 H  N N 184 
LEU HD12 H  N N 185 
LEU HD13 H  N N 186 
LEU HD21 H  N N 187 
LEU HD22 H  N N 188 
LEU HD23 H  N N 189 
LEU HXT  H  N N 190 
LYS N    N  N N 191 
LYS CA   C  N S 192 
LYS C    C  N N 193 
LYS O    O  N N 194 
LYS CB   C  N N 195 
LYS CG   C  N N 196 
LYS CD   C  N N 197 
LYS CE   C  N N 198 
LYS NZ   N  N N 199 
LYS OXT  O  N N 200 
LYS H    H  N N 201 
LYS H2   H  N N 202 
LYS HA   H  N N 203 
LYS HB2  H  N N 204 
LYS HB3  H  N N 205 
LYS HG2  H  N N 206 
LYS HG3  H  N N 207 
LYS HD2  H  N N 208 
LYS HD3  H  N N 209 
LYS HE2  H  N N 210 
LYS HE3  H  N N 211 
LYS HZ1  H  N N 212 
LYS HZ2  H  N N 213 
LYS HZ3  H  N N 214 
LYS HXT  H  N N 215 
MSE N    N  N N 216 
MSE CA   C  N S 217 
MSE C    C  N N 218 
MSE O    O  N N 219 
MSE OXT  O  N N 220 
MSE CB   C  N N 221 
MSE CG   C  N N 222 
MSE SE   SE N N 223 
MSE CE   C  N N 224 
MSE H    H  N N 225 
MSE H2   H  N N 226 
MSE HA   H  N N 227 
MSE HXT  H  N N 228 
MSE HB2  H  N N 229 
MSE HB3  H  N N 230 
MSE HG2  H  N N 231 
MSE HG3  H  N N 232 
MSE HE1  H  N N 233 
MSE HE2  H  N N 234 
MSE HE3  H  N N 235 
PHE N    N  N N 236 
PHE CA   C  N S 237 
PHE C    C  N N 238 
PHE O    O  N N 239 
PHE CB   C  N N 240 
PHE CG   C  Y N 241 
PHE CD1  C  Y N 242 
PHE CD2  C  Y N 243 
PHE CE1  C  Y N 244 
PHE CE2  C  Y N 245 
PHE CZ   C  Y N 246 
PHE OXT  O  N N 247 
PHE H    H  N N 248 
PHE H2   H  N N 249 
PHE HA   H  N N 250 
PHE HB2  H  N N 251 
PHE HB3  H  N N 252 
PHE HD1  H  N N 253 
PHE HD2  H  N N 254 
PHE HE1  H  N N 255 
PHE HE2  H  N N 256 
PHE HZ   H  N N 257 
PHE HXT  H  N N 258 
PRO N    N  N N 259 
PRO CA   C  N S 260 
PRO C    C  N N 261 
PRO O    O  N N 262 
PRO CB   C  N N 263 
PRO CG   C  N N 264 
PRO CD   C  N N 265 
PRO OXT  O  N N 266 
PRO H    H  N N 267 
PRO HA   H  N N 268 
PRO HB2  H  N N 269 
PRO HB3  H  N N 270 
PRO HG2  H  N N 271 
PRO HG3  H  N N 272 
PRO HD2  H  N N 273 
PRO HD3  H  N N 274 
PRO HXT  H  N N 275 
SER N    N  N N 276 
SER CA   C  N S 277 
SER C    C  N N 278 
SER O    O  N N 279 
SER CB   C  N N 280 
SER OG   O  N N 281 
SER OXT  O  N N 282 
SER H    H  N N 283 
SER H2   H  N N 284 
SER HA   H  N N 285 
SER HB2  H  N N 286 
SER HB3  H  N N 287 
SER HG   H  N N 288 
SER HXT  H  N N 289 
SO4 S    S  N N 290 
SO4 O1   O  N N 291 
SO4 O2   O  N N 292 
SO4 O3   O  N N 293 
SO4 O4   O  N N 294 
THR N    N  N N 295 
THR CA   C  N S 296 
THR C    C  N N 297 
THR O    O  N N 298 
THR CB   C  N R 299 
THR OG1  O  N N 300 
THR CG2  C  N N 301 
THR OXT  O  N N 302 
THR H    H  N N 303 
THR H2   H  N N 304 
THR HA   H  N N 305 
THR HB   H  N N 306 
THR HG1  H  N N 307 
THR HG21 H  N N 308 
THR HG22 H  N N 309 
THR HG23 H  N N 310 
THR HXT  H  N N 311 
TYR N    N  N N 312 
TYR CA   C  N S 313 
TYR C    C  N N 314 
TYR O    O  N N 315 
TYR CB   C  N N 316 
TYR CG   C  Y N 317 
TYR CD1  C  Y N 318 
TYR CD2  C  Y N 319 
TYR CE1  C  Y N 320 
TYR CE2  C  Y N 321 
TYR CZ   C  Y N 322 
TYR OH   O  N N 323 
TYR OXT  O  N N 324 
TYR H    H  N N 325 
TYR H2   H  N N 326 
TYR HA   H  N N 327 
TYR HB2  H  N N 328 
TYR HB3  H  N N 329 
TYR HD1  H  N N 330 
TYR HD2  H  N N 331 
TYR HE1  H  N N 332 
TYR HE2  H  N N 333 
TYR HH   H  N N 334 
TYR HXT  H  N N 335 
VAL N    N  N N 336 
VAL CA   C  N S 337 
VAL C    C  N N 338 
VAL O    O  N N 339 
VAL CB   C  N N 340 
VAL CG1  C  N N 341 
VAL CG2  C  N N 342 
VAL OXT  O  N N 343 
VAL H    H  N N 344 
VAL H2   H  N N 345 
VAL HA   H  N N 346 
VAL HB   H  N N 347 
VAL HG11 H  N N 348 
VAL HG12 H  N N 349 
VAL HG13 H  N N 350 
VAL HG21 H  N N 351 
VAL HG22 H  N N 352 
VAL HG23 H  N N 353 
VAL HXT  H  N N 354 
# 
loop_
_chem_comp_bond.comp_id 
_chem_comp_bond.atom_id_1 
_chem_comp_bond.atom_id_2 
_chem_comp_bond.value_order 
_chem_comp_bond.pdbx_aromatic_flag 
_chem_comp_bond.pdbx_stereo_config 
_chem_comp_bond.pdbx_ordinal 
ALA N   CA   sing N N 1   
ALA N   H    sing N N 2   
ALA N   H2   sing N N 3   
ALA CA  C    sing N N 4   
ALA CA  CB   sing N N 5   
ALA CA  HA   sing N N 6   
ALA C   O    doub N N 7   
ALA C   OXT  sing N N 8   
ALA CB  HB1  sing N N 9   
ALA CB  HB2  sing N N 10  
ALA CB  HB3  sing N N 11  
ALA OXT HXT  sing N N 12  
ARG N   CA   sing N N 13  
ARG N   H    sing N N 14  
ARG N   H2   sing N N 15  
ARG CA  C    sing N N 16  
ARG CA  CB   sing N N 17  
ARG CA  HA   sing N N 18  
ARG C   O    doub N N 19  
ARG C   OXT  sing N N 20  
ARG CB  CG   sing N N 21  
ARG CB  HB2  sing N N 22  
ARG CB  HB3  sing N N 23  
ARG CG  CD   sing N N 24  
ARG CG  HG2  sing N N 25  
ARG CG  HG3  sing N N 26  
ARG CD  NE   sing N N 27  
ARG CD  HD2  sing N N 28  
ARG CD  HD3  sing N N 29  
ARG NE  CZ   sing N N 30  
ARG NE  HE   sing N N 31  
ARG CZ  NH1  sing N N 32  
ARG CZ  NH2  doub N N 33  
ARG NH1 HH11 sing N N 34  
ARG NH1 HH12 sing N N 35  
ARG NH2 HH21 sing N N 36  
ARG NH2 HH22 sing N N 37  
ARG OXT HXT  sing N N 38  
ASN N   CA   sing N N 39  
ASN N   H    sing N N 40  
ASN N   H2   sing N N 41  
ASN CA  C    sing N N 42  
ASN CA  CB   sing N N 43  
ASN CA  HA   sing N N 44  
ASN C   O    doub N N 45  
ASN C   OXT  sing N N 46  
ASN CB  CG   sing N N 47  
ASN CB  HB2  sing N N 48  
ASN CB  HB3  sing N N 49  
ASN CG  OD1  doub N N 50  
ASN CG  ND2  sing N N 51  
ASN ND2 HD21 sing N N 52  
ASN ND2 HD22 sing N N 53  
ASN OXT HXT  sing N N 54  
ASP N   CA   sing N N 55  
ASP N   H    sing N N 56  
ASP N   H2   sing N N 57  
ASP CA  C    sing N N 58  
ASP CA  CB   sing N N 59  
ASP CA  HA   sing N N 60  
ASP C   O    doub N N 61  
ASP C   OXT  sing N N 62  
ASP CB  CG   sing N N 63  
ASP CB  HB2  sing N N 64  
ASP CB  HB3  sing N N 65  
ASP CG  OD1  doub N N 66  
ASP CG  OD2  sing N N 67  
ASP OD2 HD2  sing N N 68  
ASP OXT HXT  sing N N 69  
GLN N   CA   sing N N 70  
GLN N   H    sing N N 71  
GLN N   H2   sing N N 72  
GLN CA  C    sing N N 73  
GLN CA  CB   sing N N 74  
GLN CA  HA   sing N N 75  
GLN C   O    doub N N 76  
GLN C   OXT  sing N N 77  
GLN CB  CG   sing N N 78  
GLN CB  HB2  sing N N 79  
GLN CB  HB3  sing N N 80  
GLN CG  CD   sing N N 81  
GLN CG  HG2  sing N N 82  
GLN CG  HG3  sing N N 83  
GLN CD  OE1  doub N N 84  
GLN CD  NE2  sing N N 85  
GLN NE2 HE21 sing N N 86  
GLN NE2 HE22 sing N N 87  
GLN OXT HXT  sing N N 88  
GLU N   CA   sing N N 89  
GLU N   H    sing N N 90  
GLU N   H2   sing N N 91  
GLU CA  C    sing N N 92  
GLU CA  CB   sing N N 93  
GLU CA  HA   sing N N 94  
GLU C   O    doub N N 95  
GLU C   OXT  sing N N 96  
GLU CB  CG   sing N N 97  
GLU CB  HB2  sing N N 98  
GLU CB  HB3  sing N N 99  
GLU CG  CD   sing N N 100 
GLU CG  HG2  sing N N 101 
GLU CG  HG3  sing N N 102 
GLU CD  OE1  doub N N 103 
GLU CD  OE2  sing N N 104 
GLU OE2 HE2  sing N N 105 
GLU OXT HXT  sing N N 106 
GLY N   CA   sing N N 107 
GLY N   H    sing N N 108 
GLY N   H2   sing N N 109 
GLY CA  C    sing N N 110 
GLY CA  HA2  sing N N 111 
GLY CA  HA3  sing N N 112 
GLY C   O    doub N N 113 
GLY C   OXT  sing N N 114 
GLY OXT HXT  sing N N 115 
HIS N   CA   sing N N 116 
HIS N   H    sing N N 117 
HIS N   H2   sing N N 118 
HIS CA  C    sing N N 119 
HIS CA  CB   sing N N 120 
HIS CA  HA   sing N N 121 
HIS C   O    doub N N 122 
HIS C   OXT  sing N N 123 
HIS CB  CG   sing N N 124 
HIS CB  HB2  sing N N 125 
HIS CB  HB3  sing N N 126 
HIS CG  ND1  sing Y N 127 
HIS CG  CD2  doub Y N 128 
HIS ND1 CE1  doub Y N 129 
HIS ND1 HD1  sing N N 130 
HIS CD2 NE2  sing Y N 131 
HIS CD2 HD2  sing N N 132 
HIS CE1 NE2  sing Y N 133 
HIS CE1 HE1  sing N N 134 
HIS NE2 HE2  sing N N 135 
HIS OXT HXT  sing N N 136 
HOH O   H1   sing N N 137 
HOH O   H2   sing N N 138 
ILE N   CA   sing N N 139 
ILE N   H    sing N N 140 
ILE N   H2   sing N N 141 
ILE CA  C    sing N N 142 
ILE CA  CB   sing N N 143 
ILE CA  HA   sing N N 144 
ILE C   O    doub N N 145 
ILE C   OXT  sing N N 146 
ILE CB  CG1  sing N N 147 
ILE CB  CG2  sing N N 148 
ILE CB  HB   sing N N 149 
ILE CG1 CD1  sing N N 150 
ILE CG1 HG12 sing N N 151 
ILE CG1 HG13 sing N N 152 
ILE CG2 HG21 sing N N 153 
ILE CG2 HG22 sing N N 154 
ILE CG2 HG23 sing N N 155 
ILE CD1 HD11 sing N N 156 
ILE CD1 HD12 sing N N 157 
ILE CD1 HD13 sing N N 158 
ILE OXT HXT  sing N N 159 
LEU N   CA   sing N N 160 
LEU N   H    sing N N 161 
LEU N   H2   sing N N 162 
LEU CA  C    sing N N 163 
LEU CA  CB   sing N N 164 
LEU CA  HA   sing N N 165 
LEU C   O    doub N N 166 
LEU C   OXT  sing N N 167 
LEU CB  CG   sing N N 168 
LEU CB  HB2  sing N N 169 
LEU CB  HB3  sing N N 170 
LEU CG  CD1  sing N N 171 
LEU CG  CD2  sing N N 172 
LEU CG  HG   sing N N 173 
LEU CD1 HD11 sing N N 174 
LEU CD1 HD12 sing N N 175 
LEU CD1 HD13 sing N N 176 
LEU CD2 HD21 sing N N 177 
LEU CD2 HD22 sing N N 178 
LEU CD2 HD23 sing N N 179 
LEU OXT HXT  sing N N 180 
LYS N   CA   sing N N 181 
LYS N   H    sing N N 182 
LYS N   H2   sing N N 183 
LYS CA  C    sing N N 184 
LYS CA  CB   sing N N 185 
LYS CA  HA   sing N N 186 
LYS C   O    doub N N 187 
LYS C   OXT  sing N N 188 
LYS CB  CG   sing N N 189 
LYS CB  HB2  sing N N 190 
LYS CB  HB3  sing N N 191 
LYS CG  CD   sing N N 192 
LYS CG  HG2  sing N N 193 
LYS CG  HG3  sing N N 194 
LYS CD  CE   sing N N 195 
LYS CD  HD2  sing N N 196 
LYS CD  HD3  sing N N 197 
LYS CE  NZ   sing N N 198 
LYS CE  HE2  sing N N 199 
LYS CE  HE3  sing N N 200 
LYS NZ  HZ1  sing N N 201 
LYS NZ  HZ2  sing N N 202 
LYS NZ  HZ3  sing N N 203 
LYS OXT HXT  sing N N 204 
MSE N   CA   sing N N 205 
MSE N   H    sing N N 206 
MSE N   H2   sing N N 207 
MSE CA  C    sing N N 208 
MSE CA  CB   sing N N 209 
MSE CA  HA   sing N N 210 
MSE C   O    doub N N 211 
MSE C   OXT  sing N N 212 
MSE OXT HXT  sing N N 213 
MSE CB  CG   sing N N 214 
MSE CB  HB2  sing N N 215 
MSE CB  HB3  sing N N 216 
MSE CG  SE   sing N N 217 
MSE CG  HG2  sing N N 218 
MSE CG  HG3  sing N N 219 
MSE SE  CE   sing N N 220 
MSE CE  HE1  sing N N 221 
MSE CE  HE2  sing N N 222 
MSE CE  HE3  sing N N 223 
PHE N   CA   sing N N 224 
PHE N   H    sing N N 225 
PHE N   H2   sing N N 226 
PHE CA  C    sing N N 227 
PHE CA  CB   sing N N 228 
PHE CA  HA   sing N N 229 
PHE C   O    doub N N 230 
PHE C   OXT  sing N N 231 
PHE CB  CG   sing N N 232 
PHE CB  HB2  sing N N 233 
PHE CB  HB3  sing N N 234 
PHE CG  CD1  doub Y N 235 
PHE CG  CD2  sing Y N 236 
PHE CD1 CE1  sing Y N 237 
PHE CD1 HD1  sing N N 238 
PHE CD2 CE2  doub Y N 239 
PHE CD2 HD2  sing N N 240 
PHE CE1 CZ   doub Y N 241 
PHE CE1 HE1  sing N N 242 
PHE CE2 CZ   sing Y N 243 
PHE CE2 HE2  sing N N 244 
PHE CZ  HZ   sing N N 245 
PHE OXT HXT  sing N N 246 
PRO N   CA   sing N N 247 
PRO N   CD   sing N N 248 
PRO N   H    sing N N 249 
PRO CA  C    sing N N 250 
PRO CA  CB   sing N N 251 
PRO CA  HA   sing N N 252 
PRO C   O    doub N N 253 
PRO C   OXT  sing N N 254 
PRO CB  CG   sing N N 255 
PRO CB  HB2  sing N N 256 
PRO CB  HB3  sing N N 257 
PRO CG  CD   sing N N 258 
PRO CG  HG2  sing N N 259 
PRO CG  HG3  sing N N 260 
PRO CD  HD2  sing N N 261 
PRO CD  HD3  sing N N 262 
PRO OXT HXT  sing N N 263 
SER N   CA   sing N N 264 
SER N   H    sing N N 265 
SER N   H2   sing N N 266 
SER CA  C    sing N N 267 
SER CA  CB   sing N N 268 
SER CA  HA   sing N N 269 
SER C   O    doub N N 270 
SER C   OXT  sing N N 271 
SER CB  OG   sing N N 272 
SER CB  HB2  sing N N 273 
SER CB  HB3  sing N N 274 
SER OG  HG   sing N N 275 
SER OXT HXT  sing N N 276 
SO4 S   O1   doub N N 277 
SO4 S   O2   doub N N 278 
SO4 S   O3   sing N N 279 
SO4 S   O4   sing N N 280 
THR N   CA   sing N N 281 
THR N   H    sing N N 282 
THR N   H2   sing N N 283 
THR CA  C    sing N N 284 
THR CA  CB   sing N N 285 
THR CA  HA   sing N N 286 
THR C   O    doub N N 287 
THR C   OXT  sing N N 288 
THR CB  OG1  sing N N 289 
THR CB  CG2  sing N N 290 
THR CB  HB   sing N N 291 
THR OG1 HG1  sing N N 292 
THR CG2 HG21 sing N N 293 
THR CG2 HG22 sing N N 294 
THR CG2 HG23 sing N N 295 
THR OXT HXT  sing N N 296 
TYR N   CA   sing N N 297 
TYR N   H    sing N N 298 
TYR N   H2   sing N N 299 
TYR CA  C    sing N N 300 
TYR CA  CB   sing N N 301 
TYR CA  HA   sing N N 302 
TYR C   O    doub N N 303 
TYR C   OXT  sing N N 304 
TYR CB  CG   sing N N 305 
TYR CB  HB2  sing N N 306 
TYR CB  HB3  sing N N 307 
TYR CG  CD1  doub Y N 308 
TYR CG  CD2  sing Y N 309 
TYR CD1 CE1  sing Y N 310 
TYR CD1 HD1  sing N N 311 
TYR CD2 CE2  doub Y N 312 
TYR CD2 HD2  sing N N 313 
TYR CE1 CZ   doub Y N 314 
TYR CE1 HE1  sing N N 315 
TYR CE2 CZ   sing Y N 316 
TYR CE2 HE2  sing N N 317 
TYR CZ  OH   sing N N 318 
TYR OH  HH   sing N N 319 
TYR OXT HXT  sing N N 320 
VAL N   CA   sing N N 321 
VAL N   H    sing N N 322 
VAL N   H2   sing N N 323 
VAL CA  C    sing N N 324 
VAL CA  CB   sing N N 325 
VAL CA  HA   sing N N 326 
VAL C   O    doub N N 327 
VAL C   OXT  sing N N 328 
VAL CB  CG1  sing N N 329 
VAL CB  CG2  sing N N 330 
VAL CB  HB   sing N N 331 
VAL CG1 HG11 sing N N 332 
VAL CG1 HG12 sing N N 333 
VAL CG1 HG13 sing N N 334 
VAL CG2 HG21 sing N N 335 
VAL CG2 HG22 sing N N 336 
VAL CG2 HG23 sing N N 337 
VAL OXT HXT  sing N N 338 
# 
_atom_sites.entry_id                    2C5I 
_atom_sites.fract_transf_matrix[1][1]   -0.00978113 
_atom_sites.fract_transf_matrix[1][2]   -0.01375836 
_atom_sites.fract_transf_matrix[1][3]   0.00481887 
_atom_sites.fract_transf_matrix[2][1]   0.00064500 
_atom_sites.fract_transf_matrix[2][2]   -0.00586832 
_atom_sites.fract_transf_matrix[2][3]   0.01653254 
_atom_sites.fract_transf_matrix[3][1]   -0.01192605 
_atom_sites.fract_transf_matrix[3][2]   0.00986833 
_atom_sites.fract_transf_matrix[3][3]   0.00396810 
_atom_sites.fract_transf_vector[1]      0.577289 
_atom_sites.fract_transf_vector[2]      0.342193 
_atom_sites.fract_transf_vector[3]      0.212327 
# 
loop_
_atom_type.symbol 
C  
N  
O  
S  
SE 
# 
loop_
_atom_site.group_PDB 
_atom_site.id 
_atom_site.type_symbol 
_atom_site.label_atom_id 
_atom_site.label_alt_id 
_atom_site.label_comp_id 
_atom_site.label_asym_id 
_atom_site.label_entity_id 
_atom_site.label_seq_id 
_atom_site.pdbx_PDB_ins_code 
_atom_site.Cartn_x 
_atom_site.Cartn_y 
_atom_site.Cartn_z 
_atom_site.occupancy 
_atom_site.B_iso_or_equiv 
_atom_site.pdbx_formal_charge 
_atom_site.auth_seq_id 
_atom_site.auth_comp_id 
_atom_site.auth_asym_id 
_atom_site.auth_atom_id 
_atom_site.pdbx_PDB_model_num 
ATOM   1    N  N   . LYS A 1 7  ? -7.786  -12.608 -19.346 1.00 74.21 ? 8    LYS P N   1 
ATOM   2    C  CA  . LYS A 1 7  ? -6.546  -12.055 -18.714 1.00 73.72 ? 8    LYS P CA  1 
ATOM   3    C  C   . LYS A 1 7  ? -6.861  -10.700 -18.074 1.00 73.29 ? 8    LYS P C   1 
ATOM   4    O  O   . LYS A 1 7  ? -7.658  -9.935  -18.634 1.00 73.16 ? 8    LYS P O   1 
ATOM   5    C  CB  . LYS A 1 7  ? -5.416  -11.912 -19.757 1.00 74.28 ? 8    LYS P CB  1 
ATOM   6    C  CG  . LYS A 1 7  ? -4.955  -13.228 -20.420 1.00 74.47 ? 8    LYS P CG  1 
ATOM   7    C  CD  . LYS A 1 7  ? -3.984  -12.931 -21.551 1.00 74.52 ? 8    LYS P CD  1 
ATOM   8    C  CE  . LYS A 1 7  ? -3.480  -14.196 -22.280 1.00 75.44 ? 8    LYS P CE  1 
ATOM   9    N  NZ  . LYS A 1 7  ? -2.421  -13.822 -23.318 1.00 75.29 ? 8    LYS P NZ  1 
ATOM   10   N  N   . LYS A 1 8  ? -6.226  -10.417 -16.922 1.00 72.51 ? 9    LYS P N   1 
ATOM   11   C  CA  . LYS A 1 8  ? -6.564  -9.262  -16.043 1.00 71.35 ? 9    LYS P CA  1 
ATOM   12   C  C   . LYS A 1 8  ? -5.401  -8.856  -15.055 1.00 70.17 ? 9    LYS P C   1 
ATOM   13   O  O   . LYS A 1 8  ? -4.867  -9.708  -14.317 1.00 70.59 ? 9    LYS P O   1 
ATOM   14   C  CB  . LYS A 1 8  ? -7.857  -9.581  -15.252 1.00 71.78 ? 9    LYS P CB  1 
ATOM   15   C  CG  . LYS A 1 8  ? -9.184  -9.518  -16.080 1.00 73.29 ? 9    LYS P CG  1 
ATOM   16   C  CD  . LYS A 1 8  ? -10.466 -9.787  -15.257 1.00 73.28 ? 9    LYS P CD  1 
ATOM   17   C  CE  . LYS A 1 8  ? -10.617 -11.269 -14.815 1.00 75.45 ? 9    LYS P CE  1 
ATOM   18   N  NZ  . LYS A 1 8  ? -11.700 -11.445 -13.787 1.00 75.49 ? 9    LYS P NZ  1 
ATOM   19   N  N   . SER A 1 9  ? -5.052  -7.562  -14.993 1.00 67.83 ? 10   SER P N   1 
ATOM   20   C  CA  . SER A 1 9  ? -3.763  -7.136  -14.410 1.00 65.73 ? 10   SER P CA  1 
ATOM   21   C  C   . SER A 1 9  ? -3.775  -6.004  -13.321 1.00 63.52 ? 10   SER P C   1 
ATOM   22   O  O   . SER A 1 9  ? -3.897  -4.819  -13.620 1.00 62.81 ? 10   SER P O   1 
ATOM   23   C  CB  . SER A 1 9  ? -2.867  -6.765  -15.586 1.00 66.71 ? 10   SER P CB  1 
ATOM   24   O  OG  . SER A 1 9  ? -3.103  -7.643  -16.707 1.00 68.30 ? 10   SER P OG  1 
ATOM   25   N  N   . LEU A 1 10 ? -3.577  -6.387  -12.058 1.00 60.68 ? 11   LEU P N   1 
ATOM   26   C  CA  . LEU A 1 10 ? -3.830  -5.509  -10.927 1.00 58.44 ? 11   LEU P CA  1 
ATOM   27   C  C   . LEU A 1 10 ? -2.672  -4.681  -10.399 1.00 56.66 ? 11   LEU P C   1 
ATOM   28   O  O   . LEU A 1 10 ? -2.898  -3.731  -9.624  1.00 55.99 ? 11   LEU P O   1 
ATOM   29   C  CB  . LEU A 1 10 ? -4.388  -6.327  -9.768  1.00 58.08 ? 11   LEU P CB  1 
ATOM   30   C  CG  . LEU A 1 10 ? -5.882  -6.660  -9.824  1.00 57.83 ? 11   LEU P CG  1 
ATOM   31   C  CD1 . LEU A 1 10 ? -6.267  -7.494  -8.635  1.00 57.31 ? 11   LEU P CD1 1 
ATOM   32   C  CD2 . LEU A 1 10 ? -6.706  -5.390  -9.868  1.00 54.76 ? 11   LEU P CD2 1 
ATOM   33   N  N   . ARG A 1 11 ? -1.443  -5.042  -10.768 1.00 54.59 ? 12   ARG P N   1 
ATOM   34   C  CA  . ARG A 1 11 ? -0.242  -4.488  -10.123 1.00 52.70 ? 12   ARG P CA  1 
ATOM   35   C  C   . ARG A 1 11 ? 0.019   -3.132  -10.729 1.00 51.56 ? 12   ARG P C   1 
ATOM   36   O  O   . ARG A 1 11 ? -0.199  -2.949  -11.897 1.00 51.31 ? 12   ARG P O   1 
ATOM   37   C  CB  . ARG A 1 11 ? 0.982   -5.421  -10.319 1.00 51.85 ? 12   ARG P CB  1 
ATOM   38   C  CG  . ARG A 1 11 ? 0.979   -6.662  -9.405  1.00 50.88 ? 12   ARG P CG  1 
ATOM   39   C  CD  . ARG A 1 11 ? 2.075   -7.697  -9.702  1.00 49.86 ? 12   ARG P CD  1 
ATOM   40   N  NE  . ARG A 1 11 ? 1.783   -8.980  -9.056  1.00 46.47 ? 12   ARG P NE  1 
ATOM   41   C  CZ  . ARG A 1 11 ? 2.118   -9.321  -7.804  1.00 43.94 ? 12   ARG P CZ  1 
ATOM   42   N  NH1 . ARG A 1 11 ? 2.836   -8.530  -7.005  1.00 39.97 ? 12   ARG P NH1 1 
ATOM   43   N  NH2 . ARG A 1 11 ? 1.742   -10.504 -7.343  1.00 43.25 ? 12   ARG P NH2 1 
ATOM   44   N  N   . VAL A 1 12 ? 0.471   -2.189  -9.919  1.00 51.35 ? 13   VAL P N   1 
ATOM   45   C  CA  . VAL A 1 12 ? 0.759   -0.817  -10.347 1.00 51.24 ? 13   VAL P CA  1 
ATOM   46   C  C   . VAL A 1 12 ? 2.204   -0.708  -10.876 1.00 51.26 ? 13   VAL P C   1 
ATOM   47   O  O   . VAL A 1 12 ? 3.135   -1.248  -10.280 1.00 50.02 ? 13   VAL P O   1 
ATOM   48   C  CB  . VAL A 1 12 ? 0.515   0.189   -9.152  1.00 50.90 ? 13   VAL P CB  1 
ATOM   49   C  CG1 . VAL A 1 12 ? 1.225   1.528   -9.373  1.00 50.80 ? 13   VAL P CG1 1 
ATOM   50   C  CG2 . VAL A 1 12 ? -0.944  0.404   -8.953  1.00 48.93 ? 13   VAL P CG2 1 
ATOM   51   N  N   . SER A 1 13 ? 2.379   -0.024  -12.009 1.00 51.79 ? 14   SER P N   1 
ATOM   52   C  CA  . SER A 1 13 ? 3.698   0.147   -12.598 1.00 52.25 ? 14   SER P CA  1 
ATOM   53   C  C   . SER A 1 13 ? 4.455   1.228   -11.812 1.00 52.48 ? 14   SER P C   1 
ATOM   54   O  O   . SER A 1 13 ? 3.848   2.228   -11.382 1.00 52.52 ? 14   SER P O   1 
ATOM   55   C  CB  . SER A 1 13 ? 3.575   0.556   -14.042 1.00 52.50 ? 14   SER P CB  1 
ATOM   56   O  OG  . SER A 1 13 ? 2.700   1.663   -14.134 1.00 55.52 ? 14   SER P OG  1 
ATOM   57   N  N   . SER A 1 14 ? 5.746   0.962   -11.571 1.00 51.83 ? 15   SER P N   1 
ATOM   58   C  CA  . SER A 1 14 ? 6.707   1.870   -10.910 1.00 51.50 ? 15   SER P CA  1 
ATOM   59   C  C   . SER A 1 14 ? 6.746   1.726   -9.414  1.00 50.05 ? 15   SER P C   1 
ATOM   60   O  O   . SER A 1 14 ? 7.621   2.286   -8.771  1.00 51.39 ? 15   SER P O   1 
ATOM   61   C  CB  . SER A 1 14 ? 6.516   3.342   -11.288 1.00 51.64 ? 15   SER P CB  1 
ATOM   62   O  OG  . SER A 1 14 ? 6.836   3.551   -12.669 1.00 53.95 ? 15   SER P OG  1 
ATOM   63   N  N   . LEU A 1 15 ? 5.874   0.911   -8.858  1.00 48.10 ? 16   LEU P N   1 
ATOM   64   C  CA  . LEU A 1 15 ? 5.788   0.804   -7.402  1.00 46.96 ? 16   LEU P CA  1 
ATOM   65   C  C   . LEU A 1 15 ? 6.963   0.129   -6.720  1.00 46.01 ? 16   LEU P C   1 
ATOM   66   O  O   . LEU A 1 15 ? 7.357   0.533   -5.648  1.00 45.68 ? 16   LEU P O   1 
ATOM   67   C  CB  . LEU A 1 15 ? 4.498   0.046   -7.058  1.00 47.79 ? 16   LEU P CB  1 
ATOM   68   C  CG  . LEU A 1 15 ? 4.139   -0.530  -5.680  1.00 48.22 ? 16   LEU P CG  1 
ATOM   69   C  CD1 . LEU A 1 15 ? 4.527   0.349   -4.488  1.00 48.81 ? 16   LEU P CD1 1 
ATOM   70   C  CD2 . LEU A 1 15 ? 2.592   -0.789  -5.772  1.00 47.44 ? 16   LEU P CD2 1 
ATOM   71   N  N   . ASN A 1 16 ? 7.475   -0.955  -7.299  1.00 45.20 ? 17   ASN P N   1 
ATOM   72   C  CA  . ASN A 1 16 ? 8.707   -1.569  -6.796  1.00 44.90 ? 17   ASN P CA  1 
ATOM   73   C  C   . ASN A 1 16 ? 9.890   -0.583  -6.934  1.00 44.14 ? 17   ASN P C   1 
ATOM   74   O  O   . ASN A 1 16 ? 10.690  -0.433  -6.027  1.00 44.90 ? 17   ASN P O   1 
ATOM   75   C  CB  . ASN A 1 16 ? 9.006   -2.901  -7.511  1.00 43.89 ? 17   ASN P CB  1 
ATOM   76   C  CG  . ASN A 1 16 ? 7.899   -3.970  -7.292  1.00 45.97 ? 17   ASN P CG  1 
ATOM   77   O  OD1 . ASN A 1 16 ? 7.391   -4.161  -6.165  1.00 43.54 ? 17   ASN P OD1 1 
ATOM   78   N  ND2 . ASN A 1 16 ? 7.539   -4.676  -8.368  1.00 45.68 ? 17   ASN P ND2 1 
ATOM   79   N  N   . LYS A 1 17 ? 10.004  0.081   -8.064  1.00 43.95 ? 18   LYS P N   1 
ATOM   80   C  CA  . LYS A 1 17 ? 11.075  1.044   -8.268  1.00 44.98 ? 18   LYS P CA  1 
ATOM   81   C  C   . LYS A 1 17 ? 10.999  2.207   -7.293  1.00 44.15 ? 18   LYS P C   1 
ATOM   82   O  O   . LYS A 1 17 ? 11.993  2.565   -6.694  1.00 43.94 ? 18   LYS P O   1 
ATOM   83   C  CB  . LYS A 1 17 ? 11.034  1.537   -9.722  1.00 46.24 ? 18   LYS P CB  1 
ATOM   84   C  CG  . LYS A 1 17 ? 11.733  2.844   -9.982  1.00 47.83 ? 18   LYS P CG  1 
ATOM   85   C  CD  . LYS A 1 17 ? 11.595  3.249   -11.464 1.00 48.63 ? 18   LYS P CD  1 
ATOM   86   C  CE  . LYS A 1 17 ? 12.559  4.422   -11.832 1.00 50.58 ? 18   LYS P CE  1 
ATOM   87   N  NZ  . LYS A 1 17 ? 12.881  4.397   -13.294 1.00 51.50 ? 18   LYS P NZ  1 
ATOM   88   N  N   . ASP A 1 18 ? 9.810   2.771   -7.078  1.00 43.72 ? 19   ASP P N   1 
ATOM   89   C  CA  . ASP A 1 18 ? 9.686   3.820   -6.045  1.00 43.18 ? 19   ASP P CA  1 
ATOM   90   C  C   . ASP A 1 18 ? 9.985   3.293   -4.671  1.00 41.85 ? 19   ASP P C   1 
ATOM   91   O  O   . ASP A 1 18 ? 10.632  3.955   -3.893  1.00 41.37 ? 19   ASP P O   1 
ATOM   92   C  CB  . ASP A 1 18 ? 8.327   4.560   -6.122  1.00 43.26 ? 19   ASP P CB  1 
ATOM   93   C  CG  . ASP A 1 18 ? 8.050   5.115   -7.518  1.00 42.32 ? 19   ASP P CG  1 
ATOM   94   O  OD1 . ASP A 1 18 ? 9.006   5.422   -8.256  1.00 43.61 ? 19   ASP P OD1 1 
ATOM   95   O  OD2 . ASP A 1 18 ? 6.880   5.204   -7.918  1.00 44.18 ? 19   ASP P OD2 1 
ATOM   96   N  N   . ARG A 1 19 ? 9.582   2.071   -4.365  1.00 42.06 ? 20   ARG P N   1 
ATOM   97   C  CA  . ARG A 1 19 ? 9.920   1.527   -3.051  1.00 42.05 ? 20   ARG P CA  1 
ATOM   98   C  C   . ARG A 1 19 ? 11.438  1.463   -2.865  1.00 42.03 ? 20   ARG P C   1 
ATOM   99   O  O   . ARG A 1 19 ? 11.949  1.764   -1.775  1.00 41.30 ? 20   ARG P O   1 
ATOM   100  C  CB  . ARG A 1 19 ? 9.276   0.157   -2.806  1.00 41.57 ? 20   ARG P CB  1 
ATOM   101  C  CG  . ARG A 1 19 ? 7.804   0.218   -2.448  1.00 43.55 ? 20   ARG P CG  1 
ATOM   102  C  CD  . ARG A 1 19 ? 7.197   -1.177  -2.147  1.00 40.92 ? 20   ARG P CD  1 
ATOM   103  N  NE  . ARG A 1 19 ? 7.741   -1.726  -0.887  1.00 41.36 ? 20   ARG P NE  1 
ATOM   104  C  CZ  . ARG A 1 19 ? 7.563   -2.984  -0.451  1.00 38.32 ? 20   ARG P CZ  1 
ATOM   105  N  NH1 . ARG A 1 19 ? 6.826   -3.842  -1.153  1.00 35.00 ? 20   ARG P NH1 1 
ATOM   106  N  NH2 . ARG A 1 19 ? 8.100   -3.378  0.705   1.00 37.54 ? 20   ARG P NH2 1 
ATOM   107  N  N   . ARG A 1 20 ? 12.157  1.061   -3.920  1.00 42.28 ? 21   ARG P N   1 
ATOM   108  C  CA  . ARG A 1 20 ? 13.633  0.949   -3.828  1.00 43.34 ? 21   ARG P CA  1 
ATOM   109  C  C   . ARG A 1 20 ? 14.323  2.331   -3.595  1.00 42.52 ? 21   ARG P C   1 
ATOM   110  O  O   . ARG A 1 20 ? 15.240  2.432   -2.783  1.00 42.20 ? 21   ARG P O   1 
ATOM   111  C  CB  . ARG A 1 20 ? 14.195  0.215   -5.051  1.00 43.01 ? 21   ARG P CB  1 
ATOM   112  C  CG  . ARG A 1 20 ? 14.044  -1.326  -4.974  1.00 45.77 ? 21   ARG P CG  1 
ATOM   113  C  CD  . ARG A 1 20 ? 14.679  -2.040  -6.213  1.00 48.70 ? 21   ARG P CD  1 
ATOM   114  N  NE  . ARG A 1 20 ? 13.645  -2.351  -7.214  1.00 57.12 ? 21   ARG P NE  1 
ATOM   115  C  CZ  . ARG A 1 20 ? 13.558  -1.844  -8.446  1.00 57.32 ? 21   ARG P CZ  1 
ATOM   116  N  NH1 . ARG A 1 20 ? 14.478  -0.997  -8.896  1.00 59.50 ? 21   ARG P NH1 1 
ATOM   117  N  NH2 . ARG A 1 20 ? 12.540  -2.201  -9.236  1.00 56.02 ? 21   ARG P NH2 1 
ATOM   118  N  N   . LEU A 1 21 ? 13.842  3.384   -4.258  1.00 41.80 ? 22   LEU P N   1 
ATOM   119  C  CA  . LEU A 1 21 ? 14.321  4.766   -3.978  1.00 42.02 ? 22   LEU P CA  1 
ATOM   120  C  C   . LEU A 1 21 ? 14.104  5.197   -2.522  1.00 42.00 ? 22   LEU P C   1 
ATOM   121  O  O   . LEU A 1 21 ? 14.993  5.770   -1.887  1.00 42.51 ? 22   LEU P O   1 
ATOM   122  C  CB  . LEU A 1 21 ? 13.660  5.765   -4.936  1.00 41.55 ? 22   LEU P CB  1 
ATOM   123  C  CG  . LEU A 1 21 ? 13.814  5.448   -6.431  1.00 41.05 ? 22   LEU P CG  1 
ATOM   124  C  CD1 . LEU A 1 21 ? 13.063  6.440   -7.329  1.00 40.03 ? 22   LEU P CD1 1 
ATOM   125  C  CD2 . LEU A 1 21 ? 15.287  5.375   -6.864  1.00 39.94 ? 22   LEU P CD2 1 
ATOM   126  N  N   . LEU A 1 22 ? 12.924  4.933   -1.967  1.00 42.21 ? 23   LEU P N   1 
ATOM   127  C  CA  . LEU A 1 22 ? 12.665  5.286   -0.577  1.00 42.34 ? 23   LEU P CA  1 
ATOM   128  C  C   . LEU A 1 22 ? 13.604  4.509   0.320   1.00 43.60 ? 23   LEU P C   1 
ATOM   129  O  O   . LEU A 1 22 ? 14.172  5.051   1.295   1.00 43.81 ? 23   LEU P O   1 
ATOM   130  C  CB  . LEU A 1 22 ? 11.206  5.018   -0.188  1.00 41.94 ? 23   LEU P CB  1 
ATOM   131  C  CG  . LEU A 1 22 ? 10.848  5.157   1.296   1.00 41.01 ? 23   LEU P CG  1 
ATOM   132  C  CD1 . LEU A 1 22 ? 11.014  6.568   1.771   1.00 37.83 ? 23   LEU P CD1 1 
ATOM   133  C  CD2 . LEU A 1 22 ? 9.419   4.699   1.589   1.00 42.29 ? 23   LEU P CD2 1 
ATOM   134  N  N   . LEU A 1 23 ? 13.773  3.229   0.006   1.00 44.98 ? 24   LEU P N   1 
ATOM   135  C  CA  . LEU A 1 23 ? 14.652  2.381   0.807   1.00 46.69 ? 24   LEU P CA  1 
ATOM   136  C  C   . LEU A 1 23 ? 16.134  2.815   0.778   1.00 46.77 ? 24   LEU P C   1 
ATOM   137  O  O   . LEU A 1 23 ? 16.804  2.779   1.805   1.00 45.10 ? 24   LEU P O   1 
ATOM   138  C  CB  . LEU A 1 23 ? 14.491  0.916   0.377   1.00 45.93 ? 24   LEU P CB  1 
ATOM   139  C  CG  . LEU A 1 23 ? 13.198  0.323   0.927   1.00 45.40 ? 24   LEU P CG  1 
ATOM   140  C  CD1 . LEU A 1 23 ? 12.782  -0.909  0.092   1.00 43.86 ? 24   LEU P CD1 1 
ATOM   141  C  CD2 . LEU A 1 23 ? 13.359  0.002   2.456   1.00 39.71 ? 24   LEU P CD2 1 
ATOM   142  N  N   . ARG A 1 24 ? 16.610  3.208   -0.400  1.00 48.96 ? 25   ARG P N   1 
ATOM   143  C  CA  . ARG A 1 24 ? 17.976  3.722   -0.597  1.00 51.36 ? 25   ARG P CA  1 
ATOM   144  C  C   . ARG A 1 24 ? 18.215  5.025   0.153   1.00 52.07 ? 25   ARG P C   1 
ATOM   145  O  O   . ARG A 1 24 ? 19.335  5.265   0.559   1.00 52.94 ? 25   ARG P O   1 
ATOM   146  C  CB  . ARG A 1 24 ? 18.313  3.942   -2.084  1.00 52.52 ? 25   ARG P CB  1 
ATOM   147  C  CG  . ARG A 1 24 ? 18.362  2.654   -2.999  1.00 54.70 ? 25   ARG P CG  1 
ATOM   148  C  CD  . ARG A 1 24 ? 18.434  3.021   -4.543  1.00 54.96 ? 25   ARG P CD  1 
ATOM   149  N  NE  . ARG A 1 24 ? 17.794  2.002   -5.414  1.00 58.61 ? 25   ARG P NE  1 
ATOM   150  C  CZ  . ARG A 1 24 ? 17.952  1.877   -6.751  1.00 59.85 ? 25   ARG P CZ  1 
ATOM   151  N  NH1 . ARG A 1 24 ? 18.784  2.677   -7.437  1.00 62.53 ? 25   ARG P NH1 1 
ATOM   152  N  NH2 . ARG A 1 24 ? 17.304  0.912   -7.416  1.00 59.39 ? 25   ARG P NH2 1 
ATOM   153  N  N   . GLU A 1 25 ? 17.190  5.854   0.363   1.00 52.56 ? 26   GLU P N   1 
ATOM   154  C  CA  . GLU A 1 25 ? 17.340  7.096   1.165   1.00 52.73 ? 26   GLU P CA  1 
ATOM   155  C  C   . GLU A 1 25 ? 17.542  6.848   2.617   1.00 51.97 ? 26   GLU P C   1 
ATOM   156  O  O   . GLU A 1 25 ? 17.833  7.749   3.334   1.00 51.97 ? 26   GLU P O   1 
ATOM   157  C  CB  . GLU A 1 25 ? 16.103  8.013   1.088   1.00 53.66 ? 26   GLU P CB  1 
ATOM   158  C  CG  . GLU A 1 25 ? 16.031  8.909   -0.113  1.00 58.31 ? 26   GLU P CG  1 
ATOM   159  C  CD  . GLU A 1 25 ? 17.272  9.794   -0.284  1.00 64.87 ? 26   GLU P CD  1 
ATOM   160  O  OE1 . GLU A 1 25 ? 17.964  10.099  0.742   1.00 67.55 ? 26   GLU P OE1 1 
ATOM   161  O  OE2 . GLU A 1 25 ? 17.544  10.182  -1.460  1.00 68.18 ? 26   GLU P OE2 1 
ATOM   162  N  N   . PHE A 1 26 ? 17.368  5.633   3.083   1.00 52.46 ? 27   PHE P N   1 
ATOM   163  C  CA  . PHE A 1 26 ? 17.184  5.396   4.523   1.00 52.24 ? 27   PHE P CA  1 
ATOM   164  C  C   . PHE A 1 26 ? 18.414  5.697   5.372   1.00 53.71 ? 27   PHE P C   1 
ATOM   165  O  O   . PHE A 1 26 ? 18.328  5.947   6.569   1.00 53.82 ? 27   PHE P O   1 
ATOM   166  C  CB  . PHE A 1 26 ? 16.746  3.942   4.701   1.00 50.97 ? 27   PHE P CB  1 
ATOM   167  C  CG  . PHE A 1 26 ? 16.515  3.534   6.104   1.00 48.22 ? 27   PHE P CG  1 
ATOM   168  C  CD1 . PHE A 1 26 ? 15.344  3.873   6.749   1.00 48.02 ? 27   PHE P CD1 1 
ATOM   169  C  CD2 . PHE A 1 26 ? 17.459  2.753   6.772   1.00 47.95 ? 27   PHE P CD2 1 
ATOM   170  C  CE1 . PHE A 1 26 ? 15.113  3.460   8.096   1.00 49.66 ? 27   PHE P CE1 1 
ATOM   171  C  CE2 . PHE A 1 26 ? 17.250  2.322   8.102   1.00 50.22 ? 27   PHE P CE2 1 
ATOM   172  C  CZ  . PHE A 1 26 ? 16.067  2.690   8.772   1.00 48.94 ? 27   PHE P CZ  1 
ATOM   173  N  N   . TYR A 1 27 ? 19.581  5.624   4.762   1.00 56.35 ? 28   TYR P N   1 
ATOM   174  C  CA  . TYR A 1 27 ? 20.807  5.807   5.517   1.00 58.10 ? 28   TYR P CA  1 
ATOM   175  C  C   . TYR A 1 27 ? 21.330  7.231   5.353   1.00 59.68 ? 28   TYR P C   1 
ATOM   176  O  O   . TYR A 1 27 ? 21.802  7.813   6.367   1.00 59.24 ? 28   TYR P O   1 
ATOM   177  C  CB  . TYR A 1 27 ? 21.822  4.723   5.169   1.00 57.01 ? 28   TYR P CB  1 
ATOM   178  C  CG  . TYR A 1 27 ? 21.415  3.397   5.776   1.00 55.02 ? 28   TYR P CG  1 
ATOM   179  C  CD1 . TYR A 1 27 ? 20.831  2.419   5.008   1.00 53.29 ? 28   TYR P CD1 1 
ATOM   180  C  CD2 . TYR A 1 27 ? 21.578  3.157   7.131   1.00 53.80 ? 28   TYR P CD2 1 
ATOM   181  C  CE1 . TYR A 1 27 ? 20.437  1.217   5.554   1.00 55.12 ? 28   TYR P CE1 1 
ATOM   182  C  CE2 . TYR A 1 27 ? 21.179  1.960   7.700   1.00 54.47 ? 28   TYR P CE2 1 
ATOM   183  C  CZ  . TYR A 1 27 ? 20.607  0.989   6.904   1.00 56.10 ? 28   TYR P CZ  1 
ATOM   184  O  OH  . TYR A 1 27 ? 20.198  -0.217  7.446   1.00 57.29 ? 28   TYR P OH  1 
ATOM   185  N  N   . ASN A 1 28 ? 21.198  7.765   4.114   1.00 60.69 ? 29   ASN P N   1 
ATOM   186  C  CA  . ASN A 1 28 ? 21.450  9.188   3.798   1.00 62.21 ? 29   ASN P CA  1 
ATOM   187  C  C   . ASN A 1 28 ? 21.377  10.157  4.989   1.00 63.09 ? 29   ASN P C   1 
ATOM   188  O  O   . ASN A 1 28 ? 20.340  10.774  5.216   1.00 62.65 ? 29   ASN P O   1 
ATOM   189  C  CB  . ASN A 1 28 ? 20.467  9.683   2.712   1.00 62.58 ? 29   ASN P CB  1 
ATOM   190  C  CG  . ASN A 1 28 ? 20.912  9.309   1.301   1.00 65.12 ? 29   ASN P CG  1 
ATOM   191  O  OD1 . ASN A 1 28 ? 21.309  10.178  0.517   1.00 68.09 ? 29   ASN P OD1 1 
ATOM   192  N  ND2 . ASN A 1 28 ? 20.871  8.012   0.977   1.00 67.63 ? 29   ASN P ND2 1 
ATOM   193  N  N   . LEU A 1 29 ? 22.475  10.244  5.755   1.00 64.98 ? 30   LEU P N   1 
ATOM   194  C  CA  . LEU A 1 29 ? 22.741  11.348  6.749   1.00 65.35 ? 30   LEU P CA  1 
ATOM   195  C  C   . LEU A 1 29 ? 24.280  11.636  6.834   1.00 66.62 ? 30   LEU P C   1 
ATOM   196  O  O   . LEU A 1 29 ? 24.891  12.021  5.792   1.00 66.89 ? 30   LEU P O   1 
ATOM   197  C  CB  . LEU A 1 29 ? 22.143  11.092  8.165   1.00 65.31 ? 30   LEU P CB  1 
ATOM   198  C  CG  . LEU A 1 29 ? 22.267  12.338  9.096   1.00 65.61 ? 30   LEU P CG  1 
ATOM   199  C  CD1 . LEU A 1 29 ? 21.573  13.560  8.487   1.00 66.18 ? 30   LEU P CD1 1 
ATOM   200  C  CD2 . LEU A 1 29 ? 21.805  12.141  10.552  1.00 64.87 ? 30   LEU P CD2 1 
ATOM   201  O  OXT . LEU A 1 29 ? 24.941  11.479  7.909   1.00 66.95 ? 30   LEU P OXT 1 
ATOM   202  N  N   . ASP B 2 6  ? 10.324  13.765  -4.389  1.00 58.46 ? 6    ASP T N   1 
ATOM   203  C  CA  . ASP B 2 6  ? 10.382  13.172  -3.022  1.00 57.53 ? 6    ASP T CA  1 
ATOM   204  C  C   . ASP B 2 6  ? 9.974   11.711  -3.122  1.00 57.42 ? 6    ASP T C   1 
ATOM   205  O  O   . ASP B 2 6  ? 8.904   11.427  -3.681  1.00 57.55 ? 6    ASP T O   1 
ATOM   206  C  CB  . ASP B 2 6  ? 9.401   13.885  -2.097  1.00 58.96 ? 6    ASP T CB  1 
ATOM   207  C  CG  . ASP B 2 6  ? 9.575   13.492  -0.641  1.00 60.10 ? 6    ASP T CG  1 
ATOM   208  O  OD1 . ASP B 2 6  ? 10.740  13.340  -0.193  1.00 62.52 ? 6    ASP T OD1 1 
ATOM   209  O  OD2 . ASP B 2 6  ? 8.541   13.349  0.053   1.00 63.15 ? 6    ASP T OD2 1 
ATOM   210  N  N   . PRO B 2 7  ? 10.796  10.774  -2.564  1.00 56.07 ? 7    PRO T N   1 
ATOM   211  C  CA  . PRO B 2 7  ? 10.500  9.352   -2.796  1.00 54.18 ? 7    PRO T CA  1 
ATOM   212  C  C   . PRO B 2 7  ? 9.355   8.839   -1.897  1.00 52.34 ? 7    PRO T C   1 
ATOM   213  O  O   . PRO B 2 7  ? 8.586   7.981   -2.295  1.00 52.14 ? 7    PRO T O   1 
ATOM   214  C  CB  . PRO B 2 7  ? 11.834  8.659   -2.475  1.00 54.75 ? 7    PRO T CB  1 
ATOM   215  C  CG  . PRO B 2 7  ? 12.556  9.588   -1.507  1.00 55.75 ? 7    PRO T CG  1 
ATOM   216  C  CD  . PRO B 2 7  ? 11.967  10.972  -1.675  1.00 55.74 ? 7    PRO T CD  1 
ATOM   217  N  N   . PHE B 2 8  ? 9.251   9.388   -0.706  1.00 50.31 ? 8    PHE T N   1 
ATOM   218  C  CA  . PHE B 2 8  ? 8.223   9.023   0.245   1.00 49.77 ? 8    PHE T CA  1 
ATOM   219  C  C   . PHE B 2 8  ? 6.881   9.385   -0.303  1.00 49.20 ? 8    PHE T C   1 
ATOM   220  O  O   . PHE B 2 8  ? 5.990   8.531   -0.419  1.00 49.92 ? 8    PHE T O   1 
ATOM   221  C  CB  . PHE B 2 8  ? 8.484   9.745   1.526   1.00 47.45 ? 8    PHE T CB  1 
ATOM   222  C  CG  . PHE B 2 8  ? 7.501   9.476   2.607   1.00 47.39 ? 8    PHE T CG  1 
ATOM   223  C  CD1 . PHE B 2 8  ? 7.872   8.715   3.735   1.00 44.34 ? 8    PHE T CD1 1 
ATOM   224  C  CD2 . PHE B 2 8  ? 6.246   10.072  2.589   1.00 47.19 ? 8    PHE T CD2 1 
ATOM   225  C  CE1 . PHE B 2 8  ? 6.991   8.502   4.776   1.00 42.58 ? 8    PHE T CE1 1 
ATOM   226  C  CE2 . PHE B 2 8  ? 5.352   9.853   3.644   1.00 44.39 ? 8    PHE T CE2 1 
ATOM   227  C  CZ  . PHE B 2 8  ? 5.738   9.075   4.728   1.00 44.37 ? 8    PHE T CZ  1 
ATOM   228  N  N   . GLN B 2 9  ? 6.719   10.632  -0.713  1.00 48.82 ? 9    GLN T N   1 
ATOM   229  C  CA  . GLN B 2 9  ? 5.443   11.013  -1.352  1.00 48.07 ? 9    GLN T CA  1 
ATOM   230  C  C   . GLN B 2 9  ? 5.097   10.155  -2.558  1.00 46.65 ? 9    GLN T C   1 
ATOM   231  O  O   . GLN B 2 9  ? 3.930   9.982   -2.890  1.00 47.04 ? 9    GLN T O   1 
ATOM   232  C  CB  . GLN B 2 9  ? 5.409   12.493  -1.767  1.00 47.86 ? 9    GLN T CB  1 
ATOM   233  C  CG  . GLN B 2 9  ? 5.244   13.462  -0.631  1.00 49.00 ? 9    GLN T CG  1 
ATOM   234  C  CD  . GLN B 2 9  ? 4.094   13.160  0.320   1.00 50.72 ? 9    GLN T CD  1 
ATOM   235  O  OE1 . GLN B 2 9  ? 4.249   13.268  1.537   1.00 50.89 ? 9    GLN T OE1 1 
ATOM   236  N  NE2 . GLN B 2 9  ? 2.935   12.806  -0.230  1.00 54.20 ? 9    GLN T NE2 1 
ATOM   237  N  N   . GLN B 2 10 ? 6.096   9.651   -3.242  1.00 45.55 ? 10   GLN T N   1 
ATOM   238  C  CA  . GLN B 2 10 ? 5.842   8.815   -4.419  1.00 44.63 ? 10   GLN T CA  1 
ATOM   239  C  C   . GLN B 2 10 ? 5.248   7.429   -4.063  1.00 43.19 ? 10   GLN T C   1 
ATOM   240  O  O   . GLN B 2 10 ? 4.415   6.882   -4.755  1.00 41.74 ? 10   GLN T O   1 
ATOM   241  C  CB  . GLN B 2 10 ? 7.161   8.591   -5.146  1.00 45.41 ? 10   GLN T CB  1 
ATOM   242  C  CG  . GLN B 2 10 ? 6.950   8.257   -6.606  1.00 48.22 ? 10   GLN T CG  1 
ATOM   243  C  CD  . GLN B 2 10 ? 6.308   9.394   -7.319  1.00 52.18 ? 10   GLN T CD  1 
ATOM   244  O  OE1 . GLN B 2 10 ? 6.826   10.514  -7.282  1.00 56.41 ? 10   GLN T OE1 1 
ATOM   245  N  NE2 . GLN B 2 10 ? 5.184   9.141   -7.967  1.00 50.00 ? 10   GLN T NE2 1 
ATOM   246  N  N   . VAL B 2 11 ? 5.765   6.859   -2.999  1.00 42.81 ? 11   VAL T N   1 
ATOM   247  C  CA  . VAL B 2 11 ? 5.326   5.577   -2.492  1.00 42.42 ? 11   VAL T CA  1 
ATOM   248  C  C   . VAL B 2 11 ? 3.917   5.741   -1.923  1.00 42.14 ? 11   VAL T C   1 
ATOM   249  O  O   . VAL B 2 11 ? 3.045   4.990   -2.296  1.00 41.69 ? 11   VAL T O   1 
ATOM   250  C  CB  . VAL B 2 11 ? 6.334   5.054   -1.479  1.00 42.50 ? 11   VAL T CB  1 
ATOM   251  C  CG1 . VAL B 2 11 ? 5.743   3.862   -0.612  1.00 40.38 ? 11   VAL T CG1 1 
ATOM   252  C  CG2 . VAL B 2 11 ? 7.601   4.688   -2.237  1.00 41.08 ? 11   VAL T CG2 1 
ATOM   253  N  N   . VAL B 2 12 ? 3.697   6.765   -1.099  1.00 42.22 ? 12   VAL T N   1 
ATOM   254  C  CA  . VAL B 2 12 ? 2.366   7.088   -0.576  1.00 42.20 ? 12   VAL T CA  1 
ATOM   255  C  C   . VAL B 2 12 ? 1.320   7.119   -1.677  1.00 43.02 ? 12   VAL T C   1 
ATOM   256  O  O   . VAL B 2 12 ? 0.245   6.588   -1.503  1.00 43.31 ? 12   VAL T O   1 
ATOM   257  C  CB  . VAL B 2 12 ? 2.318   8.415   0.220   1.00 41.62 ? 12   VAL T CB  1 
ATOM   258  C  CG1 . VAL B 2 12 ? 0.852   8.813   0.557   1.00 40.89 ? 12   VAL T CG1 1 
ATOM   259  C  CG2 . VAL B 2 12 ? 3.084   8.290   1.476   1.00 37.76 ? 12   VAL T CG2 1 
ATOM   260  N  N   . LYS B 2 13 ? 1.663   7.707   -2.817  1.00 43.56 ? 13   LYS T N   1 
ATOM   261  C  CA  . LYS B 2 13 ? 0.780   7.790   -3.983  1.00 42.60 ? 13   LYS T CA  1 
ATOM   262  C  C   . LYS B 2 13 ? 0.651   6.462   -4.690  1.00 41.73 ? 13   LYS T C   1 
ATOM   263  O  O   . LYS B 2 13 ? -0.406  6.122   -5.189  1.00 42.73 ? 13   LYS T O   1 
ATOM   264  C  CB  . LYS B 2 13 ? 1.350   8.847   -4.938  1.00 43.14 ? 13   LYS T CB  1 
ATOM   265  C  CG  . LYS B 2 13 ? 0.686   8.964   -6.322  1.00 44.93 ? 13   LYS T CG  1 
ATOM   266  C  CD  . LYS B 2 13 ? 1.382   10.073  -7.238  1.00 46.17 ? 13   LYS T CD  1 
ATOM   267  C  CE  . LYS B 2 13 ? 0.650   10.273  -8.607  1.00 47.96 ? 13   LYS T CE  1 
ATOM   268  N  NZ  . LYS B 2 13 ? 1.418   11.140  -9.622  1.00 49.23 ? 13   LYS T NZ  1 
ATOM   269  N  N   . ASP B 2 14 ? 1.750   5.725   -4.829  1.00 41.10 ? 14   ASP T N   1 
ATOM   270  C  CA  . ASP B 2 14 ? 1.704   4.414   -5.493  1.00 39.88 ? 14   ASP T CA  1 
ATOM   271  C  C   . ASP B 2 14 ? 0.719   3.493   -4.727  1.00 37.97 ? 14   ASP T C   1 
ATOM   272  O  O   . ASP B 2 14 ? -0.043  2.759   -5.334  1.00 37.04 ? 14   ASP T O   1 
ATOM   273  C  CB  . ASP B 2 14 ? 3.095   3.748   -5.537  1.00 40.21 ? 14   ASP T CB  1 
ATOM   274  C  CG  . ASP B 2 14 ? 4.070   4.402   -6.543  1.00 43.72 ? 14   ASP T CG  1 
ATOM   275  O  OD1 . ASP B 2 14 ? 3.641   5.177   -7.423  1.00 48.19 ? 14   ASP T OD1 1 
ATOM   276  O  OD2 . ASP B 2 14 ? 5.297   4.135   -6.437  1.00 45.77 ? 14   ASP T OD2 1 
ATOM   277  N  N   . THR B 2 15 ? 0.742   3.597   -3.408  1.00 36.27 ? 15   THR T N   1 
ATOM   278  C  CA  . THR B 2 15 ? 0.048   2.689   -2.514  1.00 37.68 ? 15   THR T CA  1 
ATOM   279  C  C   . THR B 2 15 ? -1.456  2.909   -2.494  1.00 36.99 ? 15   THR T C   1 
ATOM   280  O  O   . THR B 2 15 ? -2.219  1.975   -2.680  1.00 33.95 ? 15   THR T O   1 
ATOM   281  C  CB  . THR B 2 15 ? 0.593   2.852   -1.122  1.00 37.57 ? 15   THR T CB  1 
ATOM   282  O  OG1 . THR B 2 15 ? 2.013   2.735   -1.226  1.00 37.87 ? 15   THR T OG1 1 
ATOM   283  C  CG2 . THR B 2 15 ? 0.000   1.817   -0.107  1.00 36.23 ? 15   THR T CG2 1 
ATOM   284  N  N   . LYS B 2 16 ? -1.851  4.156   -2.287  1.00 37.92 ? 16   LYS T N   1 
ATOM   285  C  CA  . LYS B 2 16 ? -3.254  4.570   -2.436  1.00 38.68 ? 16   LYS T CA  1 
ATOM   286  C  C   . LYS B 2 16 ? -3.791  4.088   -3.746  1.00 38.43 ? 16   LYS T C   1 
ATOM   287  O  O   . LYS B 2 16 ? -4.857  3.460   -3.760  1.00 39.38 ? 16   LYS T O   1 
ATOM   288  C  CB  . LYS B 2 16 ? -3.400  6.099   -2.311  1.00 39.16 ? 16   LYS T CB  1 
ATOM   289  C  CG  . LYS B 2 16 ? -3.071  6.624   -0.903  1.00 41.39 ? 16   LYS T CG  1 
ATOM   290  C  CD  . LYS B 2 16 ? -3.934  7.845   -0.506  1.00 42.06 ? 16   LYS T CD  1 
ATOM   291  C  CE  . LYS B 2 16 ? -5.440  7.429   -0.316  1.00 42.24 ? 16   LYS T CE  1 
ATOM   292  N  NZ  . LYS B 2 16 ? -5.856  7.243   1.106   1.00 44.25 ? 16   LYS T NZ  1 
ATOM   293  N  N   . GLU B 2 17 ? -3.052  4.311   -4.835  1.00 37.98 ? 17   GLU T N   1 
ATOM   294  C  CA  . GLU B 2 17 ? -3.515  3.869   -6.171  1.00 37.52 ? 17   GLU T CA  1 
ATOM   295  C  C   . GLU B 2 17 ? -3.553  2.335   -6.365  1.00 36.71 ? 17   GLU T C   1 
ATOM   296  O  O   . GLU B 2 17 ? -4.414  1.791   -7.074  1.00 36.24 ? 17   GLU T O   1 
ATOM   297  C  CB  . GLU B 2 17 ? -2.649  4.545   -7.256  1.00 38.17 ? 17   GLU T CB  1 
ATOM   298  C  CG  . GLU B 2 17 ? -2.837  4.071   -8.732  1.00 41.74 ? 17   GLU T CG  1 
ATOM   299  C  CD  . GLU B 2 17 ? -4.286  4.232   -9.310  1.00 49.33 ? 17   GLU T CD  1 
ATOM   300  O  OE1 . GLU B 2 17 ? -5.141  4.947   -8.715  1.00 56.86 ? 17   GLU T OE1 1 
ATOM   301  O  OE2 . GLU B 2 17 ? -4.576  3.620   -10.377 1.00 55.02 ? 17   GLU T OE2 1 
ATOM   302  N  N   . GLN B 2 18 ? -2.617  1.635   -5.744  1.00 36.15 ? 18   GLN T N   1 
ATOM   303  C  CA  . GLN B 2 18 ? -2.638  0.154   -5.716  1.00 35.62 ? 18   GLN T CA  1 
ATOM   304  C  C   . GLN B 2 18 ? -3.854  -0.362  -4.958  1.00 33.88 ? 18   GLN T C   1 
ATOM   305  O  O   . GLN B 2 18 ? -4.573  -1.218  -5.427  1.00 33.85 ? 18   GLN T O   1 
ATOM   306  C  CB  . GLN B 2 18 ? -1.392  -0.371  -5.047  1.00 35.42 ? 18   GLN T CB  1 
ATOM   307  C  CG  . GLN B 2 18 ? -1.318  -1.886  -4.897  1.00 35.85 ? 18   GLN T CG  1 
ATOM   308  C  CD  . GLN B 2 18 ? -1.407  -2.590  -6.202  1.00 36.35 ? 18   GLN T CD  1 
ATOM   309  O  OE1 . GLN B 2 18 ? -0.401  -2.904  -6.768  1.00 38.69 ? 18   GLN T OE1 1 
ATOM   310  N  NE2 . GLN B 2 18 ? -2.626  -2.820  -6.711  1.00 36.59 ? 18   GLN T NE2 1 
ATOM   311  N  N   . LEU B 2 19 ? -4.074  0.202   -3.803  1.00 33.32 ? 19   LEU T N   1 
ATOM   312  C  CA  . LEU B 2 19 ? -5.230  -0.095  -2.977  1.00 34.23 ? 19   LEU T CA  1 
ATOM   313  C  C   . LEU B 2 19 ? -6.538  0.143   -3.723  1.00 34.52 ? 19   LEU T C   1 
ATOM   314  O  O   . LEU B 2 19 ? -7.419  -0.721  -3.691  1.00 34.65 ? 19   LEU T O   1 
ATOM   315  C  CB  . LEU B 2 19 ? -5.203  0.689   -1.647  1.00 34.16 ? 19   LEU T CB  1 
ATOM   316  C  CG  . LEU B 2 19 ? -4.176  0.191   -0.595  1.00 35.49 ? 19   LEU T CG  1 
ATOM   317  C  CD1 . LEU B 2 19 ? -4.224  0.904   0.782   1.00 31.71 ? 19   LEU T CD1 1 
ATOM   318  C  CD2 . LEU B 2 19 ? -4.314  -1.309  -0.371  1.00 34.85 ? 19   LEU T CD2 1 
ATOM   319  N  N   . ASN B 2 20 ? -6.644  1.289   -4.391  1.00 33.81 ? 20   ASN T N   1 
ATOM   320  C  CA  . ASN B 2 20 ? -7.797  1.613   -5.169  1.00 33.34 ? 20   ASN T CA  1 
ATOM   321  C  C   . ASN B 2 20 ? -8.055  0.696   -6.304  1.00 33.97 ? 20   ASN T C   1 
ATOM   322  O  O   . ASN B 2 20 ? -9.195  0.340   -6.558  1.00 33.28 ? 20   ASN T O   1 
ATOM   323  C  CB  . ASN B 2 20 ? -7.686  3.027   -5.688  1.00 33.89 ? 20   ASN T CB  1 
ATOM   324  C  CG  . ASN B 2 20 ? -8.073  4.066   -4.626  1.00 35.91 ? 20   ASN T CG  1 
ATOM   325  O  OD1 . ASN B 2 20 ? -7.402  5.108   -4.492  1.00 36.03 ? 20   ASN T OD1 1 
ATOM   326  N  ND2 . ASN B 2 20 ? -9.168  3.784   -3.865  1.00 31.47 ? 20   ASN T ND2 1 
ATOM   327  N  N   . ARG B 2 21 ? -6.996  0.305   -7.002  1.00 34.81 ? 21   ARG T N   1 
ATOM   328  C  CA  . ARG B 2 21 ? -7.086  -0.655  -8.092  1.00 34.91 ? 21   ARG T CA  1 
ATOM   329  C  C   . ARG B 2 21 ? -7.739  -1.996  -7.714  1.00 34.12 ? 21   ARG T C   1 
ATOM   330  O  O   . ARG B 2 21 ? -8.441  -2.609  -8.529  1.00 33.10 ? 21   ARG T O   1 
ATOM   331  C  CB  . ARG B 2 21 ? -5.684  -0.947  -8.661  1.00 35.37 ? 21   ARG T CB  1 
ATOM   332  C  CG  . ARG B 2 21 ? -5.764  -1.223  -10.160 1.00 40.51 ? 21   ARG T CG  1 
ATOM   333  C  CD  . ARG B 2 21 ? -4.474  -1.080  -10.941 1.00 40.51 ? 21   ARG T CD  1 
ATOM   334  N  NE  . ARG B 2 21 ? -4.100  0.291   -11.238 1.00 46.26 ? 21   ARG T NE  1 
ATOM   335  C  CZ  . ARG B 2 21 ? -3.177  0.630   -12.147 1.00 47.59 ? 21   ARG T CZ  1 
ATOM   336  N  NH1 . ARG B 2 21 ? -2.543  -0.277  -12.873 1.00 47.81 ? 21   ARG T NH1 1 
ATOM   337  N  NH2 . ARG B 2 21 ? -2.867  1.892   -12.318 1.00 51.31 ? 21   ARG T NH2 1 
ATOM   338  N  N   . ILE B 2 22 ? -7.427  -2.472  -6.504  1.00 33.50 ? 22   ILE T N   1 
ATOM   339  C  CA  . ILE B 2 22 ? -7.927  -3.731  -5.977  1.00 33.16 ? 22   ILE T CA  1 
ATOM   340  C  C   . ILE B 2 22 ? -9.341  -3.520  -5.479  1.00 32.48 ? 22   ILE T C   1 
ATOM   341  O  O   . ILE B 2 22 ? -10.205 -4.371  -5.643  1.00 30.88 ? 22   ILE T O   1 
ATOM   342  C  CB  . ILE B 2 22 ? -7.083  -4.242  -4.823  1.00 33.25 ? 22   ILE T CB  1 
ATOM   343  C  CG1 . ILE B 2 22 ? -5.705  -4.658  -5.383  1.00 34.78 ? 22   ILE T CG1 1 
ATOM   344  C  CG2 . ILE B 2 22 ? -7.759  -5.493  -4.179  1.00 31.28 ? 22   ILE T CG2 1 
ATOM   345  C  CD1 . ILE B 2 22 ? -4.668  -4.811  -4.282  1.00 33.18 ? 22   ILE T CD1 1 
ATOM   346  N  N   . ASN B 2 23 ? -9.583  -2.358  -4.923  1.00 32.56 ? 23   ASN T N   1 
ATOM   347  C  CA  . ASN B 2 23 ? -10.931 -1.975  -4.564  1.00 34.03 ? 23   ASN T CA  1 
ATOM   348  C  C   . ASN B 2 23 ? -11.911 -1.928  -5.690  1.00 35.00 ? 23   ASN T C   1 
ATOM   349  O  O   . ASN B 2 23 ? -13.003 -2.393  -5.551  1.00 34.57 ? 23   ASN T O   1 
ATOM   350  C  CB  . ASN B 2 23 ? -10.942 -0.620  -3.908  1.00 34.42 ? 23   ASN T CB  1 
ATOM   351  C  CG  . ASN B 2 23 ? -12.058 -0.499  -2.957  1.00 35.42 ? 23   ASN T CG  1 
ATOM   352  O  OD1 . ASN B 2 23 ? -12.357 -1.444  -2.280  1.00 36.91 ? 23   ASN T OD1 1 
ATOM   353  N  ND2 . ASN B 2 23 ? -12.722 0.633   -2.940  1.00 39.01 ? 23   ASN T ND2 1 
ATOM   354  N  N   . ASN B 2 24 ? -11.495 -1.354  -6.814  1.00 37.79 ? 24   ASN T N   1 
ATOM   355  C  CA  . ASN B 2 24 ? -12.293 -1.312  -8.018  1.00 38.94 ? 24   ASN T CA  1 
ATOM   356  C  C   . ASN B 2 24 ? -12.507 -2.681  -8.548  1.00 40.33 ? 24   ASN T C   1 
ATOM   357  O  O   . ASN B 2 24 ? -13.609 -2.966  -9.001  1.00 42.34 ? 24   ASN T O   1 
ATOM   358  C  CB  . ASN B 2 24 ? -11.652 -0.469  -9.137  1.00 39.73 ? 24   ASN T CB  1 
ATOM   359  C  CG  . ASN B 2 24 ? -11.378 0.972   -8.731  1.00 39.19 ? 24   ASN T CG  1 
ATOM   360  O  OD1 . ASN B 2 24 ? -11.920 1.487   -7.762  1.00 41.96 ? 24   ASN T OD1 1 
ATOM   361  N  ND2 . ASN B 2 24 ? -10.486 1.601   -9.448  1.00 40.60 ? 24   ASN T ND2 1 
ATOM   362  N  N   . TYR B 2 25 ? -11.488 -3.537  -8.508  1.00 41.67 ? 25   TYR T N   1 
ATOM   363  C  CA  . TYR B 2 25 ? -11.638 -4.913  -8.958  1.00 42.28 ? 25   TYR T CA  1 
ATOM   364  C  C   . TYR B 2 25 ? -12.702 -5.672  -8.123  1.00 43.07 ? 25   TYR T C   1 
ATOM   365  O  O   . TYR B 2 25 ? -13.596 -6.320  -8.666  1.00 41.41 ? 25   TYR T O   1 
ATOM   366  C  CB  . TYR B 2 25 ? -10.293 -5.671  -8.896  1.00 43.11 ? 25   TYR T CB  1 
ATOM   367  C  CG  . TYR B 2 25 ? -10.407 -7.096  -9.439  1.00 43.48 ? 25   TYR T CG  1 
ATOM   368  C  CD1 . TYR B 2 25 ? -10.243 -7.360  -10.805 1.00 45.26 ? 25   TYR T CD1 1 
ATOM   369  C  CD2 . TYR B 2 25 ? -10.768 -8.160  -8.611  1.00 43.37 ? 25   TYR T CD2 1 
ATOM   370  C  CE1 . TYR B 2 25 ? -10.391 -8.648  -11.310 1.00 43.07 ? 25   TYR T CE1 1 
ATOM   371  C  CE2 . TYR B 2 25 ? -10.928 -9.440  -9.116  1.00 42.63 ? 25   TYR T CE2 1 
ATOM   372  C  CZ  . TYR B 2 25 ? -10.739 -9.676  -10.461 1.00 44.26 ? 25   TYR T CZ  1 
ATOM   373  O  OH  . TYR B 2 25 ? -10.885 -10.978 -10.970 1.00 48.58 ? 25   TYR T OH  1 
ATOM   374  N  N   . ILE B 2 26 ? -12.579 -5.610  -6.804  1.00 43.93 ? 26   ILE T N   1 
ATOM   375  C  CA  . ILE B 2 26 ? -13.598 -6.182  -5.930  1.00 45.03 ? 26   ILE T CA  1 
ATOM   376  C  C   . ILE B 2 26 ? -14.991 -5.668  -6.278  1.00 47.60 ? 26   ILE T C   1 
ATOM   377  O  O   . ILE B 2 26 ? -15.932 -6.430  -6.283  1.00 47.51 ? 26   ILE T O   1 
ATOM   378  C  CB  . ILE B 2 26 ? -13.325 -5.872  -4.451  1.00 44.69 ? 26   ILE T CB  1 
ATOM   379  C  CG1 . ILE B 2 26 ? -12.111 -6.646  -3.965  1.00 43.68 ? 26   ILE T CG1 1 
ATOM   380  C  CG2 . ILE B 2 26 ? -14.526 -6.243  -3.569  1.00 44.26 ? 26   ILE T CG2 1 
ATOM   381  C  CD1 . ILE B 2 26 ? -11.673 -6.139  -2.638  1.00 43.91 ? 26   ILE T CD1 1 
ATOM   382  N  N   . THR B 2 27 ? -15.135 -4.383  -6.581  1.00 51.04 ? 27   THR T N   1 
ATOM   383  C  CA  . THR B 2 27 ? -16.435 -3.891  -6.951  1.00 54.13 ? 27   THR T CA  1 
ATOM   384  C  C   . THR B 2 27 ? -16.952 -4.475  -8.260  1.00 56.09 ? 27   THR T C   1 
ATOM   385  O  O   . THR B 2 27 ? -18.133 -4.773  -8.354  1.00 55.89 ? 27   THR T O   1 
ATOM   386  C  CB  . THR B 2 27 ? -16.495 -2.378  -6.985  1.00 54.18 ? 27   THR T CB  1 
ATOM   387  O  OG1 . THR B 2 27 ? -16.357 -1.886  -5.647  1.00 51.69 ? 27   THR T OG1 1 
ATOM   388  C  CG2 . THR B 2 27 ? -17.876 -1.904  -7.599  1.00 52.04 ? 27   THR T CG2 1 
ATOM   389  N  N   . ARG B 2 28 ? -16.091 -4.660  -9.252  1.00 59.15 ? 28   ARG T N   1 
ATOM   390  C  CA  . ARG B 2 28 ? -16.543 -5.256  -10.509 1.00 61.48 ? 28   ARG T CA  1 
ATOM   391  C  C   . ARG B 2 28 ? -16.709 -6.781  -10.509 1.00 63.11 ? 28   ARG T C   1 
ATOM   392  O  O   . ARG B 2 28 ? -17.443 -7.302  -11.327 1.00 63.92 ? 28   ARG T O   1 
ATOM   393  C  CB  . ARG B 2 28 ? -15.621 -4.891  -11.671 1.00 61.41 ? 28   ARG T CB  1 
ATOM   394  C  CG  . ARG B 2 28 ? -16.209 -5.346  -13.019 1.00 62.23 ? 28   ARG T CG  1 
ATOM   395  C  CD  . ARG B 2 28 ? -15.303 -5.086  -14.217 1.00 65.93 ? 28   ARG T CD  1 
ATOM   396  N  NE  . ARG B 2 28 ? -14.717 -3.747  -14.193 1.00 70.51 ? 28   ARG T NE  1 
ATOM   397  C  CZ  . ARG B 2 28 ? -13.897 -3.279  -15.125 1.00 72.47 ? 28   ARG T CZ  1 
ATOM   398  N  NH1 . ARG B 2 28 ? -13.558 -4.040  -16.171 1.00 75.29 ? 28   ARG T NH1 1 
ATOM   399  N  NH2 . ARG B 2 28 ? -13.410 -2.049  -15.008 1.00 72.15 ? 28   ARG T NH2 1 
ATOM   400  N  N   . HIS B 2 29 ? -16.012 -7.503  -9.643  1.00 65.27 ? 29   HIS T N   1 
ATOM   401  C  CA  . HIS B 2 29 ? -16.086 -8.952  -9.632  1.00 66.93 ? 29   HIS T CA  1 
ATOM   402  C  C   . HIS B 2 29 ? -16.474 -9.413  -8.226  1.00 68.99 ? 29   HIS T C   1 
ATOM   403  O  O   . HIS B 2 29 ? -15.785 -10.212 -7.614  1.00 69.17 ? 29   HIS T O   1 
ATOM   404  C  CB  . HIS B 2 29 ? -14.758 -9.558  -10.099 1.00 66.52 ? 29   HIS T CB  1 
ATOM   405  C  CG  . HIS B 2 29 ? -14.287 -9.049  -11.439 1.00 67.13 ? 29   HIS T CG  1 
ATOM   406  N  ND1 . HIS B 2 29 ? -14.406 -9.780  -12.608 1.00 67.44 ? 29   HIS T ND1 1 
ATOM   407  C  CD2 . HIS B 2 29 ? -13.675 -7.889  -11.787 1.00 66.58 ? 29   HIS T CD2 1 
ATOM   408  C  CE1 . HIS B 2 29 ? -13.905 -9.084  -13.614 1.00 67.43 ? 29   HIS T CE1 1 
ATOM   409  N  NE2 . HIS B 2 29 ? -13.459 -7.930  -13.144 1.00 67.03 ? 29   HIS T NE2 1 
ATOM   410  N  N   . ASN B 2 30 ? -17.602 -8.885  -7.731  1.00 71.79 ? 30   ASN T N   1 
ATOM   411  C  CA  . ASN B 2 30 ? -18.298 -9.339  -6.479  1.00 73.42 ? 30   ASN T CA  1 
ATOM   412  C  C   . ASN B 2 30 ? -18.128 -10.802 -6.067  1.00 75.15 ? 30   ASN T C   1 
ATOM   413  O  O   . ASN B 2 30 ? -18.173 -11.145 -4.873  1.00 75.54 ? 30   ASN T O   1 
ATOM   414  C  CB  . ASN B 2 30 ? -19.820 -9.125  -6.610  1.00 73.74 ? 30   ASN T CB  1 
ATOM   415  C  CG  . ASN B 2 30 ? -20.186 -7.684  -6.801  1.00 75.03 ? 30   ASN T CG  1 
ATOM   416  O  OD1 . ASN B 2 30 ? -19.337 -6.880  -7.202  1.00 77.92 ? 30   ASN T OD1 1 
ATOM   417  N  ND2 . ASN B 2 30 ? -21.451 -7.332  -6.522  1.00 75.79 ? 30   ASN T ND2 1 
ATOM   418  N  N   . THR B 2 31 ? -17.985 -11.650 -7.084  1.00 77.01 ? 31   THR T N   1 
ATOM   419  C  CA  . THR B 2 31 ? -17.931 -13.095 -6.936  1.00 77.58 ? 31   THR T CA  1 
ATOM   420  C  C   . THR B 2 31 ? -16.503 -13.498 -6.567  1.00 78.53 ? 31   THR T C   1 
ATOM   421  O  O   . THR B 2 31 ? -15.541 -13.131 -7.259  1.00 78.94 ? 31   THR T O   1 
ATOM   422  C  CB  . THR B 2 31 ? -18.409 -13.752 -8.260  1.00 77.99 ? 31   THR T CB  1 
ATOM   423  O  OG1 . THR B 2 31 ? -19.515 -12.990 -8.775  1.00 77.03 ? 31   THR T OG1 1 
ATOM   424  C  CG2 . THR B 2 31 ? -18.824 -15.232 -8.048  1.00 77.56 ? 31   THR T CG2 1 
ATOM   425  N  N   . ALA B 2 32 ? -16.389 -14.247 -5.470  1.00 79.07 ? 32   ALA T N   1 
ATOM   426  C  CA  . ALA B 2 32 ? -15.104 -14.569 -4.842  1.00 79.31 ? 32   ALA T CA  1 
ATOM   427  C  C   . ALA B 2 32 ? -14.418 -15.740 -5.554  1.00 79.85 ? 32   ALA T C   1 
ATOM   428  O  O   . ALA B 2 32 ? -14.098 -16.758 -4.921  1.00 80.17 ? 32   ALA T O   1 
ATOM   429  C  CB  . ALA B 2 32 ? -15.321 -14.888 -3.334  1.00 79.25 ? 32   ALA T CB  1 
ATOM   430  N  N   . GLY B 2 33 ? -14.166 -15.581 -6.859  1.00 79.86 ? 33   GLY T N   1 
ATOM   431  C  CA  . GLY B 2 33 ? -13.819 -16.719 -7.723  1.00 79.68 ? 33   GLY T CA  1 
ATOM   432  C  C   . GLY B 2 33 ? -12.342 -16.974 -8.036  1.00 79.63 ? 33   GLY T C   1 
ATOM   433  O  O   . GLY B 2 33 ? -11.625 -17.641 -7.260  1.00 79.66 ? 33   GLY T O   1 
ATOM   434  N  N   . ASP B 2 34 ? -11.921 -16.474 -9.205  1.00 79.17 ? 34   ASP T N   1 
ATOM   435  C  CA  . ASP B 2 34 ? -10.571 -16.629 -9.744  1.00 78.81 ? 34   ASP T CA  1 
ATOM   436  C  C   . ASP B 2 34 ? -9.632  -16.890 -8.569  1.00 78.55 ? 34   ASP T C   1 
ATOM   437  O  O   . ASP B 2 34 ? -9.341  -15.975 -7.779  1.00 78.95 ? 34   ASP T O   1 
ATOM   438  C  CB  . ASP B 2 34 ? -10.169 -15.352 -10.530 1.00 79.12 ? 34   ASP T CB  1 
ATOM   439  C  CG  . ASP B 2 34 ? -9.210  -15.624 -11.719 1.00 80.14 ? 34   ASP T CG  1 
ATOM   440  O  OD1 . ASP B 2 34 ? -8.650  -16.737 -11.824 1.00 82.41 ? 34   ASP T OD1 1 
ATOM   441  O  OD2 . ASP B 2 34 ? -9.012  -14.703 -12.554 1.00 79.34 ? 34   ASP T OD2 1 
ATOM   442  N  N   . ASP B 2 35 ? -9.225  -18.152 -8.410  1.00 77.69 ? 35   ASP T N   1 
ATOM   443  C  CA  . ASP B 2 35 ? -8.184  -18.514 -7.436  1.00 76.84 ? 35   ASP T CA  1 
ATOM   444  C  C   . ASP B 2 35 ? -6.853  -17.787 -7.714  1.00 75.58 ? 35   ASP T C   1 
ATOM   445  O  O   . ASP B 2 35 ? -6.143  -17.407 -6.783  1.00 74.66 ? 35   ASP T O   1 
ATOM   446  C  CB  . ASP B 2 35 ? -7.991  -20.029 -7.406  1.00 77.26 ? 35   ASP T CB  1 
ATOM   447  C  CG  . ASP B 2 35 ? -9.098  -20.738 -6.622  1.00 79.34 ? 35   ASP T CG  1 
ATOM   448  O  OD1 . ASP B 2 35 ? -10.204 -20.140 -6.459  1.00 79.73 ? 35   ASP T OD1 1 
ATOM   449  O  OD2 . ASP B 2 35 ? -8.842  -21.884 -6.164  1.00 81.26 ? 35   ASP T OD2 1 
ATOM   450  N  N   . ASP B 2 36 ? -6.565  -17.587 -9.002  1.00 74.28 ? 36   ASP T N   1 
ATOM   451  C  CA  . ASP B 2 36 ? -5.472  -16.740 -9.461  1.00 73.43 ? 36   ASP T CA  1 
ATOM   452  C  C   . ASP B 2 36 ? -5.559  -15.378 -8.775  1.00 72.15 ? 36   ASP T C   1 
ATOM   453  O  O   . ASP B 2 36 ? -4.735  -15.068 -7.921  1.00 71.72 ? 36   ASP T O   1 
ATOM   454  C  CB  . ASP B 2 36 ? -5.493  -16.575 -11.000 1.00 73.72 ? 36   ASP T CB  1 
ATOM   455  C  CG  . ASP B 2 36 ? -5.320  -17.914 -11.766 1.00 74.87 ? 36   ASP T CG  1 
ATOM   456  O  OD1 . ASP B 2 36 ? -4.936  -18.948 -11.149 1.00 74.88 ? 36   ASP T OD1 1 
ATOM   457  O  OD2 . ASP B 2 36 ? -5.573  -17.923 -13.001 1.00 76.18 ? 36   ASP T OD2 1 
ATOM   458  N  N   . GLN B 2 37 ? -6.579  -14.590 -9.106  1.00 70.74 ? 37   GLN T N   1 
ATOM   459  C  CA  . GLN B 2 37 ? -6.651  -13.212 -8.607  1.00 69.76 ? 37   GLN T CA  1 
ATOM   460  C  C   . GLN B 2 37 ? -6.809  -13.179 -7.096  1.00 66.93 ? 37   GLN T C   1 
ATOM   461  O  O   . GLN B 2 37 ? -6.311  -12.288 -6.441  1.00 67.61 ? 37   GLN T O   1 
ATOM   462  C  CB  . GLN B 2 37 ? -7.772  -12.421 -9.279  1.00 69.71 ? 37   GLN T CB  1 
ATOM   463  C  CG  . GLN B 2 37 ? -7.575  -12.261 -10.761 1.00 70.92 ? 37   GLN T CG  1 
ATOM   464  C  CD  . GLN B 2 37 ? -6.601  -11.161 -11.109 1.00 72.22 ? 37   GLN T CD  1 
ATOM   465  O  OE1 . GLN B 2 37 ? -6.964  -9.994  -11.106 1.00 76.21 ? 37   GLN T OE1 1 
ATOM   466  N  NE2 . GLN B 2 37 ? -5.377  -11.527 -11.464 1.00 71.53 ? 37   GLN T NE2 1 
ATOM   467  N  N   . GLU B 2 38 ? -7.492  -14.149 -6.538  1.00 63.73 ? 38   GLU T N   1 
ATOM   468  C  CA  . GLU B 2 38 ? -7.537  -14.275 -5.098  1.00 61.91 ? 38   GLU T CA  1 
ATOM   469  C  C   . GLU B 2 38 ? -6.117  -14.359 -4.494  1.00 59.49 ? 38   GLU T C   1 
ATOM   470  O  O   . GLU B 2 38 ? -5.852  -13.783 -3.433  1.00 57.90 ? 38   GLU T O   1 
ATOM   471  C  CB  . GLU B 2 38 ? -8.378  -15.522 -4.727  1.00 62.47 ? 38   GLU T CB  1 
ATOM   472  C  CG  . GLU B 2 38 ? -8.989  -15.527 -3.331  1.00 64.02 ? 38   GLU T CG  1 
ATOM   473  C  CD  . GLU B 2 38 ? -9.917  -16.761 -3.095  1.00 65.48 ? 38   GLU T CD  1 
ATOM   474  O  OE1 . GLU B 2 38 ? -10.830 -17.024 -3.919  1.00 67.92 ? 38   GLU T OE1 1 
ATOM   475  O  OE2 . GLU B 2 38 ? -9.708  -17.480 -2.081  1.00 71.51 ? 38   GLU T OE2 1 
ATOM   476  N  N   . GLU B 2 39 ? -5.223  -15.093 -5.162  1.00 57.23 ? 39   GLU T N   1 
ATOM   477  C  CA  . GLU B 2 39 ? -3.832  -15.239 -4.698  1.00 56.76 ? 39   GLU T CA  1 
ATOM   478  C  C   . GLU B 2 39 ? -3.092  -13.922 -4.938  1.00 52.81 ? 39   GLU T C   1 
ATOM   479  O  O   . GLU B 2 39 ? -2.428  -13.408 -4.048  1.00 52.25 ? 39   GLU T O   1 
ATOM   480  C  CB  . GLU B 2 39 ? -3.088  -16.416 -5.389  1.00 55.96 ? 39   GLU T CB  1 
ATOM   481  C  CG  . GLU B 2 39 ? -1.715  -16.778 -4.760  1.00 57.60 ? 39   GLU T CG  1 
ATOM   482  C  CD  . GLU B 2 39 ? -1.250  -18.277 -4.978  1.00 59.76 ? 39   GLU T CD  1 
ATOM   483  O  OE1 . GLU B 2 39 ? -1.567  -18.862 -6.062  1.00 62.18 ? 39   GLU T OE1 1 
ATOM   484  O  OE2 . GLU B 2 39 ? -0.541  -18.840 -4.069  1.00 61.52 ? 39   GLU T OE2 1 
ATOM   485  N  N   . GLU B 2 40 ? -3.230  -13.414 -6.155  1.00 49.09 ? 40   GLU T N   1 
ATOM   486  C  CA  . GLU B 2 40 ? -2.640  -12.168 -6.573  1.00 47.03 ? 40   GLU T CA  1 
ATOM   487  C  C   . GLU B 2 40 ? -3.063  -11.022 -5.638  1.00 45.15 ? 40   GLU T C   1 
ATOM   488  O  O   . GLU B 2 40 ? -2.232  -10.324 -5.121  1.00 43.79 ? 40   GLU T O   1 
ATOM   489  C  CB  . GLU B 2 40 ? -3.043  -11.891 -8.008  1.00 46.84 ? 40   GLU T CB  1 
ATOM   490  C  CG  . GLU B 2 40 ? -2.347  -10.706 -8.593  1.00 49.33 ? 40   GLU T CG  1 
ATOM   491  C  CD  . GLU B 2 40 ? -1.115  -11.042 -9.418  1.00 51.01 ? 40   GLU T CD  1 
ATOM   492  O  OE1 . GLU B 2 40 ? -0.798  -10.247 -10.337 1.00 48.22 ? 40   GLU T OE1 1 
ATOM   493  O  OE2 . GLU B 2 40 ? -0.465  -12.082 -9.141  1.00 54.61 ? 40   GLU T OE2 1 
ATOM   494  N  N   . ILE B 2 41 ? -4.354  -10.887 -5.373  1.00 43.15 ? 41   ILE T N   1 
ATOM   495  C  CA  . ILE B 2 41 ? -4.831  -9.918  -4.386  1.00 43.04 ? 41   ILE T CA  1 
ATOM   496  C  C   . ILE B 2 41 ? -4.222  -10.137 -3.015  1.00 42.37 ? 41   ILE T C   1 
ATOM   497  O  O   . ILE B 2 41 ? -3.892  -9.200  -2.313  1.00 43.86 ? 41   ILE T O   1 
ATOM   498  C  CB  . ILE B 2 41 ? -6.370  -9.925  -4.268  1.00 41.98 ? 41   ILE T CB  1 
ATOM   499  C  CG1 . ILE B 2 41 ? -6.971  -9.347  -5.552  1.00 42.28 ? 41   ILE T CG1 1 
ATOM   500  C  CG2 . ILE B 2 41 ? -6.834  -9.078  -3.074  1.00 40.22 ? 41   ILE T CG2 1 
ATOM   501  C  CD1 . ILE B 2 41 ? -8.467  -9.578  -5.743  1.00 42.08 ? 41   ILE T CD1 1 
ATOM   502  N  N   . GLN B 2 42 ? -4.077  -11.372 -2.597  1.00 42.28 ? 42   GLN T N   1 
ATOM   503  C  CA  . GLN B 2 42 ? -3.463  -11.606 -1.310  1.00 41.68 ? 42   GLN T CA  1 
ATOM   504  C  C   . GLN B 2 42 ? -1.955  -11.253 -1.290  1.00 40.38 ? 42   GLN T C   1 
ATOM   505  O  O   . GLN B 2 42 ? -1.497  -10.661 -0.332  1.00 40.45 ? 42   GLN T O   1 
ATOM   506  C  CB  . GLN B 2 42 ? -3.777  -13.032 -0.800  1.00 43.46 ? 42   GLN T CB  1 
ATOM   507  C  CG  . GLN B 2 42 ? -5.029  -13.109 0.134   1.00 45.58 ? 42   GLN T CG  1 
ATOM   508  C  CD  . GLN B 2 42 ? -5.016  -12.042 1.268   1.00 52.33 ? 42   GLN T CD  1 
ATOM   509  O  OE1 . GLN B 2 42 ? -3.972  -11.407 1.549   1.00 59.02 ? 42   GLN T OE1 1 
ATOM   510  N  NE2 . GLN B 2 42 ? -6.168  -11.838 1.909   1.00 51.31 ? 42   GLN T NE2 1 
ATOM   511  N  N   . ASP B 2 43 ? -1.236  -11.565 -2.363  1.00 38.85 ? 43   ASP T N   1 
ATOM   512  C  CA  . ASP B 2 43 ? 0.135   -11.158 -2.597  1.00 38.48 ? 43   ASP T CA  1 
ATOM   513  C  C   . ASP B 2 43 ? 0.340   -9.635  -2.521  1.00 37.75 ? 43   ASP T C   1 
ATOM   514  O  O   . ASP B 2 43 ? 1.176   -9.147  -1.799  1.00 35.59 ? 43   ASP T O   1 
ATOM   515  C  CB  . ASP B 2 43 ? 0.535   -11.578 -4.008  1.00 39.26 ? 43   ASP T CB  1 
ATOM   516  C  CG  . ASP B 2 43 ? 0.927   -13.091 -4.131  1.00 43.28 ? 43   ASP T CG  1 
ATOM   517  O  OD1 . ASP B 2 43 ? 0.991   -13.813 -3.102  1.00 47.50 ? 43   ASP T OD1 1 
ATOM   518  O  OD2 . ASP B 2 43 ? 1.214   -13.539 -5.274  1.00 44.19 ? 43   ASP T OD2 1 
ATOM   519  N  N   . ILE B 2 44 ? -0.441  -8.883  -3.281  1.00 37.54 ? 44   ILE T N   1 
ATOM   520  C  CA  . ILE B 2 44 ? -0.367  -7.399  -3.293  1.00 37.54 ? 44   ILE T CA  1 
ATOM   521  C  C   . ILE B 2 44 ? -0.669  -6.823  -1.903  1.00 37.07 ? 44   ILE T C   1 
ATOM   522  O  O   . ILE B 2 44 ? 0.044   -6.009  -1.408  1.00 36.91 ? 44   ILE T O   1 
ATOM   523  C  CB  . ILE B 2 44 ? -1.310  -6.833  -4.384  1.00 37.99 ? 44   ILE T CB  1 
ATOM   524  C  CG1 . ILE B 2 44 ? -0.900  -7.366  -5.775  1.00 37.94 ? 44   ILE T CG1 1 
ATOM   525  C  CG2 . ILE B 2 44 ? -1.272  -5.324  -4.450  1.00 37.99 ? 44   ILE T CG2 1 
ATOM   526  C  CD1 . ILE B 2 44 ? -1.940  -7.143  -6.820  1.00 38.40 ? 44   ILE T CD1 1 
ATOM   527  N  N   . LEU B 2 45 ? -1.680  -7.332  -1.226  1.00 36.88 ? 45   LEU T N   1 
ATOM   528  C  CA  . LEU B 2 45 ? -2.064  -6.794  0.065   1.00 36.24 ? 45   LEU T CA  1 
ATOM   529  C  C   . LEU B 2 45 ? -0.956  -7.002  1.115   1.00 35.47 ? 45   LEU T C   1 
ATOM   530  O  O   . LEU B 2 45 ? -0.750  -6.204  2.026   1.00 34.30 ? 45   LEU T O   1 
ATOM   531  C  CB  . LEU B 2 45 ? -3.395  -7.424  0.508   1.00 36.12 ? 45   LEU T CB  1 
ATOM   532  C  CG  . LEU B 2 45 ? -4.719  -6.952  -0.100  1.00 36.90 ? 45   LEU T CG  1 
ATOM   533  C  CD1 . LEU B 2 45 ? -5.935  -7.627  0.570   1.00 35.43 ? 45   LEU T CD1 1 
ATOM   534  C  CD2 . LEU B 2 45 ? -4.869  -5.410  -0.003  1.00 36.56 ? 45   LEU T CD2 1 
ATOM   535  N  N   . LYS B 2 46 ? -0.253  -8.114  0.973   1.00 35.51 ? 46   LYS T N   1 
ATOM   536  C  CA  . LYS B 2 46 ? 0.875   -8.398  1.807   1.00 35.23 ? 46   LYS T CA  1 
ATOM   537  C  C   . LYS B 2 46 ? 2.024   -7.413  1.534   1.00 34.10 ? 46   LYS T C   1 
ATOM   538  O  O   . LYS B 2 46 ? 2.640   -6.937  2.459   1.00 33.60 ? 46   LYS T O   1 
ATOM   539  C  CB  . LYS B 2 46 ? 1.369   -9.821  1.558   1.00 35.43 ? 46   LYS T CB  1 
ATOM   540  C  CG  . LYS B 2 46 ? 2.562   -10.222 2.459   1.00 35.61 ? 46   LYS T CG  1 
ATOM   541  C  CD  . LYS B 2 46 ? 2.249   -9.887  3.888   1.00 35.92 ? 46   LYS T CD  1 
ATOM   542  C  CE  . LYS B 2 46 ? 2.524   -10.982 4.896   1.00 38.09 ? 46   LYS T CE  1 
ATOM   543  N  NZ  . LYS B 2 46 ? 1.781   -10.637 6.182   1.00 37.98 ? 46   LYS T NZ  1 
ATOM   544  N  N   . ASP B 2 47 ? 2.300   -7.177  0.258   1.00 32.95 ? 47   ASP T N   1 
ATOM   545  C  CA  . ASP B 2 47 ? 3.269   -6.244  -0.199  1.00 33.44 ? 47   ASP T CA  1 
ATOM   546  C  C   . ASP B 2 47 ? 2.972   -4.859  0.397   1.00 33.03 ? 47   ASP T C   1 
ATOM   547  O  O   . ASP B 2 47 ? 3.867   -4.262  0.989   1.00 33.81 ? 47   ASP T O   1 
ATOM   548  C  CB  . ASP B 2 47 ? 3.305   -6.229  -1.735  1.00 33.82 ? 47   ASP T CB  1 
ATOM   549  C  CG  . ASP B 2 47 ? 3.961   -7.509  -2.333  1.00 37.95 ? 47   ASP T CG  1 
ATOM   550  O  OD1 . ASP B 2 47 ? 4.682   -8.246  -1.576  1.00 40.16 ? 47   ASP T OD1 1 
ATOM   551  O  OD2 . ASP B 2 47 ? 3.751   -7.767  -3.571  1.00 41.22 ? 47   ASP T OD2 1 
ATOM   552  N  N   . VAL B 2 48 ? 1.732   -4.394  0.298   1.00 31.93 ? 48   VAL T N   1 
ATOM   553  C  CA  . VAL B 2 48 ? 1.284   -3.171  0.983   1.00 32.60 ? 48   VAL T CA  1 
ATOM   554  C  C   . VAL B 2 48 ? 1.488   -3.150  2.518   1.00 33.55 ? 48   VAL T C   1 
ATOM   555  O  O   . VAL B 2 48 ? 1.848   -2.129  3.095   1.00 34.87 ? 48   VAL T O   1 
ATOM   556  C  CB  . VAL B 2 48 ? -0.221  -2.826  0.635   1.00 31.58 ? 48   VAL T CB  1 
ATOM   557  C  CG1 . VAL B 2 48 ? -0.647  -1.538  1.306   1.00 32.46 ? 48   VAL T CG1 1 
ATOM   558  C  CG2 . VAL B 2 48 ? -0.412  -2.676  -0.855  1.00 29.72 ? 48   VAL T CG2 1 
ATOM   559  N  N   . GLU B 2 49 ? 1.231   -4.234  3.221   1.00 34.52 ? 49   GLU T N   1 
ATOM   560  C  CA  . GLU B 2 49 ? 1.479   -4.219  4.672   1.00 35.77 ? 49   GLU T CA  1 
ATOM   561  C  C   . GLU B 2 49 ? 2.907   -3.874  4.929   1.00 34.72 ? 49   GLU T C   1 
ATOM   562  O  O   . GLU B 2 49 ? 3.202   -3.190  5.888   1.00 34.30 ? 49   GLU T O   1 
ATOM   563  C  CB  . GLU B 2 49 ? 1.263   -5.551  5.371   1.00 35.33 ? 49   GLU T CB  1 
ATOM   564  C  CG  . GLU B 2 49 ? -0.046  -6.190  5.112   1.00 40.00 ? 49   GLU T CG  1 
ATOM   565  C  CD  . GLU B 2 49 ? -0.327  -7.321  6.114   1.00 41.48 ? 49   GLU T CD  1 
ATOM   566  O  OE1 . GLU B 2 49 ? -1.527  -7.445  6.560   1.00 45.00 ? 49   GLU T OE1 1 
ATOM   567  O  OE2 . GLU B 2 49 ? 0.670   -8.058  6.424   1.00 48.77 ? 49   GLU T OE2 1 
ATOM   568  N  N   . GLU B 2 50 ? 3.785   -4.382  4.065   1.00 35.00 ? 50   GLU T N   1 
ATOM   569  C  CA  . GLU B 2 50 ? 5.223   -4.261  4.265   1.00 35.27 ? 50   GLU T CA  1 
ATOM   570  C  C   . GLU B 2 50 ? 5.718   -2.892  3.772   1.00 34.29 ? 50   GLU T C   1 
ATOM   571  O  O   . GLU B 2 50 ? 6.577   -2.295  4.369   1.00 32.50 ? 50   GLU T O   1 
ATOM   572  C  CB  . GLU B 2 50 ? 5.931   -5.421  3.593   1.00 35.00 ? 50   GLU T CB  1 
ATOM   573  C  CG  . GLU B 2 50 ? 5.423   -6.776  4.077   1.00 36.82 ? 50   GLU T CG  1 
ATOM   574  C  CD  . GLU B 2 50 ? 6.289   -7.917  3.651   1.00 36.68 ? 50   GLU T CD  1 
ATOM   575  O  OE1 . GLU B 2 50 ? 6.907   -7.779  2.592   1.00 36.75 ? 50   GLU T OE1 1 
ATOM   576  O  OE2 . GLU B 2 50 ? 6.357   -8.948  4.371   1.00 40.44 ? 50   GLU T OE2 1 
ATOM   577  N  N   . THR B 2 51 ? 5.146   -2.419  2.686   1.00 34.50 ? 51   THR T N   1 
ATOM   578  C  CA  . THR B 2 51 ? 5.350   -1.034  2.256   1.00 35.99 ? 51   THR T CA  1 
ATOM   579  C  C   . THR B 2 51 ? 5.032   0.034   3.330   1.00 37.45 ? 51   THR T C   1 
ATOM   580  O  O   . THR B 2 51 ? 5.642   1.077   3.341   1.00 37.60 ? 51   THR T O   1 
ATOM   581  C  CB  . THR B 2 51 ? 4.475   -0.735  1.058   1.00 35.31 ? 51   THR T CB  1 
ATOM   582  O  OG1 . THR B 2 51 ? 4.733   -1.715  0.050   1.00 32.89 ? 51   THR T OG1 1 
ATOM   583  C  CG2 . THR B 2 51 ? 4.723   0.651   0.545   1.00 32.66 ? 51   THR T CG2 1 
ATOM   584  N  N   . ILE B 2 52 ? 4.068   -0.262  4.217   1.00 38.42 ? 52   ILE T N   1 
ATOM   585  C  CA  . ILE B 2 52 ? 3.644   0.655   5.268   1.00 38.52 ? 52   ILE T CA  1 
ATOM   586  C  C   . ILE B 2 52 ? 4.624   0.646   6.431   1.00 38.68 ? 52   ILE T C   1 
ATOM   587  O  O   . ILE B 2 52 ? 4.842   1.658   7.079   1.00 38.24 ? 52   ILE T O   1 
ATOM   588  C  CB  . ILE B 2 52 ? 2.187   0.267   5.754   1.00 39.04 ? 52   ILE T CB  1 
ATOM   589  C  CG1 . ILE B 2 52 ? 1.123   0.627   4.680   1.00 39.04 ? 52   ILE T CG1 1 
ATOM   590  C  CG2 . ILE B 2 52 ? 1.851   0.881   7.121   1.00 37.84 ? 52   ILE T CG2 1 
ATOM   591  C  CD1 . ILE B 2 52 ? -0.260  0.011   5.031   1.00 37.86 ? 52   ILE T CD1 1 
ATOM   592  N  N   . VAL B 2 53 ? 5.157   -0.532  6.736   1.00 39.20 ? 53   VAL T N   1 
ATOM   593  C  CA  . VAL B 2 53 ? 6.379   -0.635  7.577   1.00 39.11 ? 53   VAL T CA  1 
ATOM   594  C  C   . VAL B 2 53 ? 7.560   0.173   6.963   1.00 39.18 ? 53   VAL T C   1 
ATOM   595  O  O   . VAL B 2 53 ? 8.265   0.819   7.693   1.00 38.78 ? 53   VAL T O   1 
ATOM   596  C  CB  . VAL B 2 53 ? 6.769   -2.123  7.884   1.00 39.85 ? 53   VAL T CB  1 
ATOM   597  C  CG1 . VAL B 2 53 ? 7.996   -2.199  8.732   1.00 36.78 ? 53   VAL T CG1 1 
ATOM   598  C  CG2 . VAL B 2 53 ? 5.563   -2.905  8.602   1.00 37.05 ? 53   VAL T CG2 1 
ATOM   599  N  N   . ASP B 2 54 ? 7.761   0.162   5.642   1.00 38.85 ? 54   ASP T N   1 
ATOM   600  C  CA  . ASP B 2 54 ? 8.846   0.960   5.058   1.00 39.10 ? 54   ASP T CA  1 
ATOM   601  C  C   . ASP B 2 54 ? 8.591   2.460   5.370   1.00 39.65 ? 54   ASP T C   1 
ATOM   602  O  O   . ASP B 2 54 ? 9.398   3.098   6.022   1.00 39.59 ? 54   ASP T O   1 
ATOM   603  C  CB  . ASP B 2 54 ? 8.964   0.769   3.531   1.00 38.80 ? 54   ASP T CB  1 
ATOM   604  C  CG  . ASP B 2 54 ? 9.467   -0.637  3.118   1.00 40.92 ? 54   ASP T CG  1 
ATOM   605  O  OD1 . ASP B 2 54 ? 9.917   -1.426  4.014   1.00 34.95 ? 54   ASP T OD1 1 
ATOM   606  O  OD2 . ASP B 2 54 ? 9.364   -0.938  1.882   1.00 37.08 ? 54   ASP T OD2 1 
ATOM   607  N  N   . LEU B 2 55 ? 7.458   3.006   4.897   1.00 39.95 ? 55   LEU T N   1 
ATOM   608  C  CA  . LEU B 2 55 ? 6.997   4.371   5.275   1.00 39.42 ? 55   LEU T CA  1 
ATOM   609  C  C   . LEU B 2 55 ? 7.105   4.716   6.772   1.00 39.77 ? 55   LEU T C   1 
ATOM   610  O  O   . LEU B 2 55 ? 7.634   5.789   7.133   1.00 40.25 ? 55   LEU T O   1 
ATOM   611  C  CB  . LEU B 2 55 ? 5.567   4.622   4.798   1.00 38.84 ? 55   LEU T CB  1 
ATOM   612  C  CG  . LEU B 2 55 ? 5.294   4.599   3.280   1.00 37.74 ? 55   LEU T CG  1 
ATOM   613  C  CD1 . LEU B 2 55 ? 3.808   4.649   3.009   1.00 33.39 ? 55   LEU T CD1 1 
ATOM   614  C  CD2 . LEU B 2 55 ? 6.025   5.704   2.567   1.00 35.01 ? 55   LEU T CD2 1 
ATOM   615  N  N   . ASP B 2 56 ? 6.626   3.855   7.653   1.00 39.50 ? 56   ASP T N   1 
ATOM   616  C  CA  . ASP B 2 56 ? 6.783   4.130   9.087   1.00 39.82 ? 56   ASP T CA  1 
ATOM   617  C  C   . ASP B 2 56 ? 8.245   4.227   9.503   1.00 40.55 ? 56   ASP T C   1 
ATOM   618  O  O   . ASP B 2 56 ? 8.622   5.045   10.413  1.00 41.49 ? 56   ASP T O   1 
ATOM   619  C  CB  . ASP B 2 56 ? 6.170   3.045   9.955   1.00 40.11 ? 56   ASP T CB  1 
ATOM   620  C  CG  . ASP B 2 56 ? 4.708   3.236   10.184  1.00 43.61 ? 56   ASP T CG  1 
ATOM   621  O  OD1 . ASP B 2 56 ? 4.216   4.353   9.971   1.00 49.05 ? 56   ASP T OD1 1 
ATOM   622  O  OD2 . ASP B 2 56 ? 4.030   2.257   10.583  1.00 52.71 ? 56   ASP T OD2 1 
ATOM   623  N  N   . ARG B 2 57 ? 9.056   3.362   8.893   1.00 39.64 ? 57   ARG T N   1 
ATOM   624  C  CA  . ARG B 2 57 ? 10.467  3.282   9.246   1.00 39.72 ? 57   ARG T CA  1 
ATOM   625  C  C   . ARG B 2 57 ? 11.186  4.541   8.834   1.00 39.55 ? 57   ARG T C   1 
ATOM   626  O  O   . ARG B 2 57 ? 12.029  5.028   9.556   1.00 37.67 ? 57   ARG T O   1 
ATOM   627  C  CB  . ARG B 2 57 ? 11.135  2.048   8.619   1.00 39.20 ? 57   ARG T CB  1 
ATOM   628  C  CG  . ARG B 2 57 ? 10.973  0.798   9.470   1.00 39.56 ? 57   ARG T CG  1 
ATOM   629  C  CD  . ARG B 2 57 ? 11.408  -0.497  8.728   1.00 38.73 ? 57   ARG T CD  1 
ATOM   630  N  NE  . ARG B 2 57 ? 11.116  -1.676  9.546   1.00 37.12 ? 57   ARG T NE  1 
ATOM   631  C  CZ  . ARG B 2 57 ? 11.332  -2.946  9.184   1.00 36.85 ? 57   ARG T CZ  1 
ATOM   632  N  NH1 . ARG B 2 57 ? 11.854  -3.241  8.025   1.00 34.49 ? 57   ARG T NH1 1 
ATOM   633  N  NH2 . ARG B 2 57 ? 11.039  -3.943  10.022  1.00 37.98 ? 57   ARG T NH2 1 
ATOM   634  N  N   . SER B 2 58 ? 10.892  4.971   7.612   1.00 40.80 ? 58   SER T N   1 
ATOM   635  C  CA  . SER B 2 58 ? 11.361  6.199   7.042   1.00 42.22 ? 58   SER T CA  1 
ATOM   636  C  C   . SER B 2 58 ? 11.101  7.397   7.999   1.00 43.20 ? 58   SER T C   1 
ATOM   637  O  O   . SER B 2 58 ? 11.975  8.171   8.278   1.00 43.17 ? 58   SER T O   1 
ATOM   638  C  CB  . SER B 2 58 ? 10.605  6.406   5.756   1.00 41.72 ? 58   SER T CB  1 
ATOM   639  O  OG  . SER B 2 58 ? 11.179  7.403   4.950   1.00 45.81 ? 58   SER T OG  1 
ATOM   640  N  N   . ILE B 2 59 ? 9.884   7.510   8.507   1.00 43.80 ? 59   ILE T N   1 
ATOM   641  C  CA  . ILE B 2 59 ? 9.557   8.544   9.470   1.00 44.01 ? 59   ILE T CA  1 
ATOM   642  C  C   . ILE B 2 59 ? 10.425  8.473   10.730  1.00 43.88 ? 59   ILE T C   1 
ATOM   643  O  O   . ILE B 2 59 ? 10.852  9.512   11.250  1.00 42.56 ? 59   ILE T O   1 
ATOM   644  C  CB  . ILE B 2 59 ? 8.033   8.505   9.863   1.00 43.53 ? 59   ILE T CB  1 
ATOM   645  C  CG1 . ILE B 2 59 ? 7.172   8.914   8.660   1.00 44.47 ? 59   ILE T CG1 1 
ATOM   646  C  CG2 . ILE B 2 59 ? 7.737   9.415   11.109  1.00 43.47 ? 59   ILE T CG2 1 
ATOM   647  C  CD1 . ILE B 2 59 ? 5.646   8.636   8.860   1.00 43.96 ? 59   ILE T CD1 1 
ATOM   648  N  N   . ILE B 2 60 ? 10.652  7.279   11.254  1.00 44.84 ? 60   ILE T N   1 
ATOM   649  C  CA  . ILE B 2 60 ? 11.348  7.161   12.552  1.00 46.41 ? 60   ILE T CA  1 
ATOM   650  C  C   . ILE B 2 60 ? 12.779  7.605   12.452  1.00 48.57 ? 60   ILE T C   1 
ATOM   651  O  O   . ILE B 2 60 ? 13.241  8.381   13.280  1.00 49.69 ? 60   ILE T O   1 
ATOM   652  C  CB  . ILE B 2 60 ? 11.313  5.745   13.146  1.00 46.59 ? 60   ILE T CB  1 
ATOM   653  C  CG1 . ILE B 2 60 ? 9.913   5.420   13.662  1.00 47.95 ? 60   ILE T CG1 1 
ATOM   654  C  CG2 . ILE B 2 60 ? 12.306  5.584   14.295  1.00 43.28 ? 60   ILE T CG2 1 
ATOM   655  C  CD1 . ILE B 2 60 ? 9.740   3.932   13.902  1.00 47.27 ? 60   ILE T CD1 1 
ATOM   656  N  N   . VAL B 2 61 ? 13.483  7.128   11.443  1.00 51.12 ? 61   VAL T N   1 
ATOM   657  C  CA  . VAL B 2 61 ? 14.874  7.528   11.220  1.00 54.16 ? 61   VAL T CA  1 
ATOM   658  C  C   . VAL B 2 61 ? 15.024  8.955   10.749  1.00 55.41 ? 61   VAL T C   1 
ATOM   659  O  O   . VAL B 2 61 ? 16.108  9.485   10.790  1.00 54.90 ? 61   VAL T O   1 
ATOM   660  C  CB  . VAL B 2 61 ? 15.604  6.605   10.201  1.00 53.44 ? 61   VAL T CB  1 
ATOM   661  C  CG1 . VAL B 2 61 ? 15.543  5.147   10.713  1.00 53.62 ? 61   VAL T CG1 1 
ATOM   662  C  CG2 . VAL B 2 61 ? 15.020  6.782   8.801   1.00 50.70 ? 61   VAL T CG2 1 
HETATM 663  N  N   . MSE B 2 62 ? 13.940  9.574   10.320  1.00 58.39 ? 62   MSE T N   1 
HETATM 664  C  CA  . MSE B 2 62 ? 13.968  10.941  9.797   1.00 62.02 ? 62   MSE T CA  1 
HETATM 665  C  C   . MSE B 2 62 ? 13.592  12.010  10.810  1.00 61.99 ? 62   MSE T C   1 
HETATM 666  O  O   . MSE B 2 62 ? 13.550  13.173  10.458  1.00 61.28 ? 62   MSE T O   1 
HETATM 667  C  CB  . MSE B 2 62 ? 12.939  11.017  8.693   1.00 62.11 ? 62   MSE T CB  1 
HETATM 668  C  CG  . MSE B 2 62 ? 13.296  11.882  7.542   1.00 66.11 ? 62   MSE T CG  1 
HETATM 669  SE SE  . MSE B 2 62 ? 13.162  10.785  5.884   1.00 74.32 ? 62   MSE T SE  1 
HETATM 670  C  CE  . MSE B 2 62 ? 11.190  10.349  5.852   1.00 72.25 ? 62   MSE T CE  1 
ATOM   671  N  N   . LYS B 2 63 ? 13.270  11.600  12.040  1.00 63.53 ? 63   LYS T N   1 
ATOM   672  C  CA  . LYS B 2 63 ? 12.831  12.501  13.105  1.00 64.92 ? 63   LYS T CA  1 
ATOM   673  C  C   . LYS B 2 63 ? 13.866  13.602  13.479  1.00 65.59 ? 63   LYS T C   1 
ATOM   674  O  O   . LYS B 2 63 ? 13.481  14.676  13.947  1.00 65.65 ? 63   LYS T O   1 
ATOM   675  C  CB  . LYS B 2 63 ? 12.453  11.701  14.377  1.00 65.27 ? 63   LYS T CB  1 
ATOM   676  C  CG  . LYS B 2 63 ? 11.008  11.084  14.397  1.00 66.43 ? 63   LYS T CG  1 
ATOM   677  C  CD  . LYS B 2 63 ? 10.685  10.512  15.801  1.00 66.60 ? 63   LYS T CD  1 
ATOM   678  C  CE  . LYS B 2 63 ? 9.679   9.320   15.814  1.00 67.34 ? 63   LYS T CE  1 
ATOM   679  N  NZ  . LYS B 2 63 ? 10.008  8.381   16.988  1.00 67.20 ? 63   LYS T NZ  1 
ATOM   680  N  N   . ARG B 2 64 ? 15.161  13.353  13.283  1.00 66.22 ? 64   ARG T N   1 
ATOM   681  C  CA  . ARG B 2 64 ? 16.162  14.398  13.556  1.00 66.92 ? 64   ARG T CA  1 
ATOM   682  C  C   . ARG B 2 64 ? 16.190  15.487  12.462  1.00 66.60 ? 64   ARG T C   1 
ATOM   683  O  O   . ARG B 2 64 ? 16.620  16.604  12.713  1.00 66.59 ? 64   ARG T O   1 
ATOM   684  C  CB  . ARG B 2 64 ? 17.579  13.803  13.776  1.00 66.88 ? 64   ARG T CB  1 
ATOM   685  C  CG  . ARG B 2 64 ? 17.729  12.882  15.014  1.00 67.66 ? 64   ARG T CG  1 
ATOM   686  C  CD  . ARG B 2 64 ? 19.125  12.134  15.077  1.00 68.59 ? 64   ARG T CD  1 
ATOM   687  N  NE  . ARG B 2 64 ? 19.055  10.675  14.791  1.00 69.16 ? 64   ARG T NE  1 
ATOM   688  C  CZ  . ARG B 2 64 ? 19.354  10.084  13.627  1.00 70.86 ? 64   ARG T CZ  1 
ATOM   689  N  NH1 . ARG B 2 64 ? 19.767  10.795  12.572  1.00 70.66 ? 64   ARG T NH1 1 
ATOM   690  N  NH2 . ARG B 2 64 ? 19.244  8.748   13.513  1.00 71.25 ? 64   ARG T NH2 1 
ATOM   691  N  N   . ASP B 2 65 ? 15.701  15.147  11.279  1.00 66.85 ? 65   ASP T N   1 
ATOM   692  C  CA  A ASP B 2 65 ? 15.865  15.996  10.104  0.50 67.02 ? 65   ASP T CA  1 
ATOM   693  C  CA  B ASP B 2 65 ? 15.822  15.970  10.067  0.50 67.07 ? 65   ASP T CA  1 
ATOM   694  C  C   . ASP B 2 65 ? 15.021  17.268  10.227  1.00 67.38 ? 65   ASP T C   1 
ATOM   695  O  O   . ASP B 2 65 ? 13.796  17.251  10.255  1.00 66.43 ? 65   ASP T O   1 
ATOM   696  C  CB  A ASP B 2 65 ? 15.579  15.210  8.821   0.50 66.84 ? 65   ASP T CB  1 
ATOM   697  C  CB  B ASP B 2 65 ? 15.332  15.153  8.851   0.50 66.94 ? 65   ASP T CB  1 
ATOM   698  C  CG  A ASP B 2 65 ? 16.495  13.998  8.668   0.50 66.73 ? 65   ASP T CG  1 
ATOM   699  C  CG  B ASP B 2 65 ? 15.766  15.731  7.513   0.50 67.07 ? 65   ASP T CG  1 
ATOM   700  O  OD1 A ASP B 2 65 ? 17.305  13.718  9.582   0.50 65.84 ? 65   ASP T OD1 1 
ATOM   701  O  OD1 B ASP B 2 65 ? 16.912  16.223  7.389   0.50 67.94 ? 65   ASP T OD1 1 
ATOM   702  O  OD2 A ASP B 2 65 ? 16.411  13.312  7.635   0.50 68.06 ? 65   ASP T OD2 1 
ATOM   703  O  OD2 B ASP B 2 65 ? 14.957  15.657  6.560   0.50 67.18 ? 65   ASP T OD2 1 
ATOM   704  N  N   . GLU B 2 66 ? 15.730  18.378  10.331  1.00 68.83 ? 66   GLU T N   1 
ATOM   705  C  CA  . GLU B 2 66 ? 15.156  19.639  10.713  1.00 70.81 ? 66   GLU T CA  1 
ATOM   706  C  C   . GLU B 2 66 ? 14.141  20.199  9.702   1.00 71.24 ? 66   GLU T C   1 
ATOM   707  O  O   . GLU B 2 66 ? 13.302  21.013  10.059  1.00 71.54 ? 66   GLU T O   1 
ATOM   708  C  CB  . GLU B 2 66 ? 16.283  20.642  11.035  1.00 71.14 ? 66   GLU T CB  1 
ATOM   709  C  CG  . GLU B 2 66 ? 17.293  20.182  12.143  1.00 72.11 ? 66   GLU T CG  1 
ATOM   710  C  CD  . GLU B 2 66 ? 17.029  20.762  13.562  1.00 74.78 ? 66   GLU T CD  1 
ATOM   711  O  OE1 . GLU B 2 66 ? 16.181  21.672  13.750  1.00 74.42 ? 66   GLU T OE1 1 
ATOM   712  O  OE2 . GLU B 2 66 ? 17.709  20.308  14.515  1.00 76.17 ? 66   GLU T OE2 1 
ATOM   713  N  N   . ASN B 2 67 ? 14.163  19.774  8.450   1.00 72.32 ? 67   ASN T N   1 
ATOM   714  C  CA  . ASN B 2 67 ? 13.033  20.155  7.583   1.00 72.92 ? 67   ASN T CA  1 
ATOM   715  C  C   . ASN B 2 67 ? 11.769  19.309  7.873   1.00 73.24 ? 67   ASN T C   1 
ATOM   716  O  O   . ASN B 2 67 ? 10.717  19.847  8.266   1.00 73.19 ? 67   ASN T O   1 
ATOM   717  C  CB  . ASN B 2 67 ? 13.409  20.155  6.075   1.00 73.32 ? 67   ASN T CB  1 
ATOM   718  C  CG  . ASN B 2 67 ? 13.615  18.751  5.484   1.00 75.06 ? 67   ASN T CG  1 
ATOM   719  O  OD1 . ASN B 2 67 ? 13.079  17.749  5.970   1.00 77.12 ? 67   ASN T OD1 1 
ATOM   720  N  ND2 . ASN B 2 67 ? 14.386  18.685  4.402   1.00 76.33 ? 67   ASN T ND2 1 
ATOM   721  N  N   . GLU B 2 68 ? 11.937  17.986  7.751   1.00 73.09 ? 68   GLU T N   1 
ATOM   722  C  CA  . GLU B 2 68 ? 10.869  17.016  7.462   1.00 72.88 ? 68   GLU T CA  1 
ATOM   723  C  C   . GLU B 2 68 ? 9.601   17.207  8.284   1.00 72.11 ? 68   GLU T C   1 
ATOM   724  O  O   . GLU B 2 68 ? 9.645   17.471  9.493   1.00 72.01 ? 68   GLU T O   1 
ATOM   725  C  CB  . GLU B 2 68 ? 11.408  15.583  7.662   1.00 72.80 ? 68   GLU T CB  1 
ATOM   726  C  CG  . GLU B 2 68 ? 10.422  14.439  7.329   1.00 73.48 ? 68   GLU T CG  1 
ATOM   727  C  CD  . GLU B 2 68 ? 10.387  13.307  8.388   1.00 74.25 ? 68   GLU T CD  1 
ATOM   728  O  OE1 . GLU B 2 68 ? 10.718  13.567  9.578   1.00 74.92 ? 68   GLU T OE1 1 
ATOM   729  O  OE2 . GLU B 2 68 ? 10.030  12.148  8.020   1.00 75.05 ? 68   GLU T OE2 1 
ATOM   730  N  N   . ASP B 2 69 ? 8.466   17.025  7.617   1.00 71.19 ? 69   ASP T N   1 
ATOM   731  C  CA  . ASP B 2 69 ? 7.169   17.170  8.255   1.00 70.07 ? 69   ASP T CA  1 
ATOM   732  C  C   . ASP B 2 69 ? 6.690   15.852  8.865   1.00 69.43 ? 69   ASP T C   1 
ATOM   733  O  O   . ASP B 2 69 ? 5.792   15.241  8.350   1.00 69.45 ? 69   ASP T O   1 
ATOM   734  C  CB  . ASP B 2 69 ? 6.182   17.696  7.207   1.00 69.72 ? 69   ASP T CB  1 
ATOM   735  C  CG  . ASP B 2 69 ? 4.831   18.026  7.790   1.00 68.58 ? 69   ASP T CG  1 
ATOM   736  O  OD1 . ASP B 2 69 ? 4.673   17.865  9.017   1.00 63.45 ? 69   ASP T OD1 1 
ATOM   737  O  OD2 . ASP B 2 69 ? 3.936   18.435  7.012   1.00 67.07 ? 69   ASP T OD2 1 
ATOM   738  N  N   . VAL B 2 70 ? 7.281   15.411  9.963   1.00 69.43 ? 70   VAL T N   1 
ATOM   739  C  CA  . VAL B 2 70 ? 6.890   14.117  10.576  1.00 69.58 ? 70   VAL T CA  1 
ATOM   740  C  C   . VAL B 2 70 ? 5.359   13.996  10.713  1.00 69.90 ? 70   VAL T C   1 
ATOM   741  O  O   . VAL B 2 70 ? 4.727   13.170  10.028  1.00 69.94 ? 70   VAL T O   1 
ATOM   742  C  CB  . VAL B 2 70 ? 7.531   13.912  11.973  1.00 69.56 ? 70   VAL T CB  1 
ATOM   743  C  CG1 . VAL B 2 70 ? 6.864   12.775  12.721  1.00 69.13 ? 70   VAL T CG1 1 
ATOM   744  C  CG2 . VAL B 2 70 ? 9.012   13.660  11.844  1.00 69.12 ? 70   VAL T CG2 1 
ATOM   745  N  N   . SER B 2 71 ? 4.771   14.835  11.575  1.00 69.53 ? 71   SER T N   1 
ATOM   746  C  CA  . SER B 2 71 ? 3.322   14.818  11.859  1.00 68.77 ? 71   SER T CA  1 
ATOM   747  C  C   . SER B 2 71 ? 2.436   14.864  10.618  1.00 67.87 ? 71   SER T C   1 
ATOM   748  O  O   . SER B 2 71 ? 1.402   14.202  10.597  1.00 67.82 ? 71   SER T O   1 
ATOM   749  C  CB  . SER B 2 71 ? 2.944   15.947  12.823  1.00 69.11 ? 71   SER T CB  1 
ATOM   750  O  OG  . SER B 2 71 ? 4.066   16.300  13.626  1.00 70.42 ? 71   SER T OG  1 
ATOM   751  N  N   . GLY B 2 72 ? 2.832   15.615  9.593   1.00 66.90 ? 72   GLY T N   1 
ATOM   752  C  CA  . GLY B 2 72 ? 2.113   15.588  8.293   1.00 66.59 ? 72   GLY T CA  1 
ATOM   753  C  C   . GLY B 2 72 ? 2.282   14.296  7.468   1.00 66.19 ? 72   GLY T C   1 
ATOM   754  O  O   . GLY B 2 72 ? 1.497   13.978  6.562   1.00 65.83 ? 72   GLY T O   1 
ATOM   755  N  N   . ARG B 2 73 ? 3.331   13.554  7.788   1.00 65.54 ? 73   ARG T N   1 
ATOM   756  C  CA  . ARG B 2 73 ? 3.677   12.340  7.078   1.00 64.87 ? 73   ARG T CA  1 
ATOM   757  C  C   . ARG B 2 73 ? 3.073   11.158  7.786   1.00 62.78 ? 73   ARG T C   1 
ATOM   758  O  O   . ARG B 2 73 ? 2.530   10.285  7.136   1.00 63.31 ? 73   ARG T O   1 
ATOM   759  C  CB  . ARG B 2 73 ? 5.199   12.188  6.965   1.00 64.63 ? 73   ARG T CB  1 
ATOM   760  C  CG  . ARG B 2 73 ? 5.688   12.799  5.695   1.00 65.22 ? 73   ARG T CG  1 
ATOM   761  C  CD  . ARG B 2 73 ? 7.195   12.781  5.585   1.00 65.36 ? 73   ARG T CD  1 
ATOM   762  N  NE  . ARG B 2 73 ? 7.611   13.350  4.302   1.00 64.68 ? 73   ARG T NE  1 
ATOM   763  C  CZ  . ARG B 2 73 ? 8.825   13.237  3.791   1.00 66.40 ? 73   ARG T CZ  1 
ATOM   764  N  NH1 . ARG B 2 73 ? 9.775   12.560  4.439   1.00 66.30 ? 73   ARG T NH1 1 
ATOM   765  N  NH2 . ARG B 2 73 ? 9.081   13.798  2.616   1.00 67.71 ? 73   ARG T NH2 1 
ATOM   766  N  N   . GLU B 2 74 ? 3.145   11.134  9.103   1.00 60.36 ? 74   GLU T N   1 
ATOM   767  C  CA  . GLU B 2 74 ? 2.530   10.054  9.808   1.00 59.70 ? 74   GLU T CA  1 
ATOM   768  C  C   . GLU B 2 74 ? 1.017   10.102  9.707   1.00 58.44 ? 74   GLU T C   1 
ATOM   769  O  O   . GLU B 2 74 ? 0.343   9.067   9.866   1.00 57.58 ? 74   GLU T O   1 
ATOM   770  C  CB  . GLU B 2 74 ? 3.001   9.935   11.253  1.00 59.90 ? 74   GLU T CB  1 
ATOM   771  C  CG  . GLU B 2 74 ? 2.999   11.136  12.128  1.00 60.78 ? 74   GLU T CG  1 
ATOM   772  C  CD  . GLU B 2 74 ? 3.903   10.936  13.361  1.00 61.47 ? 74   GLU T CD  1 
ATOM   773  O  OE1 . GLU B 2 74 ? 4.595   9.891   13.479  1.00 60.66 ? 74   GLU T OE1 1 
ATOM   774  O  OE2 . GLU B 2 74 ? 3.936   11.841  14.221  1.00 66.78 ? 74   GLU T OE2 1 
ATOM   775  N  N   . ALA B 2 75 ? 0.488   11.289  9.399   1.00 56.32 ? 75   ALA T N   1 
ATOM   776  C  CA  . ALA B 2 75 ? -0.929  11.426  9.162   1.00 54.36 ? 75   ALA T CA  1 
ATOM   777  C  C   . ALA B 2 75 ? -1.281  10.776  7.847   1.00 51.74 ? 75   ALA T C   1 
ATOM   778  O  O   . ALA B 2 75 ? -2.357  10.162  7.718   1.00 51.14 ? 75   ALA T O   1 
ATOM   779  C  CB  . ALA B 2 75 ? -1.370  12.908  9.197   1.00 54.38 ? 75   ALA T CB  1 
ATOM   780  N  N   . GLN B 2 76 ? -0.385  10.878  6.874   1.00 48.92 ? 76   GLN T N   1 
ATOM   781  C  CA  . GLN B 2 76 ? -0.619  10.201  5.590   1.00 47.21 ? 76   GLN T CA  1 
ATOM   782  C  C   . GLN B 2 76 ? -0.492  8.665   5.677   1.00 46.11 ? 76   GLN T C   1 
ATOM   783  O  O   . GLN B 2 76 ? -1.042  7.954   4.842   1.00 45.73 ? 76   GLN T O   1 
ATOM   784  C  CB  . GLN B 2 76 ? 0.361   10.645  4.522   1.00 48.00 ? 76   GLN T CB  1 
ATOM   785  C  CG  . GLN B 2 76 ? 0.455   12.098  4.259   1.00 47.66 ? 76   GLN T CG  1 
ATOM   786  C  CD  . GLN B 2 76 ? 1.274   12.365  3.038   1.00 47.05 ? 76   GLN T CD  1 
ATOM   787  O  OE1 . GLN B 2 76 ? 0.750   12.412  1.935   1.00 44.49 ? 76   GLN T OE1 1 
ATOM   788  N  NE2 . GLN B 2 76 ? 2.576   12.516  3.220   1.00 49.36 ? 76   GLN T NE2 1 
ATOM   789  N  N   . VAL B 2 77 ? 0.248   8.174   6.657   1.00 44.23 ? 77   VAL T N   1 
ATOM   790  C  CA  . VAL B 2 77 ? 0.434   6.744   6.839   1.00 44.17 ? 77   VAL T CA  1 
ATOM   791  C  C   . VAL B 2 77 ? -0.760  6.158   7.591   1.00 43.56 ? 77   VAL T C   1 
ATOM   792  O  O   . VAL B 2 77 ? -1.260  5.077   7.234   1.00 41.77 ? 77   VAL T O   1 
ATOM   793  C  CB  . VAL B 2 77 ? 1.760   6.448   7.567   1.00 43.76 ? 77   VAL T CB  1 
ATOM   794  C  CG1 . VAL B 2 77 ? 1.844   4.994   7.994   1.00 44.77 ? 77   VAL T CG1 1 
ATOM   795  C  CG2 . VAL B 2 77 ? 2.922   6.847   6.682   1.00 41.60 ? 77   VAL T CG2 1 
ATOM   796  N  N   . LYS B 2 78 ? -1.212  6.876   8.616   1.00 42.89 ? 78   LYS T N   1 
ATOM   797  C  CA  . LYS B 2 78 ? -2.483  6.574   9.265   1.00 43.28 ? 78   LYS T CA  1 
ATOM   798  C  C   . LYS B 2 78 ? -3.601  6.388   8.257   1.00 42.90 ? 78   LYS T C   1 
ATOM   799  O  O   . LYS B 2 78 ? -4.320  5.364   8.294   1.00 43.25 ? 78   LYS T O   1 
ATOM   800  C  CB  . LYS B 2 78 ? -2.903  7.649   10.233  1.00 43.55 ? 78   LYS T CB  1 
ATOM   801  C  CG  . LYS B 2 78 ? -4.176  7.246   10.957  1.00 45.66 ? 78   LYS T CG  1 
ATOM   802  C  CD  . LYS B 2 78 ? -4.642  8.202   12.067  1.00 46.04 ? 78   LYS T CD  1 
ATOM   803  C  CE  . LYS B 2 78 ? -5.550  7.444   13.072  1.00 47.76 ? 78   LYS T CE  1 
ATOM   804  N  NZ  . LYS B 2 78 ? -5.842  8.208   14.345  1.00 51.11 ? 78   LYS T NZ  1 
ATOM   805  N  N   . ASN B 2 79 ? -3.740  7.354   7.355   1.00 41.89 ? 79   ASN T N   1 
ATOM   806  C  CA  . ASN B 2 79 ? -4.761  7.282   6.304   1.00 41.35 ? 79   ASN T CA  1 
ATOM   807  C  C   . ASN B 2 79 ? -4.652  6.044   5.449   1.00 40.20 ? 79   ASN T C   1 
ATOM   808  O  O   . ASN B 2 79 ? -5.661  5.454   5.120   1.00 41.13 ? 79   ASN T O   1 
ATOM   809  C  CB  . ASN B 2 79 ? -4.730  8.507   5.398   1.00 40.93 ? 79   ASN T CB  1 
ATOM   810  C  CG  . ASN B 2 79 ? -5.719  8.416   4.273   1.00 42.09 ? 79   ASN T CG  1 
ATOM   811  O  OD1 . ASN B 2 79 ? -5.367  8.117   3.127   1.00 44.63 ? 79   ASN T OD1 1 
ATOM   812  N  ND2 . ASN B 2 79 ? -6.975  8.707   4.579   1.00 41.05 ? 79   ASN T ND2 1 
ATOM   813  N  N   . ILE B 2 80 ? -3.432  5.676   5.067   1.00 38.83 ? 80   ILE T N   1 
ATOM   814  C  CA  . ILE B 2 80 ? -3.184  4.490   4.275   1.00 36.53 ? 80   ILE T CA  1 
ATOM   815  C  C   . ILE B 2 80 ? -3.459  3.192   5.020   1.00 35.23 ? 80   ILE T C   1 
ATOM   816  O  O   . ILE B 2 80 ? -3.926  2.242   4.429   1.00 33.41 ? 80   ILE T O   1 
ATOM   817  C  CB  . ILE B 2 80 ? -1.718  4.468   3.780   1.00 37.80 ? 80   ILE T CB  1 
ATOM   818  C  CG1 . ILE B 2 80 ? -1.551  5.344   2.497   1.00 38.07 ? 80   ILE T CG1 1 
ATOM   819  C  CG2 . ILE B 2 80 ? -1.257  3.012   3.499   1.00 37.07 ? 80   ILE T CG2 1 
ATOM   820  C  CD1 . ILE B 2 80 ? -0.059  5.407   1.998   1.00 35.89 ? 80   ILE T CD1 1 
ATOM   821  N  N   . LYS B 2 81 ? -3.109  3.135   6.299   1.00 34.68 ? 81   LYS T N   1 
ATOM   822  C  CA  . LYS B 2 81 ? -3.508  2.031   7.170   1.00 35.59 ? 81   LYS T CA  1 
ATOM   823  C  C   . LYS B 2 81 ? -5.042  1.867   7.230   1.00 34.44 ? 81   LYS T C   1 
ATOM   824  O  O   . LYS B 2 81 ? -5.561  0.747   7.137   1.00 34.57 ? 81   LYS T O   1 
ATOM   825  C  CB  . LYS B 2 81 ? -2.963  2.195   8.583   1.00 35.66 ? 81   LYS T CB  1 
ATOM   826  C  CG  . LYS B 2 81 ? -1.431  2.215   8.710   1.00 37.81 ? 81   LYS T CG  1 
ATOM   827  C  CD  . LYS B 2 81 ? -0.928  1.944   10.201  1.00 39.19 ? 81   LYS T CD  1 
ATOM   828  C  CE  . LYS B 2 81 ? 0.532   2.434   10.472  1.00 42.47 ? 81   LYS T CE  1 
ATOM   829  N  NZ  . LYS B 2 81 ? 1.133   1.959   11.816  1.00 43.19 ? 81   LYS T NZ  1 
ATOM   830  N  N   . GLN B 2 82 ? -5.758  2.982   7.331   1.00 34.11 ? 82   GLN T N   1 
ATOM   831  C  CA  . GLN B 2 82 ? -7.223  2.951   7.359   1.00 34.31 ? 82   GLN T CA  1 
ATOM   832  C  C   . GLN B 2 82 ? -7.807  2.396   6.048   1.00 32.71 ? 82   GLN T C   1 
ATOM   833  O  O   . GLN B 2 82 ? -8.691  1.518   6.075   1.00 31.98 ? 82   GLN T O   1 
ATOM   834  C  CB  . GLN B 2 82 ? -7.801  4.344   7.662   1.00 33.16 ? 82   GLN T CB  1 
ATOM   835  C  CG  . GLN B 2 82 ? -7.778  4.620   9.078   1.00 35.89 ? 82   GLN T CG  1 
ATOM   836  C  CD  . GLN B 2 82 ? -7.712  6.104   9.458   1.00 37.78 ? 82   GLN T CD  1 
ATOM   837  O  OE1 . GLN B 2 82 ? -7.562  7.039   8.620   1.00 41.96 ? 82   GLN T OE1 1 
ATOM   838  N  NE2 . GLN B 2 82 ? -7.785  6.316   10.741  1.00 40.98 ? 82   GLN T NE2 1 
ATOM   839  N  N   . GLN B 2 83 ? -7.297  2.908   4.938   1.00 30.94 ? 83   GLN T N   1 
ATOM   840  C  CA  . GLN B 2 83 ? -7.622  2.395   3.604   1.00 32.15 ? 83   GLN T CA  1 
ATOM   841  C  C   . GLN B 2 83 ? -7.354  0.869   3.364   1.00 31.26 ? 83   GLN T C   1 
ATOM   842  O  O   . GLN B 2 83 ? -8.195  0.170   2.812   1.00 30.89 ? 83   GLN T O   1 
ATOM   843  C  CB  . GLN B 2 83 ? -6.868  3.205   2.545   1.00 30.54 ? 83   GLN T CB  1 
ATOM   844  C  CG  . GLN B 2 83 ? -7.307  2.809   1.143   1.00 33.13 ? 83   GLN T CG  1 
ATOM   845  C  CD  . GLN B 2 83 ? -6.666  3.636   0.027   1.00 33.71 ? 83   GLN T CD  1 
ATOM   846  O  OE1 . GLN B 2 83 ? -5.807  4.491   0.279   1.00 35.69 ? 83   GLN T OE1 1 
ATOM   847  N  NE2 . GLN B 2 83 ? -7.109  3.396   -1.213  1.00 36.33 ? 83   GLN T NE2 1 
ATOM   848  N  N   . LEU B 2 84 ? -6.162  0.401   3.703   1.00 32.12 ? 84   LEU T N   1 
ATOM   849  C  CA  . LEU B 2 84 ? -5.822  -1.032  3.735   1.00 32.91 ? 84   LEU T CA  1 
ATOM   850  C  C   . LEU B 2 84 ? -6.758  -1.807  4.624   1.00 33.95 ? 84   LEU T C   1 
ATOM   851  O  O   . LEU B 2 84 ? -7.219  -2.862  4.240   1.00 34.26 ? 84   LEU T O   1 
ATOM   852  C  CB  . LEU B 2 84 ? -4.410  -1.293  4.307   1.00 33.02 ? 84   LEU T CB  1 
ATOM   853  C  CG  . LEU B 2 84 ? -3.930  -2.764  4.377   1.00 33.97 ? 84   LEU T CG  1 
ATOM   854  C  CD1 . LEU B 2 84 ? -4.018  -3.467  2.971   1.00 31.22 ? 84   LEU T CD1 1 
ATOM   855  C  CD2 . LEU B 2 84 ? -2.464  -2.887  4.938   1.00 32.35 ? 84   LEU T CD2 1 
ATOM   856  N  N   . ASP B 2 85 ? -7.022  -1.301  5.825   1.00 34.92 ? 85   ASP T N   1 
ATOM   857  C  CA  . ASP B 2 85 ? -7.881  -2.029  6.738   1.00 35.50 ? 85   ASP T CA  1 
ATOM   858  C  C   . ASP B 2 85 ? -9.356  -2.062  6.258   1.00 35.40 ? 85   ASP T C   1 
ATOM   859  O  O   . ASP B 2 85 ? -10.015 -3.094  6.379   1.00 35.30 ? 85   ASP T O   1 
ATOM   860  C  CB  . ASP B 2 85 ? -7.754  -1.458  8.140   1.00 36.44 ? 85   ASP T CB  1 
ATOM   861  C  CG  . ASP B 2 85 ? -6.466  -1.922  8.865   1.00 41.03 ? 85   ASP T CG  1 
ATOM   862  O  OD1 . ASP B 2 85 ? -5.644  -2.675  8.291   1.00 43.23 ? 85   ASP T OD1 1 
ATOM   863  O  OD2 . ASP B 2 85 ? -6.298  -1.569  10.066  1.00 47.68 ? 85   ASP T OD2 1 
ATOM   864  N  N   . ALA B 2 86 ? -9.856  -0.967  5.699   1.00 34.38 ? 86   ALA T N   1 
ATOM   865  C  CA  . ALA B 2 86 ? -11.147 -0.977  5.056   1.00 34.13 ? 86   ALA T CA  1 
ATOM   866  C  C   . ALA B 2 86 ? -11.231 -2.065  4.001   1.00 34.82 ? 86   ALA T C   1 
ATOM   867  O  O   . ALA B 2 86 ? -12.217 -2.835  3.952   1.00 36.28 ? 86   ALA T O   1 
ATOM   868  C  CB  . ALA B 2 86 ? -11.441 0.341   4.439   1.00 33.07 ? 86   ALA T CB  1 
ATOM   869  N  N   . LEU B 2 87 ? -10.214 -2.153  3.154   1.00 34.27 ? 87   LEU T N   1 
ATOM   870  C  CA  . LEU B 2 87 ? -10.227 -3.114  2.079   1.00 32.91 ? 87   LEU T CA  1 
ATOM   871  C  C   . LEU B 2 87 ? -9.999  -4.550  2.548   1.00 33.63 ? 87   LEU T C   1 
ATOM   872  O  O   . LEU B 2 87 ? -10.425 -5.506  1.903   1.00 35.77 ? 87   LEU T O   1 
ATOM   873  C  CB  . LEU B 2 87 ? -9.157  -2.724  1.051   1.00 33.17 ? 87   LEU T CB  1 
ATOM   874  C  CG  . LEU B 2 87 ? -8.976  -3.539  -0.242  1.00 33.41 ? 87   LEU T CG  1 
ATOM   875  C  CD1 . LEU B 2 87 ? -10.223 -3.380  -1.161  1.00 30.15 ? 87   LEU T CD1 1 
ATOM   876  C  CD2 . LEU B 2 87 ? -7.681  -3.150  -0.904  1.00 28.09 ? 87   LEU T CD2 1 
ATOM   877  N  N   . LYS B 2 88 ? -9.283  -4.759  3.624   1.00 33.42 ? 88   LYS T N   1 
ATOM   878  C  CA  . LYS B 2 88 ? -9.084  -6.135  4.085   1.00 33.44 ? 88   LYS T CA  1 
ATOM   879  C  C   . LYS B 2 88 ? -10.415 -6.703  4.564   1.00 33.86 ? 88   LYS T C   1 
ATOM   880  O  O   . LYS B 2 88 ? -10.664 -7.892  4.481   1.00 32.71 ? 88   LYS T O   1 
ATOM   881  C  CB  . LYS B 2 88 ? -8.090  -6.191  5.217   1.00 32.85 ? 88   LYS T CB  1 
ATOM   882  C  CG  . LYS B 2 88 ? -6.646  -6.184  4.816   1.00 34.87 ? 88   LYS T CG  1 
ATOM   883  C  CD  . LYS B 2 88 ? -5.791  -5.997  6.070   1.00 34.56 ? 88   LYS T CD  1 
ATOM   884  C  CE  . LYS B 2 88 ? -4.312  -6.289  5.794   1.00 38.59 ? 88   LYS T CE  1 
ATOM   885  N  NZ  . LYS B 2 88 ? -3.414  -6.200  7.059   1.00 38.13 ? 88   LYS T NZ  1 
ATOM   886  N  N   . LEU B 2 89 ? -11.238 -5.815  5.107   1.00 34.39 ? 89   LEU T N   1 
ATOM   887  C  CA  . LEU B 2 89 ? -12.557 -6.121  5.531   1.00 34.65 ? 89   LEU T CA  1 
ATOM   888  C  C   . LEU B 2 89 ? -13.424 -6.472  4.324   1.00 35.25 ? 89   LEU T C   1 
ATOM   889  O  O   . LEU B 2 89 ? -14.066 -7.533  4.336   1.00 35.41 ? 89   LEU T O   1 
ATOM   890  C  CB  . LEU B 2 89 ? -13.095 -4.910  6.311   1.00 35.95 ? 89   LEU T CB  1 
ATOM   891  C  CG  . LEU B 2 89 ? -14.087 -4.929  7.481   1.00 35.45 ? 89   LEU T CG  1 
ATOM   892  C  CD1 . LEU B 2 89 ? -14.154 -6.334  8.104   1.00 35.42 ? 89   LEU T CD1 1 
ATOM   893  C  CD2 . LEU B 2 89 ? -13.665 -3.775  8.503   1.00 34.19 ? 89   LEU T CD2 1 
ATOM   894  N  N   . ARG B 2 90 ? -13.418 -5.645  3.273   1.00 35.21 ? 90   ARG T N   1 
ATOM   895  C  CA  . ARG B 2 90 ? -14.230 -5.963  2.080   1.00 36.01 ? 90   ARG T CA  1 
ATOM   896  C  C   . ARG B 2 90 ? -13.907 -7.313  1.545   1.00 36.16 ? 90   ARG T C   1 
ATOM   897  O  O   . ARG B 2 90 ? -14.808 -8.059  1.170   1.00 36.77 ? 90   ARG T O   1 
ATOM   898  C  CB  . ARG B 2 90 ? -13.976 -5.043  0.894   1.00 35.37 ? 90   ARG T CB  1 
ATOM   899  C  CG  . ARG B 2 90 ? -14.495 -3.682  1.007   1.00 36.51 ? 90   ARG T CG  1 
ATOM   900  C  CD  . ARG B 2 90 ? -14.499 -2.985  -0.374  1.00 36.34 ? 90   ARG T CD  1 
ATOM   901  N  NE  . ARG B 2 90 ? -15.683 -3.282  -1.197  1.00 36.04 ? 90   ARG T NE  1 
ATOM   902  C  CZ  . ARG B 2 90 ? -15.803 -2.921  -2.472  1.00 36.06 ? 90   ARG T CZ  1 
ATOM   903  N  NH1 . ARG B 2 90 ? -14.831 -2.269  -3.077  1.00 39.12 ? 90   ARG T NH1 1 
ATOM   904  N  NH2 . ARG B 2 90 ? -16.853 -3.260  -3.158  1.00 37.14 ? 90   ARG T NH2 1 
ATOM   905  N  N   . PHE B 2 91 ? -12.604 -7.550  1.402   1.00 36.99 ? 91   PHE T N   1 
ATOM   906  C  CA  . PHE B 2 91 ? -12.067 -8.832  0.952   1.00 37.44 ? 91   PHE T CA  1 
ATOM   907  C  C   . PHE B 2 91 ? -12.520 -10.006 1.843   1.00 36.71 ? 91   PHE T C   1 
ATOM   908  O  O   . PHE B 2 91 ? -12.999 -10.967 1.333   1.00 36.79 ? 91   PHE T O   1 
ATOM   909  C  CB  . PHE B 2 91 ? -10.542 -8.783  0.898   1.00 38.96 ? 91   PHE T CB  1 
ATOM   910  C  CG  . PHE B 2 91 ? -9.919  -9.989  0.268   1.00 39.54 ? 91   PHE T CG  1 
ATOM   911  C  CD1 . PHE B 2 91 ? -9.919  -10.140 -1.095  1.00 40.60 ? 91   PHE T CD1 1 
ATOM   912  C  CD2 . PHE B 2 91 ? -9.347  -10.985 1.045   1.00 44.41 ? 91   PHE T CD2 1 
ATOM   913  C  CE1 . PHE B 2 91 ? -9.343  -11.223 -1.701  1.00 40.59 ? 91   PHE T CE1 1 
ATOM   914  C  CE2 . PHE B 2 91 ? -8.765  -12.131 0.430   1.00 45.12 ? 91   PHE T CE2 1 
ATOM   915  C  CZ  . PHE B 2 91 ? -8.768  -12.235 -0.958  1.00 42.40 ? 91   PHE T CZ  1 
ATOM   916  N  N   . ASP B 2 92 ? -12.347 -9.922  3.156   1.00 36.17 ? 92   ASP T N   1 
ATOM   917  C  CA  . ASP B 2 92 ? -12.789 -10.959 4.054   1.00 37.00 ? 92   ASP T CA  1 
ATOM   918  C  C   . ASP B 2 92 ? -14.320 -11.204 3.985   1.00 37.40 ? 92   ASP T C   1 
ATOM   919  O  O   . ASP B 2 92 ? -14.750 -12.341 3.874   1.00 35.59 ? 92   ASP T O   1 
ATOM   920  C  CB  . ASP B 2 92 ? -12.430 -10.609 5.480   1.00 36.85 ? 92   ASP T CB  1 
ATOM   921  C  CG  . ASP B 2 92 ? -10.903 -10.558 5.725   1.00 39.66 ? 92   ASP T CG  1 
ATOM   922  O  OD1 . ASP B 2 92 ? -10.052 -11.024 4.909   1.00 41.75 ? 92   ASP T OD1 1 
ATOM   923  O  OD2 . ASP B 2 92 ? -10.561 -10.011 6.769   1.00 41.73 ? 92   ASP T OD2 1 
ATOM   924  N  N   . ARG B 2 93 ? -15.113 -10.130 4.054   1.00 38.24 ? 93   ARG T N   1 
ATOM   925  C  CA  . ARG B 2 93 ? -16.557 -10.220 3.885   1.00 39.51 ? 93   ARG T CA  1 
ATOM   926  C  C   . ARG B 2 93 ? -16.905 -10.949 2.610   1.00 40.14 ? 93   ARG T C   1 
ATOM   927  O  O   . ARG B 2 93 ? -17.721 -11.872 2.629   1.00 38.86 ? 93   ARG T O   1 
ATOM   928  C  CB  . ARG B 2 93 ? -17.216 -8.832  3.852   1.00 40.12 ? 93   ARG T CB  1 
ATOM   929  C  CG  . ARG B 2 93 ? -17.258 -8.155  5.203   1.00 39.20 ? 93   ARG T CG  1 
ATOM   930  C  CD  . ARG B 2 93 ? -17.725 -6.723  5.084   1.00 38.98 ? 93   ARG T CD  1 
ATOM   931  N  NE  . ARG B 2 93 ? -19.173 -6.628  5.032   1.00 39.58 ? 93   ARG T NE  1 
ATOM   932  C  CZ  . ARG B 2 93 ? -19.919 -6.525  3.925   1.00 39.64 ? 93   ARG T CZ  1 
ATOM   933  N  NH1 . ARG B 2 93 ? -19.369 -6.556  2.713   1.00 37.16 ? 93   ARG T NH1 1 
ATOM   934  N  NH2 . ARG B 2 93 ? -21.254 -6.443  4.039   1.00 38.94 ? 93   ARG T NH2 1 
ATOM   935  N  N   . ARG B 2 94 ? -16.265 -10.526 1.515   1.00 42.21 ? 94   ARG T N   1 
ATOM   936  C  CA  . ARG B 2 94 ? -16.486 -11.084 0.167   1.00 42.96 ? 94   ARG T CA  1 
ATOM   937  C  C   . ARG B 2 94 ? -16.210 -12.576 0.054   1.00 43.78 ? 94   ARG T C   1 
ATOM   938  O  O   . ARG B 2 94 ? -16.975 -13.300 -0.545  1.00 43.74 ? 94   ARG T O   1 
ATOM   939  C  CB  . ARG B 2 94 ? -15.619 -10.325 -0.849  1.00 43.97 ? 94   ARG T CB  1 
ATOM   940  C  CG  . ARG B 2 94 ? -15.905 -10.591 -2.334  1.00 43.60 ? 94   ARG T CG  1 
ATOM   941  C  CD  . ARG B 2 94 ? -14.563 -10.925 -2.994  1.00 48.23 ? 94   ARG T CD  1 
ATOM   942  N  NE  . ARG B 2 94 ? -14.372 -10.577 -4.414  1.00 48.01 ? 94   ARG T NE  1 
ATOM   943  C  CZ  . ARG B 2 94 ? -13.343 -11.007 -5.144  1.00 49.86 ? 94   ARG T CZ  1 
ATOM   944  N  NH1 . ARG B 2 94 ? -12.399 -11.772 -4.600  1.00 53.46 ? 94   ARG T NH1 1 
ATOM   945  N  NH2 . ARG B 2 94 ? -13.240 -10.688 -6.431  1.00 51.20 ? 94   ARG T NH2 1 
ATOM   946  N  N   . ILE B 2 95 ? -15.117 -13.041 0.620   1.00 45.04 ? 95   ILE T N   1 
ATOM   947  C  CA  . ILE B 2 95 ? -14.844 -14.491 0.719   1.00 46.51 ? 95   ILE T CA  1 
ATOM   948  C  C   . ILE B 2 95 ? -15.994 -15.337 1.356   1.00 48.09 ? 95   ILE T C   1 
ATOM   949  O  O   . ILE B 2 95 ? -16.216 -16.476 0.944   1.00 47.38 ? 95   ILE T O   1 
ATOM   950  C  CB  . ILE B 2 95 ? -13.503 -14.686 1.506   1.00 46.28 ? 95   ILE T CB  1 
ATOM   951  C  CG1 . ILE B 2 95 ? -12.311 -14.402 0.588   1.00 45.48 ? 95   ILE T CG1 1 
ATOM   952  C  CG2 . ILE B 2 95 ? -13.363 -16.079 2.150   1.00 45.40 ? 95   ILE T CG2 1 
ATOM   953  C  CD1 . ILE B 2 95 ? -11.007 -14.264 1.379   1.00 47.54 ? 95   ILE T CD1 1 
ATOM   954  N  N   . GLN B 2 96 ? -16.691 -14.796 2.371   1.00 49.65 ? 96   GLN T N   1 
ATOM   955  C  CA  . GLN B 2 96 ? -17.813 -15.502 3.010   1.00 51.86 ? 96   GLN T CA  1 
ATOM   956  C  C   . GLN B 2 96 ? -19.057 -15.543 2.147   1.00 53.23 ? 96   GLN T C   1 
ATOM   957  O  O   . GLN B 2 96 ? -20.014 -16.208 2.506   1.00 53.97 ? 96   GLN T O   1 
ATOM   958  C  CB  . GLN B 2 96 ? -18.158 -14.895 4.368   1.00 51.92 ? 96   GLN T CB  1 
ATOM   959  C  CG  . GLN B 2 96 ? -17.092 -15.195 5.409   1.00 53.52 ? 96   GLN T CG  1 
ATOM   960  C  CD  . GLN B 2 96 ? -17.549 -14.965 6.833   1.00 53.34 ? 96   GLN T CD  1 
ATOM   961  O  OE1 . GLN B 2 96 ? -17.814 -13.836 7.248   1.00 55.28 ? 96   GLN T OE1 1 
ATOM   962  N  NE2 . GLN B 2 96 ? -17.575 -16.029 7.612   1.00 57.54 ? 96   GLN T NE2 1 
ATOM   963  N  N   . GLU B 2 97 ? -19.027 -14.837 1.018   1.00 55.16 ? 97   GLU T N   1 
ATOM   964  C  CA  . GLU B 2 97 ? -20.083 -14.853 0.029   1.00 56.71 ? 97   GLU T CA  1 
ATOM   965  C  C   . GLU B 2 97 ? -19.580 -15.823 -1.054  1.00 59.73 ? 97   GLU T C   1 
ATOM   966  O  O   . GLU B 2 97 ? -18.374 -15.990 -1.246  1.00 59.44 ? 97   GLU T O   1 
ATOM   967  C  CB  . GLU B 2 97 ? -20.398 -13.421 -0.442  1.00 57.09 ? 97   GLU T CB  1 
ATOM   968  C  CG  . GLU B 2 97 ? -20.302 -12.348 0.708   1.00 56.91 ? 97   GLU T CG  1 
ATOM   969  C  CD  . GLU B 2 97 ? -21.149 -11.059 0.505   1.00 58.26 ? 97   GLU T CD  1 
ATOM   970  O  OE1 . GLU B 2 97 ? -21.760 -10.911 -0.565  1.00 63.93 ? 97   GLU T OE1 1 
ATOM   971  O  OE2 . GLU B 2 97 ? -21.208 -10.166 1.400   1.00 56.45 ? 97   GLU T OE2 1 
ATOM   972  N  N   . SER B 2 98 ? -20.516 -16.492 -1.721  1.00 63.59 ? 98   SER T N   1 
ATOM   973  C  CA  . SER B 2 98 ? -20.362 -17.943 -2.030  1.00 66.26 ? 98   SER T CA  1 
ATOM   974  C  C   . SER B 2 98 ? -19.083 -18.404 -2.734  1.00 68.24 ? 98   SER T C   1 
ATOM   975  O  O   . SER B 2 98 ? -18.043 -18.648 -2.092  1.00 68.21 ? 98   SER T O   1 
ATOM   976  C  CB  . SER B 2 98 ? -21.570 -18.514 -2.825  1.00 66.69 ? 98   SER T CB  1 
ATOM   977  O  OG  . SER B 2 98 ? -22.821 -18.323 -2.178  1.00 68.17 ? 98   SER T OG  1 
ATOM   978  N  N   . THR B 2 99 ? -19.190 -18.511 -4.065  1.00 70.30 ? 99   THR T N   1 
ATOM   979  C  CA  . THR B 2 99 ? -18.476 -19.529 -4.820  1.00 71.59 ? 99   THR T CA  1 
ATOM   980  C  C   . THR B 2 99 ? -18.862 -19.523 -6.313  1.00 72.19 ? 99   THR T C   1 
ATOM   981  O  O   . THR B 2 99 ? -19.044 -18.456 -6.928  1.00 73.02 ? 99   THR T O   1 
ATOM   982  C  CB  . THR B 2 99 ? -18.781 -20.929 -4.221  1.00 71.90 ? 99   THR T CB  1 
ATOM   983  O  OG1 . THR B 2 99 ? -17.843 -21.883 -4.740  1.00 73.25 ? 99   THR T OG1 1 
ATOM   984  C  CG2 . THR B 2 99 ? -20.250 -21.366 -4.517  1.00 72.40 ? 99   THR T CG2 1 
HETATM 985  S  S   . SO4 C 3 .  ? 7.394   -2.073  -10.917 1.00 62.38 ? 1031 SO4 P S   1 
HETATM 986  O  O1  . SO4 C 3 .  ? 6.156   -1.749  -10.175 1.00 61.97 ? 1031 SO4 P O1  1 
HETATM 987  O  O2  . SO4 C 3 .  ? 7.698   -3.513  -10.757 1.00 60.92 ? 1031 SO4 P O2  1 
HETATM 988  O  O3  . SO4 C 3 .  ? 8.537   -1.273  -10.498 1.00 60.53 ? 1031 SO4 P O3  1 
HETATM 989  O  O4  . SO4 C 3 .  ? 7.160   -1.700  -12.294 1.00 62.21 ? 1031 SO4 P O4  1 
HETATM 990  O  O   . HOH D 4 .  ? 0.005   2.108   -13.836 1.00 50.22 ? 2001 HOH P O   1 
HETATM 991  O  O   . HOH D 4 .  ? -0.262  0.810   -15.153 1.00 34.86 ? 2002 HOH P O   1 
HETATM 992  O  O   . HOH D 4 .  ? 19.964  4.382   2.305   1.00 44.68 ? 2003 HOH P O   1 
HETATM 993  O  O   . HOH D 4 .  ? 26.874  11.439  4.092   1.00 48.64 ? 2004 HOH P O   1 
HETATM 994  O  O   . HOH D 4 .  ? 5.862   -1.979  -14.244 1.00 63.36 ? 2005 HOH P O   1 
HETATM 995  O  O   . HOH E 4 .  ? -18.004 -7.258  -3.839  1.00 62.36 ? 2001 HOH T O   1 
HETATM 996  O  O   . HOH E 4 .  ? -11.460 -5.071  -15.098 1.00 56.96 ? 2002 HOH T O   1 
HETATM 997  O  O   . HOH E 4 .  ? -11.604 -7.188  -14.843 1.00 57.46 ? 2003 HOH T O   1 
HETATM 998  O  O   . HOH E 4 .  ? -17.171 -12.083 -12.831 1.00 45.36 ? 2004 HOH T O   1 
HETATM 999  O  O   . HOH E 4 .  ? 8.215   -6.293  0.774   1.00 31.14 ? 2005 HOH T O   1 
HETATM 1000 O  O   . HOH E 4 .  ? 17.014  11.776  11.883  1.00 46.10 ? 2006 HOH T O   1 
HETATM 1001 O  O   . HOH E 4 .  ? -2.426  8.639   3.195   1.00 40.39 ? 2007 HOH T O   1 
HETATM 1002 O  O   . HOH E 4 .  ? -7.753  10.254  6.958   1.00 36.71 ? 2008 HOH T O   1 
HETATM 1003 O  O   . HOH E 4 .  ? -10.072 0.643   0.898   1.00 36.41 ? 2009 HOH T O   1 
HETATM 1004 O  O   . HOH E 4 .  ? -9.370  1.460   -1.621  1.00 43.81 ? 2010 HOH T O   1 
HETATM 1005 O  O   . HOH E 4 .  ? -9.839  -4.999  8.371   1.00 43.97 ? 2011 HOH T O   1 
HETATM 1006 O  O   . HOH E 4 .  ? -2.170  -1.794  8.597   1.00 59.29 ? 2012 HOH T O   1 
HETATM 1007 O  O   . HOH E 4 .  ? -14.787 -1.809  4.105   1.00 29.05 ? 2013 HOH T O   1 
HETATM 1008 O  O   . HOH E 4 .  ? -17.236 -7.054  0.656   1.00 33.43 ? 2014 HOH T O   1 
HETATM 1009 O  O   . HOH E 4 .  ? -12.460 -11.967 -1.498  1.00 71.23 ? 2015 HOH T O   1 
HETATM 1010 O  O   . HOH E 4 .  ? -10.373 -7.991  8.994   1.00 51.23 ? 2016 HOH T O   1 
HETATM 1011 O  O   . HOH E 4 .  ? -19.992 -11.595 4.395   1.00 46.07 ? 2017 HOH T O   1 
HETATM 1012 O  O   . HOH E 4 .  ? -10.764 -12.990 -6.361  1.00 53.90 ? 2018 HOH T O   1 
# 
